data_5SWB
#
_entry.id   5SWB
#
_cell.length_a   104.180
_cell.length_b   110.600
_cell.length_c   105.840
_cell.angle_alpha   90.00
_cell.angle_beta   109.52
_cell.angle_gamma   90.00
#
_symmetry.space_group_name_H-M   'P 1 21 1'
#
loop_
_entity.id
_entity.type
_entity.pdbx_description
1 polymer 'Extracellular solute-binding protein'
2 branched alpha-D-mannopyranose-(1-3)-[alpha-D-mannopyranose-(1-6)]alpha-D-mannopyranose-(1-6)-[alpha-D-mannopyranose-(1-3)]beta-D-mannopyranose-(1-4)-2-acetamido-2-deoxy-beta-D-glucopyranose
3 branched alpha-D-mannopyranose-(1-3)-[alpha-D-mannopyranose-(1-5)]alpha-D-mannopyranose-(1-6)-[alpha-D-mannopyranose-(1-3)]beta-D-mannopyranose-(1-4)-2-acetamido-2-deoxy-beta-D-glucopyranose
4 non-polymer 'CADMIUM ION'
5 water water
#
_entity_poly.entity_id   1
_entity_poly.type   'polypeptide(L)'
_entity_poly.pdbx_seq_one_letter_code
;MGNLTGNSKKAADSGDKPVIKMYQIGDKPDNLDELLANANKIIEEKVGAKLDIQYLGWGDYGKKMSVITSSGENYDIAFA
DNYIVNAQKGAYADLTELYKKEGKDLYKALDPAYIKGNTVNGKIYAVPVAANVASSQNFAFNGTLLAKYGIDISGVTSYE
TLEPVLKQIKEKAPDVVPFAIGKVFIPSDNFDYPVANGLPFVIDLEGDTTKVVNRYEVPRFKEHLKTLHKFYEAGYIPKD
VATSDTSFDLQQDTWFVREETVGPADYGNSLLSRVANKDIQIKPITNFIKKNQTTQVANFVISNNSKNKEKSMEILNLLN
TNPELLNGLVYGPEGKNWEKIEGKENRVRVLDGYKGNTHMGGWNTGNNWILYINENVTDQQIENSKKELAEAKESPALGF
IFNTDNVKSEISAIANTMQQFDTAINTGTVDPDKAIPELMEKLKSEGAYEKVLNEMQKQYDEFLKNKKLEHHHHHH
;
_entity_poly.pdbx_strand_id   A,C,D,G
#
# COMPACT_ATOMS: atom_id res chain seq x y z
N LYS A 17 28.11 38.82 6.16
CA LYS A 17 28.68 37.46 5.94
C LYS A 17 27.81 36.74 4.90
N PRO A 18 28.28 36.67 3.61
CA PRO A 18 27.46 35.94 2.63
C PRO A 18 27.43 34.46 3.01
N VAL A 19 26.40 33.75 2.55
CA VAL A 19 26.26 32.36 2.82
C VAL A 19 26.88 31.66 1.60
N ILE A 20 27.83 30.75 1.84
CA ILE A 20 28.48 30.06 0.74
C ILE A 20 27.75 28.72 0.51
N LYS A 21 27.31 28.46 -0.72
CA LYS A 21 26.43 27.31 -0.96
C LYS A 21 27.28 26.13 -1.51
N MET A 22 27.36 25.04 -0.72
CA MET A 22 28.17 23.87 -1.08
C MET A 22 27.20 22.70 -1.32
N TYR A 23 27.40 21.96 -2.40
CA TYR A 23 26.69 20.71 -2.64
C TYR A 23 27.60 19.53 -2.29
N GLN A 24 27.06 18.54 -1.60
CA GLN A 24 27.79 17.33 -1.24
C GLN A 24 27.01 16.11 -1.66
N ILE A 25 27.75 15.03 -1.97
CA ILE A 25 27.14 13.79 -2.32
C ILE A 25 26.73 13.02 -1.01
N GLY A 26 25.72 12.17 -1.17
CA GLY A 26 25.26 11.25 -0.12
C GLY A 26 24.22 11.83 0.81
N ASP A 27 24.03 11.18 1.93
CA ASP A 27 22.95 11.59 2.81
C ASP A 27 23.37 12.55 3.96
N LYS A 28 22.55 13.55 4.26
CA LYS A 28 22.73 14.60 5.30
C LYS A 28 22.95 13.87 6.69
N PRO A 29 23.99 14.24 7.46
CA PRO A 29 24.01 13.81 8.86
C PRO A 29 22.73 14.28 9.59
N ASP A 30 22.24 13.43 10.47
CA ASP A 30 21.14 13.80 11.42
C ASP A 30 21.37 15.06 12.24
N ASN A 31 22.64 15.43 12.50
CA ASN A 31 22.97 16.63 13.27
C ASN A 31 23.71 17.65 12.43
N LEU A 32 23.40 17.72 11.14
CA LEU A 32 24.05 18.73 10.30
C LEU A 32 24.03 20.16 10.84
N ASP A 33 22.88 20.59 11.38
CA ASP A 33 22.86 21.96 11.91
C ASP A 33 23.88 22.20 12.99
N GLU A 34 24.00 21.24 13.92
CA GLU A 34 25.03 21.28 14.94
C GLU A 34 26.47 21.29 14.33
N LEU A 35 26.77 20.33 13.46
CA LEU A 35 28.04 20.29 12.76
C LEU A 35 28.40 21.64 12.15
N LEU A 36 27.45 22.23 11.39
CA LEU A 36 27.71 23.47 10.68
C LEU A 36 27.74 24.63 11.65
N ALA A 37 26.99 24.55 12.76
CA ALA A 37 27.08 25.64 13.72
C ALA A 37 28.51 25.59 14.28
N ASN A 38 29.00 24.41 14.67
CA ASN A 38 30.38 24.29 15.20
C ASN A 38 31.38 24.76 14.18
N ALA A 39 31.29 24.22 12.96
CA ALA A 39 32.17 24.64 11.89
C ALA A 39 32.14 26.14 11.61
N ASN A 40 30.94 26.75 11.61
CA ASN A 40 30.83 28.14 11.26
C ASN A 40 31.35 29.08 12.35
N LYS A 41 31.50 28.58 13.57
CA LYS A 41 32.22 29.40 14.58
C LYS A 41 33.60 29.80 14.05
N ILE A 42 34.35 28.81 13.54
CA ILE A 42 35.67 29.01 12.96
C ILE A 42 35.59 29.73 11.61
N ILE A 43 34.77 29.22 10.69
CA ILE A 43 34.68 29.86 9.36
C ILE A 43 34.30 31.35 9.39
N GLU A 44 33.26 31.69 10.14
CA GLU A 44 32.82 33.07 10.18
C GLU A 44 33.94 33.98 10.66
N GLU A 45 34.63 33.53 11.69
CA GLU A 45 35.76 34.30 12.25
C GLU A 45 36.89 34.46 11.24
N LYS A 46 37.32 33.37 10.60
CA LYS A 46 38.49 33.44 9.73
C LYS A 46 38.20 33.98 8.35
N VAL A 47 36.99 33.77 7.84
CA VAL A 47 36.67 34.05 6.44
C VAL A 47 35.59 35.12 6.27
N GLY A 48 34.77 35.36 7.28
CA GLY A 48 33.67 36.33 7.06
C GLY A 48 32.55 35.84 6.12
N ALA A 49 32.24 34.56 6.24
CA ALA A 49 31.16 33.94 5.47
C ALA A 49 30.62 32.79 6.32
N LYS A 50 29.45 32.30 5.93
CA LYS A 50 28.76 31.18 6.59
C LYS A 50 28.69 30.09 5.52
N LEU A 51 29.12 28.88 5.88
CA LEU A 51 28.95 27.73 4.97
C LEU A 51 27.62 27.04 5.17
N ASP A 52 26.90 26.75 4.08
CA ASP A 52 25.71 25.93 4.10
C ASP A 52 25.99 24.75 3.17
N ILE A 53 25.58 23.56 3.58
CA ILE A 53 25.80 22.39 2.72
C ILE A 53 24.48 21.72 2.37
N GLN A 54 24.24 21.46 1.11
CA GLN A 54 23.08 20.69 0.73
C GLN A 54 23.55 19.34 0.17
N TYR A 55 22.97 18.28 0.73
CA TYR A 55 23.32 16.93 0.34
C TYR A 55 22.35 16.48 -0.75
N LEU A 56 22.83 15.79 -1.77
CA LEU A 56 22.02 15.42 -2.95
C LEU A 56 21.77 13.88 -3.08
N GLY A 57 22.20 13.10 -2.09
CA GLY A 57 22.02 11.64 -2.10
C GLY A 57 23.07 10.86 -2.91
N TRP A 58 22.91 9.52 -2.99
CA TRP A 58 23.92 8.61 -3.68
C TRP A 58 23.56 8.15 -5.06
N GLY A 59 22.34 7.65 -5.19
CA GLY A 59 21.91 6.95 -6.41
C GLY A 59 21.81 7.77 -7.65
N ASP A 60 21.55 9.09 -7.50
CA ASP A 60 21.38 9.87 -8.69
C ASP A 60 22.20 11.15 -8.67
N TYR A 61 23.36 11.13 -7.99
CA TYR A 61 24.07 12.39 -7.81
C TYR A 61 24.52 12.95 -9.14
N GLY A 62 24.95 12.08 -10.04
CA GLY A 62 25.36 12.52 -11.38
C GLY A 62 24.26 13.25 -12.13
N LYS A 63 23.08 12.68 -12.13
CA LYS A 63 21.94 13.26 -12.88
C LYS A 63 21.57 14.59 -12.25
N LYS A 64 21.67 14.66 -10.92
CA LYS A 64 21.23 15.88 -10.22
C LYS A 64 22.24 17.00 -10.48
N MET A 65 23.53 16.66 -10.37
CA MET A 65 24.52 17.67 -10.52
C MET A 65 24.58 18.11 -11.98
N SER A 66 24.27 17.20 -12.91
CA SER A 66 24.23 17.57 -14.33
CA SER A 66 24.23 17.58 -14.33
C SER A 66 23.16 18.65 -14.60
N VAL A 67 22.03 18.56 -13.92
CA VAL A 67 20.99 19.63 -14.07
C VAL A 67 21.60 20.93 -13.60
N ILE A 68 22.24 20.89 -12.41
CA ILE A 68 22.83 22.06 -11.77
C ILE A 68 23.84 22.72 -12.69
N THR A 69 24.84 21.94 -13.14
CA THR A 69 25.91 22.53 -13.96
C THR A 69 25.43 22.90 -15.38
N SER A 70 24.61 22.08 -16.03
CA SER A 70 24.23 22.37 -17.42
C SER A 70 23.27 23.59 -17.43
N SER A 71 22.61 23.85 -16.32
CA SER A 71 21.76 25.02 -16.24
C SER A 71 22.54 26.27 -15.83
N GLY A 72 23.81 26.18 -15.43
CA GLY A 72 24.55 27.35 -15.04
C GLY A 72 24.05 27.90 -13.73
N GLU A 73 23.47 27.01 -12.90
CA GLU A 73 22.96 27.43 -11.59
CA GLU A 73 22.95 27.45 -11.62
C GLU A 73 23.96 28.11 -10.71
N ASN A 74 23.47 29.06 -9.92
CA ASN A 74 24.37 29.64 -8.98
C ASN A 74 24.61 28.61 -7.87
N TYR A 75 25.87 28.28 -7.65
CA TYR A 75 26.30 27.60 -6.39
C TYR A 75 27.72 28.06 -6.18
N ASP A 76 28.38 27.74 -5.03
CA ASP A 76 29.72 28.14 -4.81
C ASP A 76 30.63 26.95 -4.91
N ILE A 77 30.36 25.92 -4.11
CA ILE A 77 31.28 24.74 -4.04
C ILE A 77 30.47 23.49 -4.37
N ALA A 78 31.07 22.51 -5.06
CA ALA A 78 30.38 21.21 -5.14
C ALA A 78 31.41 20.08 -5.16
N PHE A 79 30.97 18.96 -4.61
CA PHE A 79 31.66 17.69 -4.97
C PHE A 79 31.36 17.42 -6.48
N ALA A 80 32.41 17.32 -7.27
CA ALA A 80 32.34 17.23 -8.74
C ALA A 80 31.79 15.89 -9.18
N ASP A 81 30.97 15.94 -10.24
CA ASP A 81 30.63 14.70 -10.97
C ASP A 81 31.13 14.85 -12.41
N ASN A 82 31.70 13.78 -12.98
CA ASN A 82 32.18 13.84 -14.39
C ASN A 82 33.11 15.01 -14.56
N TYR A 83 34.16 15.08 -13.72
CA TYR A 83 35.04 16.22 -13.61
C TYR A 83 35.79 16.53 -14.92
N ILE A 84 36.40 15.51 -15.56
CA ILE A 84 37.20 15.82 -16.76
C ILE A 84 36.35 16.37 -17.92
N VAL A 85 35.18 15.77 -18.14
CA VAL A 85 34.23 16.28 -19.15
C VAL A 85 33.75 17.72 -18.81
N ASN A 86 33.28 17.93 -17.59
CA ASN A 86 32.72 19.25 -17.23
C ASN A 86 33.74 20.32 -17.11
N ALA A 87 35.01 19.98 -16.75
CA ALA A 87 36.04 20.97 -16.73
C ALA A 87 36.26 21.58 -18.15
N GLN A 88 36.08 20.75 -19.17
CA GLN A 88 36.28 21.19 -20.55
C GLN A 88 35.05 21.92 -21.07
N LYS A 89 33.96 21.81 -20.36
CA LYS A 89 32.75 22.59 -20.70
C LYS A 89 32.67 23.98 -20.05
N GLY A 90 33.70 24.30 -19.32
CA GLY A 90 33.80 25.56 -18.57
C GLY A 90 32.85 25.66 -17.39
N ALA A 91 32.37 24.51 -16.87
CA ALA A 91 31.53 24.51 -15.65
C ALA A 91 32.21 25.00 -14.36
N TYR A 92 33.53 24.88 -14.29
CA TYR A 92 34.30 25.18 -13.12
C TYR A 92 35.25 26.35 -13.21
N ALA A 93 35.40 27.09 -12.09
CA ALA A 93 36.38 28.17 -12.01
C ALA A 93 37.82 27.58 -12.18
N ASP A 94 38.60 28.16 -13.09
CA ASP A 94 40.03 27.90 -13.14
C ASP A 94 40.66 28.28 -11.78
N LEU A 95 41.38 27.35 -11.15
CA LEU A 95 41.91 27.65 -9.81
C LEU A 95 43.35 28.11 -9.83
N THR A 96 43.90 28.25 -11.02
CA THR A 96 45.33 28.71 -11.18
C THR A 96 45.67 29.90 -10.27
N GLU A 97 44.93 31.01 -10.35
CA GLU A 97 45.28 32.16 -9.47
C GLU A 97 44.89 31.97 -8.02
N LEU A 98 43.76 31.29 -7.75
CA LEU A 98 43.31 31.14 -6.37
C LEU A 98 44.31 30.30 -5.57
N TYR A 99 44.93 29.32 -6.22
CA TYR A 99 45.93 28.49 -5.60
C TYR A 99 47.24 29.24 -5.27
N LYS A 100 47.46 30.41 -5.87
CA LYS A 100 48.63 31.24 -5.49
C LYS A 100 48.46 32.03 -4.19
N LYS A 101 47.23 32.10 -3.67
CA LYS A 101 46.91 32.96 -2.53
C LYS A 101 45.96 32.24 -1.54
N GLU A 102 44.65 32.33 -1.79
CA GLU A 102 43.66 31.71 -0.86
C GLU A 102 43.90 30.20 -0.63
N GLY A 103 44.34 29.49 -1.66
CA GLY A 103 44.49 28.03 -1.49
C GLY A 103 45.96 27.62 -1.45
N LYS A 104 46.88 28.55 -1.18
CA LYS A 104 48.34 28.19 -1.17
C LYS A 104 48.72 27.07 -0.18
N ASP A 105 48.13 27.07 1.00
CA ASP A 105 48.48 26.11 2.05
C ASP A 105 47.95 24.74 1.69
N LEU A 106 46.68 24.64 1.32
CA LEU A 106 46.18 23.30 0.97
C LEU A 106 46.98 22.73 -0.22
N TYR A 107 47.40 23.59 -1.14
CA TYR A 107 48.03 23.13 -2.36
C TYR A 107 49.39 22.44 -2.10
N LYS A 108 50.15 23.02 -1.16
CA LYS A 108 51.48 22.48 -0.74
C LYS A 108 51.40 21.03 -0.29
N ALA A 109 50.27 20.62 0.29
CA ALA A 109 50.10 19.27 0.78
C ALA A 109 49.74 18.18 -0.29
N LEU A 110 49.57 18.57 -1.56
CA LEU A 110 49.14 17.58 -2.56
C LEU A 110 50.28 16.80 -3.22
N ASP A 111 50.15 15.50 -3.17
CA ASP A 111 51.01 14.60 -3.93
C ASP A 111 50.97 15.01 -5.44
N PRO A 112 52.12 14.94 -6.10
CA PRO A 112 52.15 15.21 -7.54
C PRO A 112 51.10 14.44 -8.36
N ALA A 113 50.74 13.24 -7.92
CA ALA A 113 49.75 12.49 -8.69
C ALA A 113 48.40 13.25 -8.71
N TYR A 114 48.14 14.03 -7.67
CA TYR A 114 46.86 14.81 -7.67
C TYR A 114 46.89 15.90 -8.73
N ILE A 115 48.06 16.47 -8.92
CA ILE A 115 48.24 17.47 -10.01
C ILE A 115 48.09 16.78 -11.38
N LYS A 116 48.77 15.63 -11.60
CA LYS A 116 48.61 14.95 -12.89
C LYS A 116 47.18 14.52 -13.27
N GLY A 117 46.47 14.00 -12.28
CA GLY A 117 45.21 13.47 -12.55
C GLY A 117 44.13 14.53 -12.70
N ASN A 118 44.39 15.74 -12.24
CA ASN A 118 43.32 16.76 -12.20
C ASN A 118 43.61 17.97 -13.05
N THR A 119 44.70 17.91 -13.78
CA THR A 119 45.11 19.02 -14.69
C THR A 119 44.45 18.78 -16.04
N VAL A 120 43.71 19.78 -16.53
CA VAL A 120 43.01 19.64 -17.81
C VAL A 120 43.34 20.89 -18.65
N ASN A 121 43.91 20.68 -19.83
CA ASN A 121 44.55 21.77 -20.63
C ASN A 121 45.42 22.70 -19.85
N GLY A 122 46.29 22.13 -19.04
CA GLY A 122 47.29 22.89 -18.39
C GLY A 122 46.72 23.63 -17.22
N LYS A 123 45.43 23.40 -16.90
CA LYS A 123 44.78 24.09 -15.76
C LYS A 123 44.14 23.12 -14.75
N ILE A 124 44.20 23.51 -13.49
CA ILE A 124 43.58 22.67 -12.42
C ILE A 124 42.24 23.35 -11.99
N TYR A 125 41.16 22.57 -12.00
CA TYR A 125 39.84 23.10 -11.68
C TYR A 125 39.27 22.47 -10.40
N ALA A 126 40.10 21.73 -9.66
CA ALA A 126 39.59 21.04 -8.48
C ALA A 126 40.52 21.21 -7.31
N VAL A 127 39.93 21.15 -6.10
CA VAL A 127 40.60 20.93 -4.86
C VAL A 127 40.33 19.46 -4.59
N PRO A 128 41.32 18.56 -4.89
CA PRO A 128 41.16 17.16 -4.53
C PRO A 128 41.46 16.96 -3.03
N VAL A 129 40.81 15.99 -2.39
CA VAL A 129 41.05 15.81 -0.94
C VAL A 129 42.31 14.95 -0.86
N ALA A 130 43.30 15.43 -0.11
CA ALA A 130 44.55 14.66 -0.02
C ALA A 130 44.24 13.46 0.92
N ALA A 131 44.27 12.28 0.32
CA ALA A 131 43.92 11.07 1.08
C ALA A 131 44.48 9.86 0.40
N ASN A 132 43.60 8.99 -0.15
CA ASN A 132 44.07 7.75 -0.83
C ASN A 132 44.48 7.99 -2.28
N VAL A 133 45.59 8.68 -2.43
CA VAL A 133 46.13 8.94 -3.77
C VAL A 133 46.38 7.63 -4.55
N ALA A 134 46.77 6.54 -3.84
CA ALA A 134 46.66 5.18 -4.33
C ALA A 134 45.65 4.44 -3.42
N SER A 135 45.05 3.42 -3.98
CA SER A 135 44.14 2.58 -3.22
C SER A 135 43.90 1.30 -4.02
N SER A 136 43.24 0.33 -3.36
CA SER A 136 42.80 -0.86 -4.06
C SER A 136 41.32 -1.02 -3.70
N GLN A 137 40.63 -1.76 -4.54
CA GLN A 137 39.22 -2.16 -4.33
C GLN A 137 39.28 -3.44 -3.54
N ASN A 138 38.40 -3.57 -2.54
CA ASN A 138 38.44 -4.66 -1.57
C ASN A 138 37.04 -5.18 -1.40
N PHE A 139 36.92 -6.47 -1.10
CA PHE A 139 35.62 -6.90 -0.52
C PHE A 139 35.74 -6.67 0.98
N ALA A 140 34.71 -6.09 1.54
CA ALA A 140 34.70 -5.84 2.99
C ALA A 140 33.60 -6.71 3.62
N PHE A 141 33.98 -7.51 4.62
CA PHE A 141 33.06 -8.55 5.13
C PHE A 141 32.58 -8.19 6.47
N ASN A 142 31.31 -8.49 6.72
CA ASN A 142 30.68 -8.21 8.00
C ASN A 142 31.19 -9.27 9.04
N GLY A 143 32.12 -8.88 9.92
CA GLY A 143 32.75 -9.80 10.90
C GLY A 143 31.80 -10.52 11.86
N THR A 144 30.68 -9.90 12.21
CA THR A 144 29.59 -10.50 13.06
C THR A 144 29.11 -11.76 12.40
N LEU A 145 28.80 -11.71 11.09
CA LEU A 145 28.32 -12.87 10.37
C LEU A 145 29.45 -13.88 10.11
N LEU A 146 30.68 -13.40 9.82
CA LEU A 146 31.81 -14.35 9.64
C LEU A 146 31.99 -15.24 10.89
N ALA A 147 31.90 -14.62 12.07
CA ALA A 147 32.12 -15.31 13.34
C ALA A 147 30.91 -16.15 13.66
N LYS A 148 29.71 -15.62 13.44
CA LYS A 148 28.49 -16.41 13.74
C LYS A 148 28.38 -17.67 12.93
N TYR A 149 28.75 -17.62 11.65
CA TYR A 149 28.51 -18.73 10.78
C TYR A 149 29.75 -19.49 10.43
N GLY A 150 30.89 -18.99 10.92
CA GLY A 150 32.20 -19.62 10.68
C GLY A 150 32.57 -19.73 9.23
N ILE A 151 32.35 -18.66 8.46
CA ILE A 151 32.49 -18.77 7.00
C ILE A 151 33.94 -18.40 6.69
N ASP A 152 34.58 -19.24 5.88
CA ASP A 152 35.98 -19.08 5.47
C ASP A 152 36.21 -18.23 4.20
N ILE A 153 36.86 -17.09 4.32
CA ILE A 153 37.03 -16.17 3.19
C ILE A 153 38.46 -16.17 2.62
N SER A 154 39.26 -17.17 3.02
CA SER A 154 40.70 -17.08 2.70
C SER A 154 40.92 -17.30 1.21
N GLY A 155 39.93 -17.87 0.54
CA GLY A 155 39.98 -18.10 -0.89
C GLY A 155 39.49 -16.93 -1.72
N VAL A 156 39.04 -15.87 -1.06
CA VAL A 156 38.41 -14.79 -1.84
C VAL A 156 39.43 -13.82 -2.40
N THR A 157 39.53 -13.80 -3.72
CA THR A 157 40.48 -12.95 -4.46
C THR A 157 39.85 -12.21 -5.65
N SER A 158 38.56 -12.41 -5.92
CA SER A 158 37.96 -11.91 -7.18
C SER A 158 36.45 -12.03 -7.04
N TYR A 159 35.71 -11.36 -7.94
CA TYR A 159 34.27 -11.55 -8.00
C TYR A 159 33.97 -13.05 -8.08
N GLU A 160 34.68 -13.75 -8.95
CA GLU A 160 34.45 -15.19 -9.17
C GLU A 160 34.62 -16.05 -7.91
N THR A 161 35.69 -15.85 -7.15
CA THR A 161 35.94 -16.58 -5.90
C THR A 161 35.10 -16.18 -4.72
N LEU A 162 34.27 -15.15 -4.95
CA LEU A 162 33.31 -14.79 -3.96
C LEU A 162 32.18 -15.82 -3.89
N GLU A 163 31.89 -16.47 -5.02
CA GLU A 163 30.68 -17.34 -5.12
C GLU A 163 30.46 -18.31 -3.93
N PRO A 164 31.48 -19.08 -3.51
CA PRO A 164 31.22 -20.05 -2.42
C PRO A 164 30.80 -19.43 -1.11
N VAL A 165 31.30 -18.23 -0.79
CA VAL A 165 30.92 -17.64 0.49
C VAL A 165 29.53 -17.02 0.38
N LEU A 166 29.13 -16.55 -0.81
CA LEU A 166 27.76 -16.05 -0.98
C LEU A 166 26.76 -17.22 -0.92
N LYS A 167 27.08 -18.32 -1.59
CA LYS A 167 26.24 -19.55 -1.47
C LYS A 167 26.05 -19.89 -0.01
N GLN A 168 27.12 -19.93 0.81
CA GLN A 168 26.96 -20.23 2.23
C GLN A 168 26.10 -19.28 3.04
N ILE A 169 26.29 -17.97 2.87
CA ILE A 169 25.47 -17.05 3.65
C ILE A 169 24.03 -17.07 3.25
N LYS A 170 23.79 -17.31 1.98
CA LYS A 170 22.46 -17.41 1.46
C LYS A 170 21.70 -18.59 2.15
N GLU A 171 22.38 -19.70 2.30
CA GLU A 171 21.83 -20.91 2.93
C GLU A 171 21.67 -20.69 4.44
N LYS A 172 22.60 -20.00 5.07
CA LYS A 172 22.59 -19.92 6.53
C LYS A 172 21.77 -18.75 7.10
N ALA A 173 21.67 -17.62 6.39
CA ALA A 173 21.02 -16.43 6.92
C ALA A 173 20.23 -15.81 5.80
N PRO A 174 19.09 -16.40 5.49
CA PRO A 174 18.33 -15.87 4.38
C PRO A 174 17.93 -14.41 4.47
N ASP A 175 17.88 -13.79 5.66
CA ASP A 175 17.51 -12.37 5.67
C ASP A 175 18.63 -11.41 5.30
N VAL A 176 19.84 -11.92 5.15
CA VAL A 176 21.02 -11.07 4.87
C VAL A 176 21.19 -10.97 3.36
N VAL A 177 21.44 -9.77 2.84
CA VAL A 177 21.78 -9.63 1.39
C VAL A 177 23.22 -10.13 1.25
N PRO A 178 23.48 -11.18 0.44
CA PRO A 178 24.86 -11.67 0.45
C PRO A 178 25.91 -10.66 -0.03
N PHE A 179 25.68 -10.08 -1.20
CA PHE A 179 26.58 -9.06 -1.79
C PHE A 179 25.78 -7.74 -1.96
N ALA A 180 26.04 -6.77 -1.07
CA ALA A 180 25.30 -5.50 -1.08
C ALA A 180 25.89 -4.54 -2.06
N ILE A 181 25.27 -4.41 -3.22
CA ILE A 181 25.62 -3.39 -4.19
C ILE A 181 24.31 -2.66 -4.54
N GLY A 182 24.42 -1.44 -5.03
CA GLY A 182 23.22 -0.68 -5.46
C GLY A 182 23.37 -0.17 -6.90
N LYS A 183 22.53 0.78 -7.28
CA LYS A 183 22.34 1.06 -8.69
C LYS A 183 23.56 1.79 -9.28
N VAL A 184 24.42 2.38 -8.45
CA VAL A 184 25.55 3.14 -8.99
C VAL A 184 26.74 2.17 -9.21
N PHE A 185 26.62 0.94 -8.75
CA PHE A 185 27.78 -0.03 -8.82
C PHE A 185 28.33 -0.26 -10.24
N ILE A 186 29.65 -0.29 -10.34
CA ILE A 186 30.37 -0.61 -11.60
C ILE A 186 31.44 -1.61 -11.15
N PRO A 187 31.52 -2.79 -11.74
CA PRO A 187 32.59 -3.75 -11.40
C PRO A 187 33.96 -3.12 -11.60
N SER A 188 34.87 -3.44 -10.69
CA SER A 188 36.24 -2.89 -10.68
C SER A 188 37.23 -3.84 -11.37
N ASP A 189 38.32 -3.28 -11.85
CA ASP A 189 39.42 -4.07 -12.42
C ASP A 189 40.62 -3.19 -12.53
N ASN A 190 41.71 -3.75 -13.07
CA ASN A 190 42.95 -2.96 -13.15
C ASN A 190 42.97 -2.14 -14.43
N PHE A 191 42.16 -1.09 -14.45
CA PHE A 191 41.96 -0.29 -15.65
C PHE A 191 42.33 1.15 -15.29
N ASP A 192 42.77 1.92 -16.28
CA ASP A 192 42.84 3.38 -16.06
C ASP A 192 41.81 4.00 -17.03
N TYR A 193 41.10 5.02 -16.57
CA TYR A 193 40.04 5.67 -17.35
C TYR A 193 40.49 7.05 -17.76
N PRO A 194 40.60 7.31 -19.08
CA PRO A 194 41.08 8.65 -19.51
C PRO A 194 40.00 9.71 -19.38
N VAL A 195 38.77 9.25 -19.21
CA VAL A 195 37.71 10.21 -18.96
C VAL A 195 37.23 10.02 -17.53
N ALA A 196 36.41 9.01 -17.34
CA ALA A 196 35.77 8.65 -16.03
C ALA A 196 35.03 7.34 -16.32
N ASN A 197 34.53 6.72 -15.24
CA ASN A 197 34.04 5.37 -15.38
C ASN A 197 32.58 5.24 -15.77
N GLY A 198 31.94 6.37 -16.07
CA GLY A 198 30.64 6.30 -16.71
C GLY A 198 30.81 6.07 -18.22
N LEU A 199 32.07 6.11 -18.71
CA LEU A 199 32.33 5.72 -20.15
C LEU A 199 33.12 4.45 -20.23
N PRO A 200 33.02 3.74 -21.37
CA PRO A 200 33.59 2.37 -21.44
C PRO A 200 35.07 2.32 -21.79
N PHE A 201 35.63 3.46 -22.17
CA PHE A 201 37.05 3.53 -22.61
C PHE A 201 38.04 3.41 -21.49
N VAL A 202 38.90 2.41 -21.57
CA VAL A 202 39.90 2.22 -20.50
C VAL A 202 41.27 1.88 -21.11
N ILE A 203 42.32 2.04 -20.31
CA ILE A 203 43.63 1.45 -20.63
C ILE A 203 43.64 0.20 -19.78
N ASP A 204 43.82 -0.97 -20.41
CA ASP A 204 43.92 -2.16 -19.58
C ASP A 204 45.33 -2.33 -19.02
N LEU A 205 45.50 -2.16 -17.72
CA LEU A 205 46.81 -2.21 -17.08
C LEU A 205 47.46 -3.63 -17.10
N GLU A 206 46.63 -4.67 -17.30
CA GLU A 206 47.10 -6.06 -17.42
C GLU A 206 47.27 -6.49 -18.87
N GLY A 207 46.83 -5.64 -19.80
CA GLY A 207 46.89 -5.93 -21.23
C GLY A 207 48.03 -5.16 -21.93
N ASP A 208 47.74 -4.78 -23.15
CA ASP A 208 48.62 -3.88 -23.92
C ASP A 208 48.37 -2.44 -23.43
N THR A 209 49.31 -1.94 -22.64
CA THR A 209 49.16 -0.60 -22.03
C THR A 209 49.34 0.55 -23.00
N THR A 210 49.52 0.25 -24.27
CA THR A 210 49.55 1.28 -25.29
C THR A 210 48.19 1.48 -25.94
N LYS A 211 47.19 0.64 -25.63
CA LYS A 211 45.96 0.68 -26.37
C LYS A 211 44.78 1.19 -25.52
N VAL A 212 43.90 1.96 -26.14
CA VAL A 212 42.62 2.29 -25.54
C VAL A 212 41.64 1.22 -26.00
N VAL A 213 40.98 0.54 -25.04
CA VAL A 213 40.07 -0.56 -25.30
C VAL A 213 38.70 -0.33 -24.64
N ASN A 214 37.70 -1.05 -25.14
CA ASN A 214 36.34 -0.98 -24.56
C ASN A 214 36.21 -2.00 -23.42
N ARG A 215 36.01 -1.52 -22.17
CA ARG A 215 35.96 -2.47 -21.04
C ARG A 215 34.99 -3.65 -21.22
N TYR A 216 33.88 -3.44 -21.95
CA TYR A 216 32.86 -4.53 -22.17
C TYR A 216 33.39 -5.60 -23.15
N GLU A 217 34.48 -5.28 -23.84
CA GLU A 217 35.15 -6.30 -24.69
C GLU A 217 36.39 -6.90 -24.09
N VAL A 218 36.80 -6.47 -22.91
CA VAL A 218 37.95 -7.09 -22.24
C VAL A 218 37.47 -8.41 -21.66
N PRO A 219 38.07 -9.56 -22.07
CA PRO A 219 37.52 -10.89 -21.70
C PRO A 219 37.20 -11.08 -20.22
N ARG A 220 38.13 -10.73 -19.33
CA ARG A 220 37.95 -11.00 -17.91
C ARG A 220 36.85 -10.07 -17.32
N PHE A 221 36.62 -8.94 -17.97
CA PHE A 221 35.66 -7.98 -17.44
C PHE A 221 34.29 -8.43 -17.89
N LYS A 222 34.19 -8.90 -19.13
CA LYS A 222 32.98 -9.51 -19.58
C LYS A 222 32.68 -10.71 -18.66
N GLU A 223 33.69 -11.45 -18.25
CA GLU A 223 33.49 -12.55 -17.32
C GLU A 223 32.93 -12.09 -15.96
N HIS A 224 33.35 -10.91 -15.49
CA HIS A 224 32.84 -10.40 -14.20
C HIS A 224 31.40 -10.07 -14.32
N LEU A 225 31.02 -9.54 -15.48
CA LEU A 225 29.66 -9.16 -15.69
C LEU A 225 28.80 -10.42 -15.74
N LYS A 226 29.33 -11.50 -16.33
CA LYS A 226 28.61 -12.76 -16.31
C LYS A 226 28.45 -13.26 -14.89
N THR A 227 29.49 -13.13 -14.09
CA THR A 227 29.48 -13.58 -12.72
C THR A 227 28.40 -12.83 -11.93
N LEU A 228 28.43 -11.51 -12.09
CA LEU A 228 27.41 -10.66 -11.42
C LEU A 228 25.99 -11.05 -11.86
N HIS A 229 25.80 -11.30 -13.16
CA HIS A 229 24.49 -11.76 -13.59
C HIS A 229 24.09 -13.12 -12.96
N LYS A 230 25.04 -14.03 -12.82
CA LYS A 230 24.75 -15.32 -12.17
C LYS A 230 24.42 -15.09 -10.69
N PHE A 231 25.10 -14.13 -10.03
CA PHE A 231 24.81 -13.77 -8.66
C PHE A 231 23.41 -13.20 -8.56
N TYR A 232 23.06 -12.37 -9.52
CA TYR A 232 21.76 -11.79 -9.54
C TYR A 232 20.70 -12.89 -9.66
N GLU A 233 20.89 -13.80 -10.62
CA GLU A 233 19.97 -14.93 -10.71
C GLU A 233 19.85 -15.83 -9.49
N ALA A 234 20.94 -15.99 -8.74
CA ALA A 234 21.02 -16.83 -7.54
C ALA A 234 20.45 -16.11 -6.32
N GLY A 235 20.10 -14.83 -6.46
CA GLY A 235 19.63 -14.10 -5.29
C GLY A 235 20.77 -13.63 -4.38
N TYR A 236 21.98 -13.40 -4.90
CA TYR A 236 23.08 -12.95 -4.06
C TYR A 236 23.13 -11.44 -4.04
N ILE A 237 22.55 -10.80 -5.06
CA ILE A 237 22.50 -9.36 -5.18
C ILE A 237 20.99 -9.01 -5.11
N PRO A 238 20.61 -7.83 -4.56
CA PRO A 238 19.16 -7.49 -4.50
C PRO A 238 18.44 -7.56 -5.86
N LYS A 239 17.25 -8.15 -5.91
CA LYS A 239 16.45 -8.22 -7.15
C LYS A 239 16.23 -6.85 -7.76
N ASP A 240 16.06 -5.81 -6.94
CA ASP A 240 15.82 -4.49 -7.49
C ASP A 240 17.08 -3.58 -7.42
N VAL A 241 18.27 -4.20 -7.52
CA VAL A 241 19.53 -3.47 -7.48
C VAL A 241 19.53 -2.27 -8.44
N ALA A 242 18.92 -2.45 -9.62
CA ALA A 242 19.01 -1.39 -10.64
C ALA A 242 18.18 -0.12 -10.33
N THR A 243 17.21 -0.22 -9.41
CA THR A 243 16.29 0.85 -9.16
C THR A 243 16.19 1.25 -7.67
N SER A 244 16.72 0.42 -6.78
CA SER A 244 16.51 0.58 -5.32
C SER A 244 17.16 1.84 -4.77
N ASP A 245 16.53 2.53 -3.82
CA ASP A 245 17.20 3.64 -3.08
C ASP A 245 17.52 3.14 -1.65
N THR A 246 17.72 1.84 -1.48
CA THR A 246 17.96 1.21 -0.18
C THR A 246 19.43 1.25 0.08
N SER A 247 19.86 1.70 1.24
CA SER A 247 21.26 1.53 1.54
C SER A 247 21.41 0.41 2.56
N PHE A 248 22.63 -0.06 2.67
CA PHE A 248 23.03 -1.12 3.56
C PHE A 248 24.01 -0.47 4.53
N ASP A 249 23.47 -0.15 5.71
CA ASP A 249 24.20 0.59 6.73
C ASP A 249 25.39 -0.30 7.22
N LEU A 250 26.58 0.29 7.22
CA LEU A 250 27.81 -0.44 7.60
C LEU A 250 27.66 -1.08 9.00
N GLN A 251 26.90 -0.42 9.89
CA GLN A 251 26.68 -0.90 11.27
C GLN A 251 25.71 -2.05 11.47
N GLN A 252 24.90 -2.33 10.44
CA GLN A 252 23.75 -3.27 10.54
C GLN A 252 24.06 -4.63 9.95
N ASP A 253 23.35 -5.66 10.42
CA ASP A 253 23.48 -7.02 9.80
C ASP A 253 22.60 -7.31 8.59
N THR A 254 22.41 -6.31 7.75
CA THR A 254 21.57 -6.45 6.61
C THR A 254 22.36 -6.99 5.40
N TRP A 255 23.71 -7.00 5.50
CA TRP A 255 24.58 -7.32 4.36
C TRP A 255 25.74 -8.22 4.88
N PHE A 256 26.27 -9.08 4.01
CA PHE A 256 27.39 -9.92 4.39
C PHE A 256 28.69 -9.35 3.79
N VAL A 257 28.66 -9.06 2.49
CA VAL A 257 29.89 -8.46 1.88
C VAL A 257 29.52 -7.27 1.01
N ARG A 258 30.43 -6.30 0.88
CA ARG A 258 30.22 -5.12 0.02
C ARG A 258 31.58 -4.76 -0.54
N GLU A 259 31.63 -3.86 -1.53
CA GLU A 259 32.93 -3.53 -2.16
C GLU A 259 33.36 -2.15 -1.65
N GLU A 260 34.59 -2.05 -1.17
CA GLU A 260 35.13 -0.82 -0.55
C GLU A 260 36.49 -0.46 -1.13
N THR A 261 36.70 0.83 -1.36
CA THR A 261 38.00 1.40 -1.72
C THR A 261 38.77 1.61 -0.42
N VAL A 262 40.01 1.10 -0.34
CA VAL A 262 40.80 1.23 0.88
C VAL A 262 42.23 1.67 0.49
N GLY A 263 42.74 2.61 1.21
CA GLY A 263 44.12 3.09 1.00
C GLY A 263 44.75 3.54 2.30
N PRO A 264 45.94 4.19 2.20
CA PRO A 264 46.73 4.46 3.37
C PRO A 264 46.11 5.34 4.36
N ALA A 265 45.24 6.25 3.94
CA ALA A 265 44.55 7.11 4.88
C ALA A 265 43.58 6.36 5.87
N ASP A 266 43.20 5.13 5.51
CA ASP A 266 42.25 4.32 6.27
C ASP A 266 42.91 3.45 7.31
N TYR A 267 44.21 3.29 7.18
CA TYR A 267 44.97 2.44 8.16
C TYR A 267 44.42 1.03 8.17
N GLY A 268 44.48 0.43 7.02
CA GLY A 268 44.03 -0.99 6.88
C GLY A 268 42.54 -1.12 7.15
N ASN A 269 42.15 -2.13 7.92
CA ASN A 269 40.73 -2.29 8.20
C ASN A 269 40.25 -1.50 9.42
N SER A 270 41.10 -0.68 10.03
CA SER A 270 40.68 0.06 11.23
C SER A 270 39.52 1.01 10.94
N LEU A 271 39.59 1.76 9.82
CA LEU A 271 38.59 2.78 9.61
C LEU A 271 37.21 2.09 9.40
N LEU A 272 37.11 1.09 8.52
CA LEU A 272 35.84 0.43 8.27
C LEU A 272 35.34 -0.26 9.57
N SER A 273 36.26 -0.85 10.36
CA SER A 273 35.86 -1.40 11.70
C SER A 273 35.31 -0.33 12.65
N ARG A 274 35.88 0.88 12.59
CA ARG A 274 35.37 1.99 13.41
C ARG A 274 33.99 2.48 12.94
N VAL A 275 33.83 2.68 11.63
CA VAL A 275 32.57 3.20 11.19
C VAL A 275 31.46 2.12 11.33
N ALA A 276 31.79 0.84 11.14
CA ALA A 276 30.82 -0.27 11.20
C ALA A 276 30.61 -0.64 12.66
N ASN A 277 31.51 -0.17 13.53
CA ASN A 277 31.50 -0.47 14.96
C ASN A 277 31.50 -1.99 15.22
N LYS A 278 32.31 -2.71 14.45
CA LYS A 278 32.53 -4.14 14.53
C LYS A 278 33.74 -4.52 13.68
N ASP A 279 34.13 -5.79 13.69
CA ASP A 279 35.27 -6.20 12.96
C ASP A 279 34.84 -6.33 11.49
N ILE A 280 35.51 -5.57 10.62
CA ILE A 280 35.30 -5.65 9.18
C ILE A 280 36.59 -6.24 8.60
N GLN A 281 36.49 -7.30 7.83
CA GLN A 281 37.69 -7.88 7.29
C GLN A 281 37.73 -7.57 5.83
N ILE A 282 38.94 -7.25 5.33
CA ILE A 282 39.04 -6.94 3.88
C ILE A 282 39.89 -7.87 3.05
N LYS A 283 39.51 -8.02 1.79
CA LYS A 283 40.23 -8.80 0.80
C LYS A 283 40.38 -8.00 -0.48
N PRO A 284 41.63 -7.77 -0.93
CA PRO A 284 41.78 -6.94 -2.18
C PRO A 284 41.39 -7.68 -3.45
N ILE A 285 40.85 -6.98 -4.45
CA ILE A 285 40.61 -7.56 -5.75
C ILE A 285 41.27 -6.84 -6.92
N THR A 286 41.89 -5.69 -6.63
CA THR A 286 42.60 -4.94 -7.70
C THR A 286 43.88 -4.50 -7.09
N ASN A 287 44.78 -4.07 -7.99
CA ASN A 287 46.10 -3.58 -7.59
C ASN A 287 46.06 -2.22 -6.94
N PHE A 288 46.86 -2.07 -5.92
CA PHE A 288 47.09 -0.85 -5.21
C PHE A 288 47.97 0.05 -6.06
N ILE A 289 47.41 1.18 -6.51
CA ILE A 289 48.10 2.00 -7.53
C ILE A 289 47.59 3.44 -7.52
N LYS A 290 48.42 4.37 -7.96
CA LYS A 290 47.90 5.73 -8.25
C LYS A 290 47.47 5.74 -9.72
N LYS A 291 46.19 6.07 -10.01
CA LYS A 291 45.66 6.08 -11.38
C LYS A 291 44.63 7.21 -11.42
N ASN A 292 44.10 7.55 -12.58
CA ASN A 292 43.23 8.74 -12.66
C ASN A 292 42.13 8.70 -11.64
N GLN A 293 41.46 7.56 -11.52
CA GLN A 293 40.36 7.45 -10.56
C GLN A 293 40.72 7.78 -9.16
N THR A 294 41.87 7.28 -8.66
CA THR A 294 42.20 7.43 -7.23
C THR A 294 42.56 8.90 -6.94
N THR A 295 43.03 9.62 -7.94
CA THR A 295 43.36 11.04 -7.76
C THR A 295 42.13 11.96 -7.91
N GLN A 296 41.08 11.41 -8.52
CA GLN A 296 39.83 12.19 -8.83
C GLN A 296 38.64 11.80 -7.93
N VAL A 297 38.88 10.90 -6.96
CA VAL A 297 37.76 10.26 -6.22
C VAL A 297 36.99 11.32 -5.35
N ALA A 298 37.65 12.42 -4.90
CA ALA A 298 36.87 13.44 -4.20
C ALA A 298 37.40 14.79 -4.63
N ASN A 299 36.82 15.32 -5.70
CA ASN A 299 37.22 16.69 -6.19
C ASN A 299 36.14 17.74 -5.80
N PHE A 300 36.54 18.82 -5.14
CA PHE A 300 35.66 19.99 -4.96
C PHE A 300 35.97 21.02 -6.03
N VAL A 301 34.90 21.56 -6.63
CA VAL A 301 35.03 22.54 -7.65
C VAL A 301 34.29 23.75 -7.16
N ILE A 302 34.70 24.86 -7.75
CA ILE A 302 34.02 26.12 -7.59
C ILE A 302 33.26 26.47 -8.87
N SER A 303 31.95 26.78 -8.79
CA SER A 303 31.19 27.09 -9.97
C SER A 303 31.88 28.24 -10.71
N ASN A 304 31.97 28.13 -12.00
CA ASN A 304 32.53 29.25 -12.73
C ASN A 304 31.68 30.53 -12.59
N ASN A 305 30.40 30.35 -12.29
CA ASN A 305 29.46 31.48 -11.99
C ASN A 305 29.36 31.87 -10.52
N SER A 306 30.24 31.34 -9.69
CA SER A 306 30.20 31.75 -8.29
C SER A 306 30.56 33.23 -8.13
N LYS A 307 29.83 33.89 -7.21
CA LYS A 307 30.08 35.31 -6.86
C LYS A 307 30.94 35.44 -5.66
N ASN A 308 31.41 34.30 -5.12
CA ASN A 308 32.28 34.31 -4.01
C ASN A 308 33.44 33.33 -4.14
N LYS A 309 34.20 33.50 -5.21
CA LYS A 309 35.25 32.52 -5.50
C LYS A 309 36.33 32.58 -4.50
N GLU A 310 36.69 33.80 -4.00
CA GLU A 310 37.79 33.84 -3.05
C GLU A 310 37.42 33.25 -1.70
N LYS A 311 36.23 33.55 -1.20
CA LYS A 311 35.87 33.03 0.15
C LYS A 311 35.65 31.52 0.00
N SER A 312 35.17 31.12 -1.17
CA SER A 312 34.98 29.65 -1.42
C SER A 312 36.27 28.91 -1.27
N MET A 313 37.32 29.44 -1.88
CA MET A 313 38.62 28.81 -1.75
C MET A 313 39.17 28.92 -0.32
N GLU A 314 38.95 30.05 0.35
CA GLU A 314 39.37 30.18 1.75
C GLU A 314 38.73 29.09 2.60
N ILE A 315 37.43 28.83 2.36
CA ILE A 315 36.74 27.68 3.09
C ILE A 315 37.41 26.32 2.76
N LEU A 316 37.64 26.07 1.48
CA LEU A 316 38.27 24.80 1.09
C LEU A 316 39.67 24.73 1.65
N ASN A 317 40.40 25.84 1.64
CA ASN A 317 41.66 25.87 2.30
C ASN A 317 41.59 25.47 3.80
N LEU A 318 40.68 26.07 4.56
CA LEU A 318 40.49 25.72 5.97
C LEU A 318 40.08 24.26 6.17
N LEU A 319 39.17 23.76 5.33
CA LEU A 319 38.75 22.34 5.45
C LEU A 319 39.95 21.41 5.31
N ASN A 320 40.95 21.88 4.60
CA ASN A 320 42.08 21.02 4.29
C ASN A 320 43.34 21.31 5.16
N THR A 321 43.25 22.29 6.02
CA THR A 321 44.43 22.69 6.77
C THR A 321 44.18 22.89 8.25
N ASN A 322 42.92 23.12 8.67
CA ASN A 322 42.61 23.46 10.06
C ASN A 322 42.11 22.21 10.80
N PRO A 323 42.93 21.63 11.72
CA PRO A 323 42.47 20.36 12.26
C PRO A 323 41.25 20.48 13.17
N GLU A 324 41.11 21.61 13.86
CA GLU A 324 39.95 21.79 14.70
C GLU A 324 38.66 21.69 13.85
N LEU A 325 38.67 22.41 12.73
CA LEU A 325 37.52 22.45 11.86
C LEU A 325 37.29 21.06 11.28
N LEU A 326 38.30 20.48 10.65
CA LEU A 326 38.08 19.20 9.94
C LEU A 326 37.65 18.08 10.89
N ASN A 327 38.36 17.92 12.02
CA ASN A 327 37.94 16.90 12.97
C ASN A 327 36.55 17.09 13.57
N GLY A 328 36.20 18.36 13.82
CA GLY A 328 34.86 18.73 14.27
C GLY A 328 33.80 18.17 13.31
N LEU A 329 34.05 18.22 12.00
CA LEU A 329 33.09 17.67 11.06
C LEU A 329 33.19 16.14 10.88
N VAL A 330 34.40 15.57 10.79
CA VAL A 330 34.58 14.18 10.44
C VAL A 330 34.35 13.25 11.65
N TYR A 331 34.82 13.67 12.82
CA TYR A 331 34.50 12.95 14.07
C TYR A 331 33.17 13.37 14.68
N GLY A 332 32.81 14.61 14.51
CA GLY A 332 31.58 15.18 15.09
C GLY A 332 31.92 15.99 16.35
N PRO A 333 30.89 16.33 17.14
CA PRO A 333 31.07 17.22 18.28
C PRO A 333 32.02 16.62 19.35
N GLU A 334 33.09 17.33 19.70
CA GLU A 334 34.02 16.82 20.74
C GLU A 334 33.26 16.68 22.05
N GLY A 335 33.55 15.61 22.80
CA GLY A 335 32.88 15.39 24.12
C GLY A 335 31.72 14.42 23.98
N LYS A 336 30.92 14.61 22.92
CA LYS A 336 29.80 13.72 22.62
C LYS A 336 30.20 12.53 21.71
N ASN A 337 30.96 12.82 20.65
CA ASN A 337 31.32 11.84 19.67
C ASN A 337 32.71 11.29 19.85
N TRP A 338 33.58 12.08 20.47
CA TRP A 338 34.99 11.66 20.56
C TRP A 338 35.73 12.46 21.64
N GLU A 339 36.89 11.97 22.07
CA GLU A 339 37.71 12.77 23.03
C GLU A 339 39.20 12.52 22.68
N LYS A 340 40.07 13.48 23.04
CA LYS A 340 41.52 13.36 22.92
C LYS A 340 42.01 12.32 23.98
N ILE A 341 42.98 11.51 23.64
CA ILE A 341 43.52 10.52 24.59
C ILE A 341 44.72 11.20 25.30
N GLU A 342 44.67 11.32 26.65
CA GLU A 342 45.71 12.04 27.44
C GLU A 342 47.09 11.48 27.14
N GLY A 343 48.06 12.39 26.92
CA GLY A 343 49.43 12.03 26.63
C GLY A 343 49.68 11.07 25.47
N LYS A 344 48.81 11.13 24.46
CA LYS A 344 49.13 10.47 23.18
C LYS A 344 48.80 11.52 22.10
N GLU A 345 49.84 12.08 21.49
CA GLU A 345 49.71 13.15 20.46
C GLU A 345 48.87 12.61 19.30
N ASN A 346 47.85 13.41 18.93
CA ASN A 346 47.05 13.24 17.69
C ASN A 346 46.19 11.93 17.70
N ARG A 347 45.94 11.44 18.92
CA ARG A 347 45.16 10.21 19.10
C ARG A 347 43.85 10.54 19.79
N VAL A 348 42.78 9.92 19.30
CA VAL A 348 41.45 10.16 19.85
C VAL A 348 40.79 8.83 20.09
N ARG A 349 39.70 8.84 20.85
CA ARG A 349 38.78 7.68 20.87
C ARG A 349 37.39 8.18 20.62
N VAL A 350 36.66 7.38 19.82
CA VAL A 350 35.24 7.69 19.59
C VAL A 350 34.38 7.31 20.81
N LEU A 351 33.27 8.00 20.97
CA LEU A 351 32.42 7.80 22.14
C LEU A 351 31.04 7.47 21.61
N ASP A 352 30.04 7.34 22.49
CA ASP A 352 28.77 6.78 22.07
C ASP A 352 28.12 7.61 20.99
N GLY A 353 28.31 8.92 21.03
CA GLY A 353 27.56 9.80 20.10
C GLY A 353 27.94 9.55 18.62
N TYR A 354 29.15 9.00 18.40
CA TYR A 354 29.72 8.78 17.07
C TYR A 354 28.97 7.63 16.31
N LYS A 355 28.54 6.61 17.05
CA LYS A 355 27.70 5.53 16.57
C LYS A 355 26.56 6.12 15.70
N GLY A 356 26.73 5.94 14.38
CA GLY A 356 25.79 6.34 13.34
C GLY A 356 26.03 7.70 12.69
N ASN A 357 24.95 8.18 12.04
CA ASN A 357 24.84 9.38 11.23
C ASN A 357 25.01 10.76 11.90
N THR A 358 26.11 10.90 12.61
CA THR A 358 26.33 12.11 13.38
C THR A 358 27.67 12.74 13.07
N HIS A 359 28.23 12.41 11.89
CA HIS A 359 29.46 13.04 11.45
C HIS A 359 29.59 12.88 9.90
N MET A 360 30.63 13.51 9.37
CA MET A 360 30.89 13.43 7.93
C MET A 360 32.01 12.43 7.67
N GLY A 361 32.31 12.17 6.40
CA GLY A 361 33.35 11.17 6.11
C GLY A 361 34.61 11.90 5.75
N GLY A 362 35.75 11.41 6.25
CA GLY A 362 37.00 12.10 5.88
C GLY A 362 37.28 12.16 4.38
N TRP A 363 37.06 11.08 3.64
CA TRP A 363 37.52 10.98 2.27
C TRP A 363 36.90 12.08 1.35
N ASN A 364 35.67 12.51 1.66
CA ASN A 364 35.09 13.62 0.89
C ASN A 364 34.89 14.89 1.68
N THR A 365 35.71 15.13 2.70
CA THR A 365 35.62 16.40 3.43
C THR A 365 36.90 17.23 3.42
N GLY A 366 38.03 16.61 3.70
CA GLY A 366 39.30 17.36 3.77
C GLY A 366 40.50 16.43 4.05
N ASN A 367 41.68 16.97 3.73
CA ASN A 367 43.01 16.29 3.91
C ASN A 367 43.05 15.32 5.09
N ASN A 368 43.15 14.04 4.77
CA ASN A 368 43.01 13.03 5.82
C ASN A 368 44.27 13.01 6.74
N TRP A 369 45.31 13.73 6.35
CA TRP A 369 46.57 13.74 7.12
C TRP A 369 46.44 14.56 8.35
N ILE A 370 45.44 15.43 8.38
CA ILE A 370 45.19 16.28 9.51
C ILE A 370 44.09 15.70 10.41
N LEU A 371 43.51 14.59 9.98
CA LEU A 371 42.54 13.81 10.87
C LEU A 371 43.26 13.21 12.09
N TYR A 372 42.73 13.41 13.31
CA TYR A 372 43.24 12.63 14.45
C TYR A 372 43.13 11.09 14.19
N ILE A 373 44.03 10.27 14.80
CA ILE A 373 44.04 8.83 14.51
C ILE A 373 43.30 8.16 15.68
N ASN A 374 42.29 7.36 15.36
CA ASN A 374 41.46 6.75 16.39
C ASN A 374 42.20 5.64 17.14
N GLU A 375 41.75 5.40 18.36
CA GLU A 375 42.37 4.43 19.26
C GLU A 375 42.50 3.02 18.71
N ASN A 376 41.58 2.61 17.83
CA ASN A 376 41.60 1.25 17.31
C ASN A 376 42.68 1.00 16.26
N VAL A 377 43.39 2.06 15.86
CA VAL A 377 44.43 1.93 14.86
C VAL A 377 45.74 1.47 15.56
N THR A 378 46.27 0.34 15.11
CA THR A 378 47.48 -0.24 15.70
C THR A 378 48.77 0.37 15.16
N ASP A 379 49.86 0.17 15.92
CA ASP A 379 51.17 0.58 15.45
C ASP A 379 51.55 -0.14 14.17
N GLN A 380 51.17 -1.41 14.03
CA GLN A 380 51.46 -2.09 12.81
C GLN A 380 50.68 -1.37 11.66
N GLN A 381 49.42 -1.02 11.88
CA GLN A 381 48.67 -0.34 10.78
C GLN A 381 49.32 0.96 10.34
N ILE A 382 49.80 1.73 11.32
CA ILE A 382 50.47 3.01 11.08
C ILE A 382 51.73 2.79 10.25
N GLU A 383 52.51 1.79 10.61
CA GLU A 383 53.71 1.44 9.86
C GLU A 383 53.37 0.90 8.47
N ASN A 384 52.31 0.08 8.34
CA ASN A 384 51.92 -0.41 6.99
C ASN A 384 51.51 0.72 6.07
N SER A 385 50.86 1.72 6.65
CA SER A 385 50.29 2.81 5.87
C SER A 385 51.46 3.59 5.28
N LYS A 386 52.46 3.85 6.14
CA LYS A 386 53.62 4.66 5.80
C LYS A 386 54.35 3.92 4.68
N LYS A 387 54.49 2.62 4.80
CA LYS A 387 55.23 1.83 3.84
C LYS A 387 54.50 1.75 2.51
N GLU A 388 53.17 1.62 2.57
CA GLU A 388 52.33 1.51 1.36
C GLU A 388 52.35 2.82 0.57
N LEU A 389 52.28 3.92 1.29
CA LEU A 389 52.32 5.20 0.64
C LEU A 389 53.67 5.38 -0.04
N ALA A 390 54.76 5.03 0.65
CA ALA A 390 56.12 5.21 0.11
C ALA A 390 56.37 4.33 -1.12
N GLU A 391 55.82 3.12 -1.15
CA GLU A 391 56.02 2.23 -2.27
C GLU A 391 55.01 2.30 -3.43
N ALA A 392 53.95 3.10 -3.28
CA ALA A 392 52.90 3.10 -4.32
C ALA A 392 53.42 3.59 -5.67
N LYS A 393 53.09 2.90 -6.73
CA LYS A 393 53.59 3.26 -8.03
C LYS A 393 52.48 4.01 -8.79
N GLU A 394 52.86 4.61 -9.93
CA GLU A 394 51.91 5.28 -10.87
C GLU A 394 51.51 4.35 -11.97
N SER A 395 50.21 4.27 -12.32
CA SER A 395 49.79 3.70 -13.59
C SER A 395 50.51 4.38 -14.78
N PRO A 396 50.86 3.63 -15.86
CA PRO A 396 51.45 4.28 -17.06
C PRO A 396 50.55 5.31 -17.72
N ALA A 397 49.25 5.23 -17.43
CA ALA A 397 48.27 6.18 -17.98
C ALA A 397 47.81 7.23 -16.99
N LEU A 398 48.41 7.26 -15.82
CA LEU A 398 48.14 8.37 -14.85
C LEU A 398 48.45 9.70 -15.50
N GLY A 399 47.50 10.64 -15.49
CA GLY A 399 47.79 11.89 -16.20
C GLY A 399 47.42 11.97 -17.67
N PHE A 400 47.09 10.82 -18.28
CA PHE A 400 46.55 10.86 -19.61
C PHE A 400 45.05 11.19 -19.44
N ILE A 401 44.74 12.43 -19.80
CA ILE A 401 43.43 13.02 -19.60
C ILE A 401 42.95 13.38 -20.99
N PHE A 402 41.85 12.78 -21.39
CA PHE A 402 41.34 12.93 -22.77
C PHE A 402 40.81 14.34 -23.07
N ASN A 403 41.22 14.92 -24.20
CA ASN A 403 40.74 16.24 -24.63
C ASN A 403 39.53 16.09 -25.53
N THR A 404 38.43 16.73 -25.13
CA THR A 404 37.16 16.46 -25.81
C THR A 404 36.88 17.46 -26.92
N ASP A 405 37.81 18.37 -27.15
CA ASP A 405 37.53 19.48 -28.12
C ASP A 405 36.96 19.05 -29.47
N ASN A 406 37.53 18.00 -30.03
CA ASN A 406 37.09 17.53 -31.35
C ASN A 406 35.89 16.61 -31.36
N VAL A 407 35.34 16.28 -30.19
CA VAL A 407 34.34 15.21 -30.13
C VAL A 407 33.23 15.55 -29.16
N LYS A 408 32.96 16.83 -29.01
CA LYS A 408 32.02 17.33 -28.02
CA LYS A 408 32.02 17.33 -28.00
C LYS A 408 30.62 16.69 -28.17
N SER A 409 30.07 16.74 -29.38
CA SER A 409 28.76 16.10 -29.61
C SER A 409 28.78 14.57 -29.48
N GLU A 410 29.88 13.93 -29.90
CA GLU A 410 29.96 12.49 -29.93
C GLU A 410 30.07 11.97 -28.50
N ILE A 411 30.81 12.70 -27.65
CA ILE A 411 30.89 12.38 -26.19
C ILE A 411 29.51 12.45 -25.59
N SER A 412 28.75 13.52 -25.86
CA SER A 412 27.38 13.60 -25.30
C SER A 412 26.49 12.47 -25.72
N ALA A 413 26.58 12.13 -27.02
CA ALA A 413 25.83 11.03 -27.60
C ALA A 413 26.14 9.69 -26.96
N ILE A 414 27.43 9.30 -26.89
CA ILE A 414 27.89 8.14 -26.11
C ILE A 414 27.32 8.15 -24.67
N ALA A 415 27.50 9.25 -23.93
CA ALA A 415 27.03 9.33 -22.53
C ALA A 415 25.54 9.08 -22.45
N ASN A 416 24.78 9.68 -23.39
CA ASN A 416 23.36 9.50 -23.43
C ASN A 416 22.97 8.00 -23.62
N THR A 417 23.61 7.33 -24.58
CA THR A 417 23.38 5.92 -24.83
C THR A 417 23.78 5.10 -23.58
N MET A 418 24.94 5.43 -23.01
CA MET A 418 25.41 4.70 -21.82
C MET A 418 24.43 4.79 -20.63
N GLN A 419 23.97 6.01 -20.30
CA GLN A 419 23.02 6.24 -19.16
C GLN A 419 21.78 5.34 -19.24
N GLN A 420 21.33 5.08 -20.48
CA GLN A 420 20.09 4.37 -20.75
C GLN A 420 20.23 2.86 -20.65
N PHE A 421 21.42 2.33 -20.89
CA PHE A 421 21.64 0.89 -20.82
C PHE A 421 22.61 0.39 -19.73
N ASP A 422 23.41 1.26 -19.14
CA ASP A 422 24.57 0.70 -18.38
C ASP A 422 24.25 0.21 -16.96
N THR A 423 23.26 0.82 -16.32
CA THR A 423 22.83 0.30 -15.00
C THR A 423 22.40 -1.18 -15.03
N ALA A 424 21.58 -1.54 -15.99
CA ALA A 424 21.14 -2.95 -16.06
C ALA A 424 22.33 -3.92 -16.27
N ILE A 425 23.31 -3.50 -17.08
CA ILE A 425 24.52 -4.33 -17.33
C ILE A 425 25.44 -4.40 -16.12
N ASN A 426 25.83 -3.20 -15.66
CA ASN A 426 26.77 -3.10 -14.53
C ASN A 426 26.36 -3.77 -13.24
N THR A 427 25.05 -3.85 -12.97
CA THR A 427 24.55 -4.47 -11.72
C THR A 427 24.27 -5.96 -11.86
N GLY A 428 24.40 -6.47 -13.08
CA GLY A 428 24.12 -7.88 -13.35
C GLY A 428 22.64 -8.14 -13.59
N THR A 429 21.81 -7.09 -13.65
CA THR A 429 20.36 -7.35 -13.77
C THR A 429 19.99 -8.08 -15.08
N VAL A 430 20.50 -7.54 -16.18
CA VAL A 430 20.29 -8.14 -17.51
C VAL A 430 21.47 -9.06 -17.92
N ASP A 431 21.19 -10.02 -18.81
CA ASP A 431 22.23 -10.94 -19.21
C ASP A 431 23.18 -10.18 -20.13
N PRO A 432 24.49 -10.11 -19.75
CA PRO A 432 25.43 -9.28 -20.52
C PRO A 432 25.67 -9.86 -21.95
N ASP A 433 25.49 -11.18 -22.09
CA ASP A 433 25.54 -11.83 -23.42
C ASP A 433 24.52 -11.35 -24.37
N LYS A 434 23.35 -10.90 -23.87
CA LYS A 434 22.39 -10.21 -24.72
C LYS A 434 22.63 -8.70 -24.76
N ALA A 435 22.94 -8.11 -23.60
CA ALA A 435 22.89 -6.63 -23.46
C ALA A 435 24.08 -5.92 -24.02
N ILE A 436 25.28 -6.50 -23.90
CA ILE A 436 26.49 -5.83 -24.40
C ILE A 436 26.41 -5.67 -25.92
N PRO A 437 26.05 -6.75 -26.67
CA PRO A 437 25.82 -6.54 -28.13
C PRO A 437 24.76 -5.49 -28.50
N GLU A 438 23.65 -5.39 -27.77
CA GLU A 438 22.66 -4.32 -28.00
C GLU A 438 23.28 -2.92 -27.73
N LEU A 439 24.03 -2.82 -26.62
CA LEU A 439 24.67 -1.54 -26.30
C LEU A 439 25.71 -1.15 -27.38
N MET A 440 26.57 -2.08 -27.77
CA MET A 440 27.59 -1.87 -28.82
C MET A 440 26.96 -1.45 -30.15
N GLU A 441 25.90 -2.15 -30.55
CA GLU A 441 25.16 -1.75 -31.74
C GLU A 441 24.62 -0.34 -31.63
N LYS A 442 24.00 0.02 -30.52
CA LYS A 442 23.51 1.38 -30.36
C LYS A 442 24.68 2.37 -30.35
N LEU A 443 25.80 2.03 -29.71
CA LEU A 443 26.92 2.99 -29.65
C LEU A 443 27.49 3.27 -31.03
N LYS A 444 27.57 2.20 -31.85
CA LYS A 444 28.13 2.27 -33.18
C LYS A 444 27.12 2.73 -34.24
N SER A 445 25.86 2.91 -33.89
CA SER A 445 24.86 3.06 -34.93
C SER A 445 25.09 4.38 -35.67
N GLU A 446 25.55 5.42 -35.00
CA GLU A 446 25.80 6.68 -35.68
C GLU A 446 27.30 7.03 -35.74
N GLY A 447 28.17 6.08 -35.37
CA GLY A 447 29.60 6.33 -35.43
C GLY A 447 30.19 7.33 -34.42
N ALA A 448 29.41 7.75 -33.41
CA ALA A 448 29.97 8.58 -32.30
C ALA A 448 31.06 7.75 -31.58
N TYR A 449 30.76 6.47 -31.39
CA TYR A 449 31.68 5.53 -30.76
C TYR A 449 33.07 5.53 -31.40
N GLU A 450 33.12 5.26 -32.71
CA GLU A 450 34.37 5.09 -33.43
C GLU A 450 35.19 6.36 -33.46
N LYS A 451 34.50 7.45 -33.68
CA LYS A 451 35.15 8.74 -33.70
C LYS A 451 35.87 9.07 -32.36
N VAL A 452 35.18 8.78 -31.26
CA VAL A 452 35.74 9.07 -29.92
C VAL A 452 36.87 8.08 -29.66
N LEU A 453 36.63 6.81 -29.95
CA LEU A 453 37.73 5.86 -29.71
C LEU A 453 39.01 6.24 -30.50
N ASN A 454 38.85 6.64 -31.77
CA ASN A 454 40.01 6.87 -32.60
C ASN A 454 40.76 8.10 -32.07
N GLU A 455 39.99 9.09 -31.67
CA GLU A 455 40.59 10.34 -31.19
C GLU A 455 41.33 10.05 -29.87
N MET A 456 40.77 9.19 -29.02
CA MET A 456 41.40 8.86 -27.74
C MET A 456 42.66 8.08 -27.98
N GLN A 457 42.65 7.21 -28.99
CA GLN A 457 43.85 6.40 -29.27
C GLN A 457 44.97 7.30 -29.86
N LYS A 458 44.60 8.16 -30.77
CA LYS A 458 45.52 9.15 -31.31
C LYS A 458 46.12 10.03 -30.16
N GLN A 459 45.31 10.52 -29.16
CA GLN A 459 45.89 11.33 -28.12
C GLN A 459 46.79 10.52 -27.25
N TYR A 460 46.41 9.28 -26.98
CA TYR A 460 47.18 8.42 -26.15
C TYR A 460 48.53 8.07 -26.82
N ASP A 461 48.50 7.84 -28.12
CA ASP A 461 49.75 7.62 -28.85
C ASP A 461 50.75 8.79 -28.62
N GLU A 462 50.23 10.02 -28.67
CA GLU A 462 51.05 11.25 -28.53
C GLU A 462 51.56 11.37 -27.12
N PHE A 463 50.68 11.10 -26.16
CA PHE A 463 51.05 11.13 -24.77
C PHE A 463 52.24 10.23 -24.50
N LEU A 464 52.17 9.02 -25.03
CA LEU A 464 53.25 8.08 -24.76
C LEU A 464 54.48 8.43 -25.59
N LYS A 465 54.24 8.85 -26.80
CA LYS A 465 55.39 9.19 -27.73
C LYS A 465 56.29 10.29 -27.10
N ASN A 466 55.65 11.29 -26.52
CA ASN A 466 56.36 12.53 -26.09
C ASN A 466 57.14 12.38 -24.80
N LYS A 467 56.87 11.31 -24.09
CA LYS A 467 57.66 10.93 -22.96
C LYS A 467 58.90 10.16 -23.34
N LYS A 468 59.02 9.72 -24.58
CA LYS A 468 60.26 8.97 -24.97
C LYS A 468 61.32 9.98 -25.41
N LEU A 469 62.53 9.84 -24.86
CA LEU A 469 63.68 10.76 -25.17
C LEU A 469 64.01 10.64 -26.66
N GLU A 470 64.32 11.76 -27.34
CA GLU A 470 64.59 11.77 -28.79
C GLU A 470 66.03 11.30 -29.03
N PRO B 18 -7.59 0.40 15.34
CA PRO B 18 -8.44 -0.44 14.49
C PRO B 18 -8.54 -1.89 14.98
N VAL B 19 -9.66 -2.54 14.65
CA VAL B 19 -9.80 -3.98 14.94
C VAL B 19 -9.32 -4.74 13.73
N ILE B 20 -8.36 -5.65 13.96
CA ILE B 20 -7.74 -6.45 12.91
C ILE B 20 -8.52 -7.76 12.94
N LYS B 21 -9.11 -8.13 11.80
CA LYS B 21 -9.94 -9.31 11.74
C LYS B 21 -9.13 -10.46 11.18
N MET B 22 -9.00 -11.54 12.01
CA MET B 22 -8.20 -12.69 11.67
C MET B 22 -9.11 -13.92 11.63
N TYR B 23 -9.09 -14.64 10.52
CA TYR B 23 -9.79 -15.88 10.45
C TYR B 23 -8.88 -17.03 10.81
N GLN B 24 -9.45 -17.98 11.55
CA GLN B 24 -8.69 -19.17 11.96
C GLN B 24 -9.48 -20.47 11.61
N ILE B 25 -8.74 -21.56 11.30
CA ILE B 25 -9.34 -22.87 11.04
C ILE B 25 -9.72 -23.54 12.36
N GLY B 26 -10.78 -24.38 12.31
CA GLY B 26 -11.16 -25.24 13.46
C GLY B 26 -12.12 -24.59 14.41
N ASP B 27 -12.20 -25.09 15.66
CA ASP B 27 -13.27 -24.68 16.58
C ASP B 27 -12.73 -23.81 17.68
N LYS B 28 -13.45 -22.78 17.98
CA LYS B 28 -12.97 -21.81 18.91
C LYS B 28 -12.80 -22.36 20.30
N PRO B 29 -11.79 -21.84 21.07
CA PRO B 29 -11.70 -22.10 22.52
C PRO B 29 -12.97 -21.58 23.18
N ASP B 30 -13.40 -22.27 24.25
CA ASP B 30 -14.58 -21.85 25.05
C ASP B 30 -14.29 -20.54 25.69
N ASN B 31 -13.00 -20.21 25.86
CA ASN B 31 -12.63 -18.97 26.52
C ASN B 31 -11.93 -18.01 25.58
N LEU B 32 -12.28 -18.02 24.31
CA LEU B 32 -11.67 -17.10 23.33
C LEU B 32 -11.75 -15.66 23.77
N ASP B 33 -12.93 -15.26 24.25
CA ASP B 33 -13.06 -13.87 24.66
C ASP B 33 -12.02 -13.48 25.76
N GLU B 34 -11.71 -14.41 26.65
CA GLU B 34 -10.67 -14.20 27.67
C GLU B 34 -9.21 -14.20 27.11
N LEU B 35 -8.91 -15.17 26.25
CA LEU B 35 -7.58 -15.24 25.60
C LEU B 35 -7.34 -13.95 24.79
N LEU B 36 -8.35 -13.51 24.02
CA LEU B 36 -8.25 -12.28 23.20
C LEU B 36 -8.08 -11.05 24.08
N ALA B 37 -8.87 -10.95 25.15
CA ALA B 37 -8.68 -9.79 26.06
C ALA B 37 -7.25 -9.75 26.63
N ASN B 38 -6.74 -10.91 27.02
CA ASN B 38 -5.37 -10.97 27.52
C ASN B 38 -4.35 -10.60 26.45
N ALA B 39 -4.47 -11.20 25.26
CA ALA B 39 -3.52 -10.97 24.16
C ALA B 39 -3.54 -9.47 23.85
N ASN B 40 -4.73 -8.88 23.87
CA ASN B 40 -4.92 -7.49 23.39
C ASN B 40 -4.24 -6.48 24.35
N LYS B 41 -3.98 -6.87 25.60
CA LYS B 41 -3.10 -6.02 26.48
C LYS B 41 -1.72 -5.74 25.87
N ILE B 42 -1.03 -6.79 25.40
CA ILE B 42 0.24 -6.64 24.71
C ILE B 42 0.06 -6.01 23.33
N ILE B 43 -0.85 -6.56 22.51
CA ILE B 43 -1.00 -6.11 21.12
C ILE B 43 -1.38 -4.60 21.07
N GLU B 44 -2.41 -4.21 21.81
CA GLU B 44 -2.84 -2.77 21.82
C GLU B 44 -1.70 -1.83 22.17
N GLU B 45 -0.86 -2.27 23.09
CA GLU B 45 0.23 -1.46 23.57
C GLU B 45 1.35 -1.30 22.53
N LYS B 46 1.79 -2.41 21.92
CA LYS B 46 2.93 -2.38 20.99
C LYS B 46 2.52 -1.94 19.60
N VAL B 47 1.29 -2.23 19.22
CA VAL B 47 0.86 -2.12 17.85
C VAL B 47 -0.14 -1.01 17.63
N GLY B 48 -0.90 -0.66 18.66
CA GLY B 48 -1.99 0.27 18.47
C GLY B 48 -3.14 -0.26 17.64
N ALA B 49 -3.47 -1.54 17.81
CA ALA B 49 -4.61 -2.17 17.16
C ALA B 49 -5.14 -3.25 18.13
N LYS B 50 -6.35 -3.75 17.89
CA LYS B 50 -6.94 -4.79 18.69
C LYS B 50 -7.18 -6.00 17.76
N LEU B 51 -6.80 -7.20 18.19
CA LEU B 51 -7.01 -8.41 17.40
C LEU B 51 -8.38 -9.07 17.67
N ASP B 52 -9.13 -9.43 16.62
CA ASP B 52 -10.32 -10.31 16.79
C ASP B 52 -10.10 -11.52 15.95
N ILE B 53 -10.47 -12.71 16.46
CA ILE B 53 -10.28 -13.95 15.68
C ILE B 53 -11.64 -14.62 15.51
N GLN B 54 -11.97 -14.97 14.28
CA GLN B 54 -13.15 -15.75 13.96
C GLN B 54 -12.78 -17.12 13.45
N TYR B 55 -13.22 -18.15 14.18
CA TYR B 55 -13.07 -19.52 13.74
C TYR B 55 -14.10 -20.00 12.77
N LEU B 56 -13.72 -20.79 11.78
CA LEU B 56 -14.59 -21.19 10.68
C LEU B 56 -14.86 -22.71 10.59
N GLY B 57 -14.34 -23.45 11.58
CA GLY B 57 -14.51 -24.94 11.64
C GLY B 57 -13.61 -25.75 10.73
N TRP B 58 -13.84 -27.08 10.69
CA TRP B 58 -12.92 -28.00 9.94
C TRP B 58 -13.37 -28.41 8.53
N GLY B 59 -14.50 -29.11 8.52
CA GLY B 59 -14.99 -29.78 7.35
C GLY B 59 -15.25 -28.93 6.15
N ASP B 60 -15.57 -27.65 6.40
CA ASP B 60 -15.92 -26.82 5.28
C ASP B 60 -15.02 -25.59 5.22
N TYR B 61 -13.84 -25.64 5.83
CA TYR B 61 -12.99 -24.44 5.83
C TYR B 61 -12.63 -23.95 4.44
N GLY B 62 -12.21 -24.86 3.58
CA GLY B 62 -11.87 -24.53 2.20
C GLY B 62 -13.02 -23.84 1.48
N LYS B 63 -14.24 -24.34 1.68
CA LYS B 63 -15.44 -23.75 1.05
C LYS B 63 -15.71 -22.38 1.55
N LYS B 64 -15.62 -22.23 2.86
CA LYS B 64 -15.88 -20.93 3.51
C LYS B 64 -14.88 -19.91 3.07
N MET B 65 -13.60 -20.29 3.15
CA MET B 65 -12.52 -19.33 2.78
C MET B 65 -12.58 -18.97 1.32
N SER B 66 -12.90 -19.96 0.44
CA SER B 66 -13.01 -19.67 -0.99
C SER B 66 -14.03 -18.57 -1.30
N VAL B 67 -15.15 -18.60 -0.59
CA VAL B 67 -16.21 -17.57 -0.72
C VAL B 67 -15.69 -16.22 -0.25
N ILE B 68 -15.00 -16.21 0.92
CA ILE B 68 -14.42 -14.98 1.43
C ILE B 68 -13.43 -14.36 0.39
N THR B 69 -12.52 -15.17 -0.11
CA THR B 69 -11.46 -14.63 -0.89
C THR B 69 -11.97 -14.38 -2.35
N SER B 70 -12.82 -15.24 -2.86
CA SER B 70 -13.33 -14.98 -4.23
C SER B 70 -14.27 -13.79 -4.30
N SER B 71 -15.01 -13.52 -3.22
CA SER B 71 -15.81 -12.30 -3.11
C SER B 71 -15.02 -11.05 -2.74
N GLY B 72 -13.78 -11.19 -2.30
CA GLY B 72 -12.98 -10.02 -1.90
C GLY B 72 -13.62 -9.41 -0.65
N GLU B 73 -14.18 -10.26 0.22
CA GLU B 73 -14.72 -9.76 1.52
C GLU B 73 -13.64 -9.13 2.38
N ASN B 74 -14.05 -8.22 3.25
CA ASN B 74 -13.13 -7.56 4.17
C ASN B 74 -12.60 -8.54 5.19
N TYR B 75 -11.27 -8.64 5.26
CA TYR B 75 -10.61 -9.28 6.39
C TYR B 75 -9.16 -8.81 6.37
N ASP B 76 -8.40 -9.10 7.43
CA ASP B 76 -7.01 -8.73 7.50
C ASP B 76 -6.10 -9.93 7.43
N ILE B 77 -6.30 -10.88 8.33
CA ILE B 77 -5.36 -12.06 8.36
C ILE B 77 -6.19 -13.33 8.27
N ALA B 78 -5.70 -14.35 7.55
CA ALA B 78 -6.35 -15.67 7.62
C ALA B 78 -5.36 -16.78 7.60
N PHE B 79 -5.79 -17.91 8.19
CA PHE B 79 -5.15 -19.22 7.94
C PHE B 79 -5.49 -19.59 6.51
N ALA B 80 -4.50 -19.63 5.62
CA ALA B 80 -4.69 -19.86 4.20
C ALA B 80 -5.26 -21.22 3.83
N ASP B 81 -6.11 -21.19 2.80
CA ASP B 81 -6.55 -22.43 2.17
C ASP B 81 -6.16 -22.38 0.71
N ASN B 82 -5.58 -23.47 0.19
CA ASN B 82 -5.19 -23.53 -1.23
CA ASN B 82 -5.18 -23.53 -1.23
C ASN B 82 -4.25 -22.37 -1.54
N TYR B 83 -3.24 -22.25 -0.69
CA TYR B 83 -2.30 -21.10 -0.70
C TYR B 83 -1.64 -20.89 -2.10
N ILE B 84 -1.08 -21.94 -2.69
CA ILE B 84 -0.34 -21.75 -3.94
C ILE B 84 -1.25 -21.31 -5.11
N VAL B 85 -2.46 -21.86 -5.21
CA VAL B 85 -3.41 -21.39 -6.24
C VAL B 85 -3.84 -19.94 -6.01
N ASN B 86 -4.17 -19.62 -4.76
CA ASN B 86 -4.77 -18.29 -4.46
C ASN B 86 -3.76 -17.19 -4.42
N ALA B 87 -2.51 -17.54 -4.20
CA ALA B 87 -1.42 -16.52 -4.24
C ALA B 87 -1.30 -16.02 -5.68
N GLN B 88 -1.60 -16.92 -6.64
CA GLN B 88 -1.44 -16.61 -8.06
C GLN B 88 -2.68 -15.97 -8.63
N LYS B 89 -3.76 -15.98 -7.86
CA LYS B 89 -4.97 -15.28 -8.24
C LYS B 89 -5.00 -13.85 -7.66
N GLY B 90 -4.00 -13.46 -6.87
CA GLY B 90 -3.97 -12.10 -6.33
C GLY B 90 -4.77 -11.94 -5.03
N ALA B 91 -5.12 -13.05 -4.37
CA ALA B 91 -5.92 -12.96 -3.16
C ALA B 91 -5.13 -12.41 -1.97
N TYR B 92 -3.81 -12.46 -2.01
CA TYR B 92 -3.01 -12.16 -0.80
C TYR B 92 -2.06 -11.02 -1.06
N ALA B 93 -1.80 -10.29 -0.01
CA ALA B 93 -0.82 -9.17 -0.08
C ALA B 93 0.59 -9.73 -0.25
N ASP B 94 1.35 -9.20 -1.23
CA ASP B 94 2.80 -9.50 -1.29
C ASP B 94 3.44 -9.06 0.02
N LEU B 95 4.18 -9.95 0.68
CA LEU B 95 4.80 -9.65 1.97
C LEU B 95 6.32 -9.34 1.82
N THR B 96 6.81 -9.29 0.60
CA THR B 96 8.27 -9.08 0.37
C THR B 96 8.82 -7.82 1.07
N GLU B 97 8.17 -6.70 0.86
CA GLU B 97 8.57 -5.46 1.53
C GLU B 97 8.24 -5.42 3.01
N LEU B 98 7.07 -5.89 3.39
CA LEU B 98 6.68 -5.98 4.81
C LEU B 98 7.65 -6.79 5.63
N TYR B 99 8.30 -7.83 5.03
CA TYR B 99 9.25 -8.63 5.77
C TYR B 99 10.56 -7.86 6.00
N LYS B 100 10.76 -6.75 5.30
CA LYS B 100 12.00 -5.95 5.52
C LYS B 100 11.94 -5.03 6.71
N LYS B 101 10.75 -4.82 7.26
CA LYS B 101 10.54 -3.89 8.37
C LYS B 101 9.57 -4.55 9.39
N GLU B 102 8.27 -4.49 9.13
CA GLU B 102 7.29 -4.97 10.18
C GLU B 102 7.52 -6.44 10.56
N GLY B 103 7.91 -7.24 9.57
CA GLY B 103 8.09 -8.71 9.77
C GLY B 103 9.55 -9.19 9.88
N LYS B 104 10.50 -8.25 9.99
CA LYS B 104 11.94 -8.59 10.03
C LYS B 104 12.30 -9.62 11.11
N ASP B 105 11.82 -9.42 12.33
CA ASP B 105 12.20 -10.32 13.44
C ASP B 105 11.70 -11.76 13.22
N LEU B 106 10.45 -11.91 12.79
CA LEU B 106 9.89 -13.25 12.49
C LEU B 106 10.63 -13.91 11.33
N TYR B 107 10.94 -13.16 10.26
CA TYR B 107 11.57 -13.75 9.08
C TYR B 107 12.94 -14.35 9.43
N LYS B 108 13.60 -13.76 10.42
CA LYS B 108 14.94 -14.23 10.83
C LYS B 108 14.93 -15.65 11.37
N ALA B 109 13.79 -16.09 11.89
CA ALA B 109 13.71 -17.41 12.47
C ALA B 109 13.33 -18.52 11.47
N LEU B 110 13.01 -18.15 10.23
CA LEU B 110 12.65 -19.16 9.20
C LEU B 110 13.78 -19.97 8.55
N ASP B 111 13.63 -21.28 8.61
CA ASP B 111 14.46 -22.18 7.86
C ASP B 111 14.22 -21.80 6.41
N PRO B 112 15.26 -21.87 5.59
CA PRO B 112 15.06 -21.51 4.21
C PRO B 112 14.03 -22.39 3.51
N ALA B 113 13.75 -23.62 4.03
CA ALA B 113 12.75 -24.47 3.38
C ALA B 113 11.40 -23.71 3.43
N TYR B 114 11.17 -22.97 4.50
CA TYR B 114 9.92 -22.20 4.63
C TYR B 114 9.85 -21.13 3.55
N ILE B 115 11.00 -20.56 3.20
CA ILE B 115 11.02 -19.58 2.12
C ILE B 115 10.79 -20.21 0.72
N LYS B 116 11.54 -21.25 0.39
CA LYS B 116 11.39 -21.97 -0.86
C LYS B 116 9.98 -22.52 -1.08
N GLY B 117 9.42 -23.05 0.00
CA GLY B 117 8.12 -23.74 -0.04
C GLY B 117 6.97 -22.76 -0.22
N ASN B 118 7.23 -21.49 0.08
CA ASN B 118 6.15 -20.49 0.10
C ASN B 118 6.32 -19.30 -0.85
N THR B 119 7.37 -19.37 -1.67
CA THR B 119 7.60 -18.33 -2.68
C THR B 119 6.93 -18.72 -4.01
N VAL B 120 6.20 -17.79 -4.62
CA VAL B 120 5.51 -18.02 -5.90
C VAL B 120 5.71 -16.79 -6.78
N ASN B 121 6.18 -16.97 -8.04
CA ASN B 121 6.46 -15.81 -8.88
C ASN B 121 7.52 -14.91 -8.28
N GLY B 122 8.44 -15.48 -7.50
CA GLY B 122 9.49 -14.69 -6.82
C GLY B 122 9.00 -13.81 -5.68
N LYS B 123 7.76 -14.03 -5.23
CA LYS B 123 7.24 -13.23 -4.12
C LYS B 123 6.76 -14.18 -3.04
N ILE B 124 6.86 -13.77 -1.79
CA ILE B 124 6.31 -14.59 -0.69
C ILE B 124 5.00 -13.98 -0.14
N TYR B 125 3.98 -14.81 0.01
CA TYR B 125 2.65 -14.28 0.39
C TYR B 125 2.21 -14.83 1.75
N ALA B 126 3.09 -15.54 2.47
CA ALA B 126 2.67 -16.12 3.74
C ALA B 126 3.65 -15.81 4.87
N VAL B 127 3.09 -15.76 6.08
CA VAL B 127 3.82 -15.94 7.31
C VAL B 127 3.61 -17.39 7.74
N PRO B 128 4.63 -18.22 7.50
CA PRO B 128 4.43 -19.64 7.86
C PRO B 128 4.82 -19.76 9.36
N VAL B 129 4.18 -20.66 10.09
CA VAL B 129 4.52 -20.80 11.49
C VAL B 129 5.80 -21.68 11.57
N ALA B 130 6.81 -21.18 12.25
CA ALA B 130 8.09 -21.91 12.26
C ALA B 130 7.95 -23.02 13.31
N ALA B 131 7.91 -24.26 12.85
CA ALA B 131 7.62 -25.37 13.76
C ALA B 131 8.10 -26.68 13.10
N ASN B 132 7.20 -27.57 12.68
CA ASN B 132 7.61 -28.83 11.98
C ASN B 132 7.91 -28.67 10.52
N VAL B 133 9.06 -27.99 10.26
CA VAL B 133 9.52 -27.83 8.87
C VAL B 133 9.74 -29.16 8.18
N ALA B 134 10.12 -30.18 8.99
CA ALA B 134 9.99 -31.61 8.55
C ALA B 134 9.03 -32.33 9.52
N SER B 135 8.35 -33.35 9.00
CA SER B 135 7.48 -34.16 9.86
C SER B 135 7.22 -35.48 9.20
N SER B 136 6.56 -36.35 9.97
CA SER B 136 6.02 -37.56 9.37
C SER B 136 4.56 -37.70 9.78
N GLN B 137 3.86 -38.50 9.01
CA GLN B 137 2.49 -38.89 9.32
C GLN B 137 2.60 -40.13 10.20
N ASN B 138 1.73 -40.23 11.21
CA ASN B 138 1.80 -41.26 12.22
C ASN B 138 0.42 -41.66 12.59
N PHE B 139 0.27 -42.95 12.96
CA PHE B 139 -0.92 -43.36 13.67
C PHE B 139 -0.68 -43.06 15.08
N ALA B 140 -1.64 -42.39 15.69
CA ALA B 140 -1.60 -42.05 17.09
C ALA B 140 -2.68 -42.85 17.82
N PHE B 141 -2.27 -43.62 18.84
CA PHE B 141 -3.15 -44.56 19.58
C PHE B 141 -3.51 -44.06 20.97
N ASN B 142 -4.80 -44.28 21.32
CA ASN B 142 -5.38 -43.97 22.62
C ASN B 142 -4.81 -45.00 23.61
N GLY B 143 -3.89 -44.55 24.46
CA GLY B 143 -3.10 -45.49 25.25
C GLY B 143 -3.93 -46.08 26.39
N THR B 144 -5.00 -45.41 26.81
CA THR B 144 -5.90 -45.96 27.85
C THR B 144 -6.51 -47.25 27.31
N LEU B 145 -7.01 -47.19 26.06
CA LEU B 145 -7.55 -48.40 25.39
C LEU B 145 -6.47 -49.42 25.04
N LEU B 146 -5.31 -48.96 24.59
CA LEU B 146 -4.22 -49.92 24.35
C LEU B 146 -3.97 -50.79 25.60
N ALA B 147 -3.99 -50.14 26.75
CA ALA B 147 -3.62 -50.76 28.03
C ALA B 147 -4.75 -51.63 28.52
N LYS B 148 -5.96 -51.07 28.55
CA LYS B 148 -7.14 -51.81 28.96
C LYS B 148 -7.31 -53.11 28.18
N TYR B 149 -6.98 -53.12 26.91
CA TYR B 149 -7.30 -54.29 26.11
C TYR B 149 -6.05 -55.06 25.72
N GLY B 150 -4.88 -54.59 26.14
CA GLY B 150 -3.60 -55.21 25.79
C GLY B 150 -3.41 -55.44 24.29
N ILE B 151 -3.67 -54.44 23.43
CA ILE B 151 -3.60 -54.65 21.98
C ILE B 151 -2.18 -54.40 21.51
N ASP B 152 -1.66 -55.27 20.67
CA ASP B 152 -0.26 -55.18 20.25
C ASP B 152 -0.20 -54.36 18.95
N ILE B 153 0.48 -53.23 18.98
CA ILE B 153 0.63 -52.36 17.78
C ILE B 153 2.04 -52.36 17.14
N SER B 154 2.93 -53.24 17.62
CA SER B 154 4.29 -53.23 17.09
C SER B 154 4.33 -53.66 15.61
N GLY B 155 3.27 -54.28 15.11
CA GLY B 155 3.25 -54.60 13.68
C GLY B 155 2.75 -53.49 12.76
N VAL B 156 2.38 -52.35 13.34
CA VAL B 156 1.68 -51.35 12.53
C VAL B 156 2.68 -50.38 11.89
N THR B 157 2.70 -50.37 10.57
CA THR B 157 3.65 -49.56 9.76
C THR B 157 3.00 -48.89 8.58
N SER B 158 1.68 -49.05 8.42
CA SER B 158 1.01 -48.68 7.20
C SER B 158 -0.49 -48.86 7.34
N TYR B 159 -1.25 -48.24 6.44
CA TYR B 159 -2.72 -48.41 6.46
C TYR B 159 -3.11 -49.87 6.43
N GLU B 160 -2.44 -50.62 5.56
CA GLU B 160 -2.72 -52.07 5.41
C GLU B 160 -2.49 -52.83 6.71
N THR B 161 -1.36 -52.57 7.39
CA THR B 161 -1.05 -53.25 8.61
C THR B 161 -1.76 -52.73 9.83
N LEU B 162 -2.59 -51.68 9.67
CA LEU B 162 -3.42 -51.22 10.77
C LEU B 162 -4.63 -52.17 10.96
N GLU B 163 -5.09 -52.80 9.87
CA GLU B 163 -6.32 -53.60 9.89
C GLU B 163 -6.46 -54.61 11.04
N PRO B 164 -5.44 -55.43 11.33
CA PRO B 164 -5.63 -56.41 12.41
C PRO B 164 -5.89 -55.76 13.79
N VAL B 165 -5.37 -54.55 14.06
CA VAL B 165 -5.63 -53.97 15.37
C VAL B 165 -7.05 -53.32 15.38
N LEU B 166 -7.53 -52.90 14.21
CA LEU B 166 -8.89 -52.33 14.09
C LEU B 166 -9.89 -53.47 14.34
N LYS B 167 -9.60 -54.68 13.78
CA LYS B 167 -10.45 -55.84 14.01
C LYS B 167 -10.56 -56.12 15.52
N GLN B 168 -9.42 -56.05 16.23
CA GLN B 168 -9.44 -56.32 17.66
C GLN B 168 -10.21 -55.33 18.49
N ILE B 169 -10.01 -54.04 18.24
CA ILE B 169 -10.77 -53.04 19.02
C ILE B 169 -12.29 -53.07 18.73
N LYS B 170 -12.67 -53.35 17.46
CA LYS B 170 -14.09 -53.45 17.05
C LYS B 170 -14.69 -54.63 17.84
N GLU B 171 -13.92 -55.72 17.97
CA GLU B 171 -14.42 -56.92 18.69
C GLU B 171 -14.59 -56.62 20.18
N LYS B 172 -13.62 -55.92 20.79
CA LYS B 172 -13.52 -55.78 22.27
C LYS B 172 -14.21 -54.56 22.82
N ALA B 173 -14.34 -53.52 21.97
CA ALA B 173 -14.86 -52.19 22.40
C ALA B 173 -15.73 -51.62 21.24
N PRO B 174 -16.86 -52.27 21.01
CA PRO B 174 -17.62 -51.98 19.80
C PRO B 174 -18.21 -50.55 19.69
N ASP B 175 -18.30 -49.84 20.79
CA ASP B 175 -18.79 -48.50 20.77
C ASP B 175 -17.69 -47.46 20.44
N VAL B 176 -16.44 -47.87 20.41
CA VAL B 176 -15.32 -46.95 20.08
C VAL B 176 -15.17 -46.94 18.55
N VAL B 177 -14.93 -45.75 17.97
CA VAL B 177 -14.64 -45.69 16.54
C VAL B 177 -13.18 -46.21 16.37
N PRO B 178 -12.99 -47.31 15.61
CA PRO B 178 -11.62 -47.83 15.54
C PRO B 178 -10.61 -46.81 14.96
N PHE B 179 -10.90 -46.28 13.76
CA PHE B 179 -9.99 -45.32 13.08
C PHE B 179 -10.79 -44.06 12.86
N ALA B 180 -10.51 -43.03 13.68
CA ALA B 180 -11.27 -41.76 13.61
C ALA B 180 -10.72 -40.90 12.48
N ILE B 181 -11.43 -40.85 11.37
CA ILE B 181 -11.17 -39.88 10.32
C ILE B 181 -12.46 -39.14 9.97
N GLY B 182 -12.33 -38.02 9.26
CA GLY B 182 -13.49 -37.21 8.89
C GLY B 182 -13.50 -36.84 7.44
N LYS B 183 -14.38 -35.92 7.06
CA LYS B 183 -14.61 -35.75 5.63
C LYS B 183 -13.46 -35.05 4.92
N VAL B 184 -12.57 -34.38 5.64
CA VAL B 184 -11.42 -33.72 4.94
C VAL B 184 -10.25 -34.69 4.78
N PHE B 185 -10.40 -35.92 5.29
CA PHE B 185 -9.25 -36.90 5.25
C PHE B 185 -8.75 -37.18 3.83
N ILE B 186 -7.41 -37.28 3.69
CA ILE B 186 -6.77 -37.70 2.43
C ILE B 186 -5.65 -38.61 2.89
N PRO B 187 -5.54 -39.82 2.32
CA PRO B 187 -4.51 -40.76 2.77
C PRO B 187 -3.18 -40.15 2.46
N SER B 188 -2.21 -40.38 3.34
CA SER B 188 -0.87 -39.83 3.17
C SER B 188 0.04 -40.86 2.47
N ASP B 189 1.10 -40.34 1.86
CA ASP B 189 2.17 -41.22 1.34
C ASP B 189 3.42 -40.38 1.16
N ASN B 190 4.46 -40.99 0.59
CA ASN B 190 5.70 -40.20 0.33
C ASN B 190 5.62 -39.52 -1.04
N PHE B 191 4.87 -38.41 -1.04
CA PHE B 191 4.59 -37.68 -2.24
C PHE B 191 5.03 -36.25 -1.99
N ASP B 192 5.34 -35.57 -3.10
CA ASP B 192 5.44 -34.14 -2.99
C ASP B 192 4.39 -33.49 -3.89
N TYR B 193 3.68 -32.46 -3.39
CA TYR B 193 2.63 -31.85 -4.16
C TYR B 193 3.05 -30.48 -4.68
N PRO B 194 3.10 -30.33 -6.01
CA PRO B 194 3.51 -29.07 -6.59
C PRO B 194 2.47 -28.00 -6.39
N VAL B 195 1.21 -28.40 -6.14
CA VAL B 195 0.18 -27.40 -5.89
C VAL B 195 -0.23 -27.55 -4.43
N ALA B 196 -1.09 -28.52 -4.15
CA ALA B 196 -1.62 -28.71 -2.78
C ALA B 196 -2.29 -30.08 -2.93
N ASN B 197 -2.67 -30.69 -1.81
CA ASN B 197 -3.20 -32.05 -1.86
C ASN B 197 -4.73 -32.15 -2.21
N GLY B 198 -5.37 -31.02 -2.50
CA GLY B 198 -6.69 -31.06 -3.12
C GLY B 198 -6.64 -31.43 -4.60
N LEU B 199 -5.42 -31.48 -5.16
CA LEU B 199 -5.22 -31.87 -6.58
C LEU B 199 -4.48 -33.20 -6.62
N PRO B 200 -4.66 -33.98 -7.72
CA PRO B 200 -4.11 -35.36 -7.78
C PRO B 200 -2.60 -35.45 -8.19
N PHE B 201 -2.01 -34.31 -8.59
CA PHE B 201 -0.62 -34.26 -9.08
C PHE B 201 0.43 -34.34 -8.01
N VAL B 202 1.26 -35.38 -8.13
CA VAL B 202 2.33 -35.59 -7.18
C VAL B 202 3.67 -35.91 -7.85
N ILE B 203 4.73 -35.65 -7.14
CA ILE B 203 6.00 -36.33 -7.38
C ILE B 203 6.03 -37.52 -6.43
N ASP B 204 6.10 -38.73 -7.00
CA ASP B 204 6.26 -39.89 -6.10
C ASP B 204 7.70 -40.02 -5.69
N LEU B 205 7.96 -39.79 -4.40
CA LEU B 205 9.29 -39.79 -3.85
C LEU B 205 9.88 -41.20 -3.79
N GLU B 206 9.05 -42.22 -4.04
CA GLU B 206 9.52 -43.59 -4.08
C GLU B 206 9.63 -44.14 -5.49
N GLY B 207 9.14 -43.40 -6.48
CA GLY B 207 9.08 -43.87 -7.87
C GLY B 207 10.14 -43.12 -8.66
N ASP B 208 9.78 -42.68 -9.84
CA ASP B 208 10.71 -41.87 -10.58
C ASP B 208 10.53 -40.38 -10.19
N THR B 209 11.50 -39.84 -9.45
CA THR B 209 11.44 -38.46 -8.95
C THR B 209 11.65 -37.34 -10.01
N THR B 210 11.62 -37.69 -11.32
CA THR B 210 11.57 -36.72 -12.42
C THR B 210 10.21 -36.60 -13.08
N LYS B 211 9.26 -37.46 -12.71
CA LYS B 211 7.97 -37.45 -13.37
C LYS B 211 6.91 -36.91 -12.39
N VAL B 212 6.00 -36.11 -12.92
CA VAL B 212 4.77 -35.78 -12.23
C VAL B 212 3.76 -36.89 -12.58
N VAL B 213 3.16 -37.51 -11.56
CA VAL B 213 2.18 -38.54 -11.76
C VAL B 213 0.84 -38.20 -11.08
N ASN B 214 -0.19 -38.96 -11.46
CA ASN B 214 -1.51 -38.93 -10.79
C ASN B 214 -1.45 -39.84 -9.56
N ARG B 215 -1.62 -39.30 -8.36
CA ARG B 215 -1.67 -40.19 -7.18
C ARG B 215 -2.68 -41.35 -7.35
N TYR B 216 -3.82 -41.13 -8.01
CA TYR B 216 -4.88 -42.17 -8.11
C TYR B 216 -4.43 -43.38 -8.99
N GLU B 217 -3.36 -43.17 -9.77
CA GLU B 217 -2.82 -44.21 -10.66
C GLU B 217 -1.56 -44.78 -10.09
N VAL B 218 -1.15 -44.34 -8.90
CA VAL B 218 0.05 -44.90 -8.19
C VAL B 218 -0.40 -46.17 -7.49
N PRO B 219 0.31 -47.31 -7.72
CA PRO B 219 -0.23 -48.56 -7.22
C PRO B 219 -0.40 -48.68 -5.72
N ARG B 220 0.58 -48.33 -4.94
CA ARG B 220 0.43 -48.49 -3.49
C ARG B 220 -0.62 -47.49 -2.90
N PHE B 221 -0.89 -46.40 -3.63
CA PHE B 221 -1.87 -45.40 -3.20
C PHE B 221 -3.27 -45.87 -3.49
N LYS B 222 -3.47 -46.35 -4.70
CA LYS B 222 -4.66 -47.10 -5.03
C LYS B 222 -4.90 -48.18 -3.98
N GLU B 223 -3.86 -48.92 -3.62
CA GLU B 223 -4.01 -49.95 -2.55
C GLU B 223 -4.51 -49.35 -1.23
N HIS B 224 -4.00 -48.17 -0.90
CA HIS B 224 -4.49 -47.49 0.33
C HIS B 224 -5.97 -47.20 0.25
N LEU B 225 -6.45 -46.77 -0.92
CA LEU B 225 -7.87 -46.46 -1.12
C LEU B 225 -8.70 -47.75 -1.06
N LYS B 226 -8.17 -48.84 -1.59
CA LYS B 226 -8.86 -50.15 -1.37
C LYS B 226 -8.90 -50.54 0.14
N THR B 227 -7.83 -50.32 0.88
CA THR B 227 -7.81 -50.58 2.29
C THR B 227 -8.84 -49.74 3.06
N LEU B 228 -8.87 -48.44 2.72
CA LEU B 228 -9.87 -47.56 3.33
C LEU B 228 -11.28 -48.04 3.04
N HIS B 229 -11.56 -48.46 1.79
CA HIS B 229 -12.85 -48.96 1.48
C HIS B 229 -13.17 -50.20 2.28
N LYS B 230 -12.21 -51.14 2.40
CA LYS B 230 -12.36 -52.24 3.36
C LYS B 230 -12.72 -51.80 4.80
N PHE B 231 -12.00 -50.81 5.34
CA PHE B 231 -12.29 -50.26 6.67
C PHE B 231 -13.73 -49.71 6.73
N TYR B 232 -14.13 -49.03 5.68
CA TYR B 232 -15.47 -48.47 5.63
C TYR B 232 -16.50 -49.63 5.66
N GLU B 233 -16.31 -50.63 4.79
CA GLU B 233 -17.18 -51.78 4.74
C GLU B 233 -17.25 -52.50 6.08
N ALA B 234 -16.11 -52.66 6.76
CA ALA B 234 -16.07 -53.36 8.04
C ALA B 234 -16.48 -52.53 9.23
N GLY B 235 -16.80 -51.26 9.00
CA GLY B 235 -17.20 -50.38 10.11
C GLY B 235 -16.02 -49.97 10.99
N TYR B 236 -14.80 -49.91 10.43
CA TYR B 236 -13.63 -49.45 11.20
C TYR B 236 -13.53 -47.94 11.07
N ILE B 237 -14.14 -47.36 10.05
CA ILE B 237 -14.26 -45.86 10.00
C ILE B 237 -15.75 -45.50 10.08
N PRO B 238 -16.07 -44.25 10.52
CA PRO B 238 -17.50 -43.90 10.64
C PRO B 238 -18.29 -44.04 9.32
N LYS B 239 -19.49 -44.65 9.37
CA LYS B 239 -20.33 -44.81 8.20
C LYS B 239 -20.58 -43.45 7.51
N ASP B 240 -20.73 -42.41 8.32
CA ASP B 240 -21.00 -41.07 7.78
C ASP B 240 -19.76 -40.19 7.58
N VAL B 241 -18.59 -40.81 7.47
CA VAL B 241 -17.31 -40.09 7.26
C VAL B 241 -17.42 -39.00 6.18
N ALA B 242 -18.07 -39.27 5.07
CA ALA B 242 -18.03 -38.25 3.96
C ALA B 242 -18.86 -36.97 4.29
N THR B 243 -19.76 -37.05 5.26
CA THR B 243 -20.67 -35.95 5.55
C THR B 243 -20.66 -35.42 6.99
N SER B 244 -20.13 -36.21 7.90
CA SER B 244 -20.26 -35.95 9.34
C SER B 244 -19.55 -34.67 9.84
N ASP B 245 -20.19 -33.96 10.78
CA ASP B 245 -19.53 -32.82 11.50
C ASP B 245 -19.14 -33.25 12.92
N THR B 246 -18.75 -34.52 13.09
CA THR B 246 -18.52 -35.09 14.44
C THR B 246 -17.02 -35.01 14.78
N SER B 247 -16.68 -34.37 15.89
CA SER B 247 -15.27 -34.34 16.31
C SER B 247 -14.93 -35.50 17.28
N PHE B 248 -13.68 -35.99 17.17
CA PHE B 248 -13.15 -37.01 18.05
C PHE B 248 -12.14 -36.37 18.97
N ASP B 249 -12.63 -36.07 20.16
CA ASP B 249 -11.87 -35.30 21.14
C ASP B 249 -10.67 -36.10 21.61
N LEU B 250 -9.47 -35.49 21.49
CA LEU B 250 -8.21 -36.20 21.82
C LEU B 250 -8.26 -36.74 23.24
N GLN B 251 -8.98 -36.04 24.16
CA GLN B 251 -9.04 -36.45 25.57
C GLN B 251 -10.05 -37.60 25.88
N GLN B 252 -10.93 -37.87 24.93
CA GLN B 252 -12.03 -38.84 25.15
C GLN B 252 -11.77 -40.23 24.52
N ASP B 253 -12.52 -41.23 25.03
CA ASP B 253 -12.39 -42.63 24.55
C ASP B 253 -13.39 -42.97 23.49
N THR B 254 -13.66 -42.01 22.61
CA THR B 254 -14.52 -42.19 21.51
C THR B 254 -13.83 -42.81 20.31
N TRP B 255 -12.48 -42.81 20.32
CA TRP B 255 -11.69 -43.28 19.16
C TRP B 255 -10.54 -44.12 19.67
N PHE B 256 -10.00 -44.98 18.81
CA PHE B 256 -8.87 -45.83 19.21
C PHE B 256 -7.56 -45.35 18.53
N VAL B 257 -7.63 -45.14 17.23
CA VAL B 257 -6.48 -44.59 16.48
C VAL B 257 -6.92 -43.46 15.58
N ARG B 258 -5.98 -42.57 15.29
CA ARG B 258 -6.25 -41.43 14.43
C ARG B 258 -4.92 -41.16 13.74
N GLU B 259 -4.94 -40.30 12.71
CA GLU B 259 -3.67 -39.96 12.00
C GLU B 259 -3.20 -38.60 12.36
N GLU B 260 -1.96 -38.52 12.83
CA GLU B 260 -1.38 -37.25 13.28
C GLU B 260 -0.07 -36.94 12.56
N THR B 261 0.12 -35.66 12.24
CA THR B 261 1.40 -35.16 11.76
C THR B 261 2.26 -34.90 13.03
N VAL B 262 3.51 -35.45 13.09
CA VAL B 262 4.43 -35.23 14.22
C VAL B 262 5.84 -34.79 13.77
N GLY B 263 6.35 -33.77 14.40
CA GLY B 263 7.69 -33.31 14.00
C GLY B 263 8.43 -32.86 15.23
N PRO B 264 9.61 -32.21 15.02
CA PRO B 264 10.46 -31.82 16.15
C PRO B 264 9.87 -30.85 17.18
N ALA B 265 8.96 -29.96 16.76
CA ALA B 265 8.31 -29.06 17.70
C ALA B 265 7.44 -29.72 18.79
N ASP B 266 7.12 -30.99 18.56
CA ASP B 266 6.18 -31.77 19.37
C ASP B 266 6.92 -32.54 20.45
N TYR B 267 8.25 -32.67 20.32
CA TYR B 267 9.06 -33.44 21.33
C TYR B 267 8.52 -34.86 21.53
N GLY B 268 8.50 -35.59 20.46
CA GLY B 268 8.02 -36.99 20.41
C GLY B 268 6.54 -37.04 20.63
N ASN B 269 6.12 -38.00 21.45
CA ASN B 269 4.70 -38.17 21.82
C ASN B 269 4.30 -37.36 23.02
N SER B 270 5.16 -36.47 23.49
CA SER B 270 4.87 -35.68 24.67
C SER B 270 3.76 -34.64 24.43
N LEU B 271 3.73 -33.98 23.25
CA LEU B 271 2.72 -32.95 23.06
C LEU B 271 1.32 -33.65 22.97
N LEU B 272 1.19 -34.68 22.15
CA LEU B 272 -0.05 -35.42 22.04
C LEU B 272 -0.52 -35.96 23.38
N SER B 273 0.41 -36.51 24.18
CA SER B 273 0.05 -36.97 25.54
C SER B 273 -0.44 -35.81 26.44
N ARG B 274 0.16 -34.63 26.30
CA ARG B 274 -0.30 -33.50 27.04
C ARG B 274 -1.71 -33.04 26.63
N VAL B 275 -1.92 -32.90 25.34
CA VAL B 275 -3.24 -32.41 24.85
C VAL B 275 -4.33 -33.47 25.10
N ALA B 276 -3.98 -34.76 24.98
CA ALA B 276 -4.94 -35.85 25.21
C ALA B 276 -5.09 -36.13 26.69
N ASN B 277 -4.17 -35.61 27.49
CA ASN B 277 -4.13 -35.85 28.94
C ASN B 277 -4.07 -37.34 29.26
N LYS B 278 -3.32 -38.08 28.45
CA LYS B 278 -3.14 -39.51 28.60
C LYS B 278 -1.97 -39.98 27.72
N ASP B 279 -1.56 -41.22 27.91
CA ASP B 279 -0.51 -41.78 27.15
C ASP B 279 -1.00 -41.89 25.69
N ILE B 280 -0.30 -41.21 24.79
CA ILE B 280 -0.53 -41.42 23.33
C ILE B 280 0.71 -42.05 22.70
N GLN B 281 0.55 -43.19 22.04
CA GLN B 281 1.65 -43.85 21.37
C GLN B 281 1.56 -43.63 19.85
N ILE B 282 2.71 -43.34 19.24
CA ILE B 282 2.76 -43.05 17.80
C ILE B 282 3.51 -44.06 16.90
N LYS B 283 3.02 -44.33 15.71
CA LYS B 283 3.73 -45.17 14.76
C LYS B 283 3.78 -44.51 13.42
N PRO B 284 4.99 -44.26 12.85
CA PRO B 284 5.09 -43.51 11.64
C PRO B 284 4.64 -44.32 10.44
N ILE B 285 4.03 -43.66 9.48
CA ILE B 285 3.68 -44.30 8.25
C ILE B 285 4.29 -43.66 6.95
N THR B 286 4.90 -42.49 7.11
CA THR B 286 5.56 -41.89 5.96
C THR B 286 6.94 -41.43 6.45
N ASN B 287 7.79 -41.06 5.49
CA ASN B 287 9.17 -40.66 5.80
C ASN B 287 9.20 -39.26 6.39
N PHE B 288 10.07 -39.06 7.35
CA PHE B 288 10.25 -37.74 7.99
C PHE B 288 11.10 -36.83 7.07
N ILE B 289 10.53 -35.74 6.58
CA ILE B 289 11.18 -35.01 5.49
C ILE B 289 10.64 -33.59 5.36
N LYS B 290 11.42 -32.72 4.72
CA LYS B 290 10.96 -31.38 4.39
C LYS B 290 10.41 -31.50 3.00
N LYS B 291 9.15 -31.11 2.80
CA LYS B 291 8.53 -31.14 1.48
C LYS B 291 7.55 -29.98 1.43
N ASN B 292 6.94 -29.77 0.31
CA ASN B 292 6.07 -28.58 0.15
C ASN B 292 5.01 -28.53 1.25
N GLN B 293 4.32 -29.67 1.44
CA GLN B 293 3.20 -29.68 2.45
C GLN B 293 3.67 -29.29 3.85
N THR B 294 4.86 -29.72 4.24
CA THR B 294 5.30 -29.44 5.61
C THR B 294 5.69 -27.96 5.83
N THR B 295 6.12 -27.31 4.76
CA THR B 295 6.44 -25.90 4.84
C THR B 295 5.19 -25.00 4.74
N GLN B 296 4.09 -25.60 4.28
CA GLN B 296 2.84 -24.86 3.94
C GLN B 296 1.71 -25.19 4.92
N VAL B 297 1.98 -26.01 5.93
CA VAL B 297 0.92 -26.58 6.81
C VAL B 297 0.17 -25.52 7.65
N ALA B 298 0.83 -24.39 7.97
CA ALA B 298 0.15 -23.29 8.69
C ALA B 298 0.67 -21.98 8.17
N ASN B 299 0.00 -21.50 7.14
CA ASN B 299 0.40 -20.24 6.51
C ASN B 299 -0.64 -19.18 6.89
N PHE B 300 -0.16 -18.08 7.46
CA PHE B 300 -1.01 -16.85 7.59
C PHE B 300 -0.82 -15.89 6.42
N VAL B 301 -1.94 -15.46 5.85
CA VAL B 301 -1.90 -14.51 4.73
C VAL B 301 -2.57 -13.24 5.19
N ILE B 302 -2.22 -12.14 4.50
CA ILE B 302 -2.92 -10.80 4.63
C ILE B 302 -3.75 -10.58 3.40
N SER B 303 -5.02 -10.23 3.57
CA SER B 303 -5.88 -10.02 2.42
C SER B 303 -5.22 -8.95 1.51
N ASN B 304 -5.26 -9.19 0.20
CA ASN B 304 -4.82 -8.16 -0.73
C ASN B 304 -5.66 -6.83 -0.56
N ASN B 305 -6.88 -6.94 -0.04
CA ASN B 305 -7.73 -5.77 0.14
C ASN B 305 -7.68 -5.22 1.53
N SER B 306 -6.84 -5.76 2.42
CA SER B 306 -6.80 -5.23 3.78
C SER B 306 -6.43 -3.75 3.80
N LYS B 307 -7.12 -2.97 4.63
CA LYS B 307 -6.74 -1.54 4.88
C LYS B 307 -5.71 -1.39 5.98
N ASN B 308 -5.28 -2.51 6.58
CA ASN B 308 -4.34 -2.46 7.67
C ASN B 308 -3.22 -3.47 7.52
N LYS B 309 -2.53 -3.37 6.39
CA LYS B 309 -1.60 -4.43 6.01
C LYS B 309 -0.42 -4.30 6.94
N GLU B 310 0.02 -3.05 7.20
CA GLU B 310 1.20 -2.91 8.10
C GLU B 310 0.92 -3.40 9.53
N LYS B 311 -0.22 -3.01 10.11
CA LYS B 311 -0.46 -3.42 11.51
C LYS B 311 -0.72 -4.93 11.54
N SER B 312 -1.27 -5.47 10.44
CA SER B 312 -1.50 -6.90 10.40
C SER B 312 -0.18 -7.65 10.47
N MET B 313 0.82 -7.25 9.68
CA MET B 313 2.15 -7.87 9.78
C MET B 313 2.75 -7.66 11.15
N GLU B 314 2.60 -6.48 11.73
CA GLU B 314 3.10 -6.26 13.13
C GLU B 314 2.51 -7.26 14.11
N ILE B 315 1.22 -7.58 13.94
CA ILE B 315 0.60 -8.53 14.84
C ILE B 315 1.18 -9.92 14.57
N LEU B 316 1.28 -10.29 13.30
CA LEU B 316 1.85 -11.62 12.99
C LEU B 316 3.29 -11.69 13.50
N ASN B 317 4.04 -10.59 13.36
CA ASN B 317 5.39 -10.54 13.92
C ASN B 317 5.41 -10.81 15.47
N LEU B 318 4.52 -10.15 16.22
CA LEU B 318 4.45 -10.38 17.66
C LEU B 318 4.05 -11.82 17.99
N LEU B 319 3.09 -12.37 17.27
CA LEU B 319 2.61 -13.73 17.57
C LEU B 319 3.80 -14.72 17.42
N ASN B 320 4.74 -14.34 16.58
CA ASN B 320 5.84 -15.22 16.25
C ASN B 320 7.13 -14.94 16.96
N THR B 321 7.13 -13.89 17.76
CA THR B 321 8.40 -13.46 18.37
C THR B 321 8.25 -13.08 19.84
N ASN B 322 7.04 -12.85 20.34
CA ASN B 322 6.84 -12.39 21.75
C ASN B 322 6.33 -13.59 22.62
N PRO B 323 7.19 -14.15 23.49
CA PRO B 323 6.82 -15.39 24.21
C PRO B 323 5.69 -15.15 25.21
N GLU B 324 5.62 -13.99 25.84
CA GLU B 324 4.51 -13.78 26.76
C GLU B 324 3.14 -13.81 26.03
N LEU B 325 3.12 -13.22 24.85
CA LEU B 325 1.94 -13.25 23.99
C LEU B 325 1.60 -14.68 23.51
N LEU B 326 2.55 -15.35 22.86
CA LEU B 326 2.30 -16.65 22.24
C LEU B 326 1.90 -17.70 23.31
N ASN B 327 2.65 -17.75 24.41
CA ASN B 327 2.35 -18.70 25.47
C ASN B 327 1.03 -18.44 26.15
N GLY B 328 0.64 -17.16 26.33
CA GLY B 328 -0.67 -16.81 26.85
C GLY B 328 -1.80 -17.46 26.01
N LEU B 329 -1.64 -17.49 24.69
CA LEU B 329 -2.65 -18.07 23.79
C LEU B 329 -2.59 -19.58 23.72
N VAL B 330 -1.36 -20.17 23.71
CA VAL B 330 -1.17 -21.58 23.39
C VAL B 330 -1.29 -22.42 24.69
N TYR B 331 -0.80 -21.89 25.82
CA TYR B 331 -1.01 -22.58 27.12
C TYR B 331 -2.25 -22.08 27.81
N GLY B 332 -2.64 -20.83 27.58
CA GLY B 332 -3.80 -20.24 28.25
C GLY B 332 -3.38 -19.28 29.36
N PRO B 333 -4.36 -18.84 30.21
CA PRO B 333 -4.14 -17.92 31.32
C PRO B 333 -3.15 -18.47 32.33
N GLU B 334 -2.07 -17.74 32.56
CA GLU B 334 -1.03 -18.15 33.51
C GLU B 334 -1.69 -18.22 34.89
N GLY B 335 -1.28 -19.18 35.73
CA GLY B 335 -1.92 -19.37 37.04
C GLY B 335 -3.13 -20.29 37.00
N LYS B 336 -4.00 -20.14 36.01
CA LYS B 336 -5.14 -21.03 35.90
C LYS B 336 -4.78 -22.25 35.10
N ASN B 337 -4.15 -22.03 33.93
CA ASN B 337 -3.83 -23.12 33.00
C ASN B 337 -2.42 -23.70 33.14
N TRP B 338 -1.51 -22.92 33.69
CA TRP B 338 -0.11 -23.35 33.73
C TRP B 338 0.66 -22.46 34.70
N GLU B 339 1.88 -22.89 35.05
CA GLU B 339 2.80 -22.05 35.87
C GLU B 339 4.23 -22.36 35.49
N LYS B 340 5.10 -21.35 35.64
CA LYS B 340 6.53 -21.53 35.40
C LYS B 340 7.05 -22.41 36.53
N ILE B 341 8.10 -23.17 36.27
CA ILE B 341 8.71 -24.05 37.27
C ILE B 341 9.97 -23.29 37.76
N GLU B 342 10.09 -22.97 39.07
CA GLU B 342 11.28 -22.21 39.61
C GLU B 342 12.53 -23.00 39.33
N GLY B 343 13.53 -22.25 38.85
CA GLY B 343 14.86 -22.74 38.69
C GLY B 343 15.03 -23.61 37.47
N LYS B 344 13.98 -23.71 36.63
CA LYS B 344 14.10 -24.46 35.37
C LYS B 344 13.71 -23.58 34.21
N GLU B 345 14.71 -22.94 33.60
CA GLU B 345 14.44 -21.91 32.60
C GLU B 345 13.65 -22.48 31.41
N ASN B 346 12.59 -21.74 31.05
CA ASN B 346 11.70 -22.02 29.91
C ASN B 346 10.85 -23.32 30.03
N ARG B 347 10.74 -23.81 31.26
CA ARG B 347 9.90 -24.97 31.61
C ARG B 347 8.65 -24.54 32.34
N VAL B 348 7.54 -25.20 32.00
CA VAL B 348 6.29 -24.92 32.67
C VAL B 348 5.63 -26.27 32.98
N ARG B 349 4.63 -26.21 33.83
CA ARG B 349 3.75 -27.34 34.04
C ARG B 349 2.30 -26.90 33.83
N VAL B 350 1.55 -27.68 33.06
CA VAL B 350 0.13 -27.34 32.93
C VAL B 350 -0.65 -27.68 34.20
N LEU B 351 -1.68 -26.88 34.44
CA LEU B 351 -2.54 -27.03 35.59
C LEU B 351 -3.95 -27.49 35.20
N ASP B 352 -4.84 -27.63 36.20
CA ASP B 352 -6.21 -28.11 35.97
C ASP B 352 -6.98 -27.38 34.86
N GLY B 353 -6.80 -26.06 34.79
CA GLY B 353 -7.48 -25.19 33.80
C GLY B 353 -7.22 -25.60 32.35
N TYR B 354 -6.04 -26.20 32.13
CA TYR B 354 -5.60 -26.51 30.77
C TYR B 354 -6.41 -27.65 30.14
N LYS B 355 -6.72 -28.68 30.92
CA LYS B 355 -7.68 -29.74 30.54
C LYS B 355 -8.90 -29.29 29.66
N GLY B 356 -9.57 -28.19 30.00
CA GLY B 356 -10.64 -27.67 29.19
C GLY B 356 -10.27 -27.18 27.79
N ASN B 357 -11.32 -26.83 27.01
CA ASN B 357 -11.14 -26.27 25.64
C ASN B 357 -10.73 -24.81 25.85
N THR B 358 -9.54 -24.63 26.41
CA THR B 358 -9.24 -23.33 27.03
C THR B 358 -7.89 -22.79 26.56
N HIS B 359 -7.46 -23.21 25.36
CA HIS B 359 -6.18 -22.66 24.84
C HIS B 359 -6.13 -22.91 23.36
N MET B 360 -5.16 -22.30 22.66
CA MET B 360 -5.01 -22.54 21.20
C MET B 360 -3.91 -23.56 20.98
N GLY B 361 -3.61 -23.87 19.72
CA GLY B 361 -2.65 -24.91 19.39
C GLY B 361 -1.39 -24.14 18.94
N GLY B 362 -0.22 -24.66 19.29
CA GLY B 362 1.01 -24.03 18.77
C GLY B 362 1.14 -24.04 17.26
N TRP B 363 0.87 -25.17 16.64
CA TRP B 363 1.20 -25.41 15.23
C TRP B 363 0.56 -24.34 14.32
N ASN B 364 -0.61 -23.82 14.74
CA ASN B 364 -1.25 -22.80 13.91
C ASN B 364 -1.44 -21.48 14.60
N THR B 365 -0.53 -21.17 15.55
CA THR B 365 -0.56 -19.86 16.17
C THR B 365 0.71 -19.06 15.97
N GLY B 366 1.87 -19.68 16.21
CA GLY B 366 3.12 -18.92 16.06
C GLY B 366 4.30 -19.81 16.38
N ASN B 367 5.48 -19.28 16.05
CA ASN B 367 6.81 -19.98 16.10
C ASN B 367 6.93 -20.83 17.36
N ASN B 368 6.96 -22.13 17.15
CA ASN B 368 6.89 -23.09 18.30
C ASN B 368 8.21 -23.07 19.14
N TRP B 369 9.26 -22.46 18.57
CA TRP B 369 10.55 -22.39 19.28
C TRP B 369 10.52 -21.43 20.42
N ILE B 370 9.53 -20.51 20.44
CA ILE B 370 9.39 -19.62 21.62
C ILE B 370 8.34 -20.09 22.66
N LEU B 371 7.77 -21.24 22.42
CA LEU B 371 6.83 -21.83 23.39
C LEU B 371 7.63 -22.46 24.51
N TYR B 372 7.21 -22.19 25.74
CA TYR B 372 7.72 -22.90 26.93
C TYR B 372 7.59 -24.38 26.76
N ILE B 373 8.47 -25.16 27.41
CA ILE B 373 8.48 -26.62 27.25
C ILE B 373 7.88 -27.27 28.48
N ASN B 374 6.85 -28.09 28.27
CA ASN B 374 6.05 -28.62 29.39
C ASN B 374 6.86 -29.65 30.19
N GLU B 375 6.49 -29.79 31.45
CA GLU B 375 7.22 -30.70 32.33
C GLU B 375 7.25 -32.19 31.89
N ASN B 376 6.23 -32.67 31.18
CA ASN B 376 6.21 -34.05 30.64
C ASN B 376 7.23 -34.34 29.54
N VAL B 377 7.98 -33.32 29.10
CA VAL B 377 8.94 -33.53 28.02
C VAL B 377 10.27 -34.00 28.66
N THR B 378 10.79 -35.12 28.20
CA THR B 378 12.01 -35.70 28.83
C THR B 378 13.28 -35.11 28.21
N ASP B 379 14.42 -35.18 28.92
CA ASP B 379 15.72 -34.79 28.28
C ASP B 379 15.99 -35.55 26.99
N GLN B 380 15.56 -36.81 26.96
CA GLN B 380 15.77 -37.61 25.76
C GLN B 380 14.97 -37.04 24.59
N GLN B 381 13.72 -36.65 24.87
CA GLN B 381 12.89 -36.05 23.79
C GLN B 381 13.52 -34.77 23.25
N ILE B 382 14.03 -33.94 24.15
CA ILE B 382 14.73 -32.69 23.77
C ILE B 382 15.94 -33.03 22.89
N GLU B 383 16.75 -33.98 23.33
CA GLU B 383 17.90 -34.37 22.57
C GLU B 383 17.43 -34.92 21.21
N ASN B 384 16.39 -35.76 21.22
CA ASN B 384 15.91 -36.33 19.96
C ASN B 384 15.42 -35.29 18.95
N SER B 385 14.75 -34.27 19.49
CA SER B 385 14.19 -33.24 18.65
C SER B 385 15.34 -32.42 17.99
N LYS B 386 16.37 -32.09 18.79
CA LYS B 386 17.54 -31.38 18.25
C LYS B 386 18.19 -32.16 17.10
N LYS B 387 18.38 -33.47 17.29
CA LYS B 387 18.97 -34.33 16.26
C LYS B 387 18.11 -34.45 15.00
N GLU B 388 16.79 -34.63 15.19
CA GLU B 388 15.85 -34.73 14.05
C GLU B 388 15.88 -33.51 13.17
N LEU B 389 15.84 -32.31 13.79
CA LEU B 389 15.88 -31.03 13.09
C LEU B 389 17.22 -30.97 12.38
N ALA B 390 18.30 -31.27 13.13
CA ALA B 390 19.64 -31.18 12.59
C ALA B 390 19.79 -32.10 11.37
N GLU B 391 19.33 -33.33 11.44
CA GLU B 391 19.47 -34.30 10.33
C GLU B 391 18.40 -34.30 9.22
N ALA B 392 17.32 -33.55 9.32
CA ALA B 392 16.20 -33.71 8.36
C ALA B 392 16.58 -33.44 6.91
N LYS B 393 16.19 -34.31 6.01
CA LYS B 393 16.51 -34.07 4.60
C LYS B 393 15.37 -33.35 3.86
N GLU B 394 15.62 -33.02 2.60
CA GLU B 394 14.65 -32.37 1.76
C GLU B 394 14.25 -33.32 0.68
N SER B 395 12.97 -33.31 0.33
CA SER B 395 12.48 -33.83 -0.91
C SER B 395 13.21 -33.23 -2.13
N PRO B 396 13.52 -34.04 -3.17
CA PRO B 396 14.10 -33.46 -4.41
C PRO B 396 13.14 -32.48 -5.08
N ALA B 397 11.85 -32.56 -4.75
CA ALA B 397 10.88 -31.63 -5.30
C ALA B 397 10.45 -30.48 -4.36
N LEU B 398 11.15 -30.35 -3.24
CA LEU B 398 10.90 -29.22 -2.35
C LEU B 398 11.13 -27.90 -3.05
N GLY B 399 10.11 -27.05 -3.12
CA GLY B 399 10.27 -25.72 -3.71
C GLY B 399 9.90 -25.72 -5.16
N PHE B 400 9.48 -26.87 -5.69
CA PHE B 400 8.85 -26.91 -6.99
C PHE B 400 7.41 -26.52 -6.80
N ILE B 401 7.10 -25.29 -7.22
CA ILE B 401 5.79 -24.69 -7.06
C ILE B 401 5.20 -24.47 -8.43
N PHE B 402 4.11 -25.16 -8.72
CA PHE B 402 3.48 -25.02 -10.03
C PHE B 402 2.99 -23.61 -10.35
N ASN B 403 3.40 -23.10 -11.51
CA ASN B 403 2.88 -21.81 -11.96
C ASN B 403 1.65 -22.00 -12.81
N THR B 404 0.53 -21.38 -12.43
CA THR B 404 -0.75 -21.65 -13.09
C THR B 404 -1.10 -20.69 -14.27
N ASP B 405 -0.15 -19.84 -14.67
CA ASP B 405 -0.45 -18.79 -15.65
C ASP B 405 -1.10 -19.24 -16.96
N ASN B 406 -0.61 -20.34 -17.51
CA ASN B 406 -1.12 -20.86 -18.78
C ASN B 406 -2.31 -21.76 -18.64
N VAL B 407 -2.67 -22.13 -17.40
CA VAL B 407 -3.71 -23.12 -17.20
C VAL B 407 -4.82 -22.71 -16.22
N LYS B 408 -5.06 -21.40 -16.11
CA LYS B 408 -6.00 -20.88 -15.10
C LYS B 408 -7.37 -21.55 -15.13
N SER B 409 -8.04 -21.53 -16.29
CA SER B 409 -9.34 -22.12 -16.36
C SER B 409 -9.26 -23.67 -16.21
N GLU B 410 -8.21 -24.29 -16.72
CA GLU B 410 -8.11 -25.76 -16.69
C GLU B 410 -7.97 -26.25 -15.23
N ILE B 411 -7.16 -25.54 -14.48
CA ILE B 411 -6.96 -25.93 -13.10
C ILE B 411 -8.23 -25.61 -12.25
N SER B 412 -9.00 -24.56 -12.57
CA SER B 412 -10.33 -24.42 -11.93
C SER B 412 -11.23 -25.59 -12.27
N ALA B 413 -11.20 -26.01 -13.54
CA ALA B 413 -12.13 -27.06 -14.00
C ALA B 413 -11.79 -28.32 -13.27
N ILE B 414 -10.49 -28.59 -13.15
CA ILE B 414 -9.95 -29.73 -12.35
C ILE B 414 -10.37 -29.67 -10.89
N ALA B 415 -10.20 -28.50 -10.28
CA ALA B 415 -10.56 -28.35 -8.87
C ALA B 415 -12.06 -28.53 -8.68
N ASN B 416 -12.88 -28.05 -9.61
CA ASN B 416 -14.32 -28.19 -9.44
C ASN B 416 -14.74 -29.68 -9.43
N THR B 417 -14.21 -30.43 -10.39
CA THR B 417 -14.38 -31.89 -10.47
C THR B 417 -13.82 -32.68 -9.29
N MET B 418 -12.63 -32.36 -8.81
CA MET B 418 -12.10 -33.00 -7.61
C MET B 418 -13.06 -32.77 -6.43
N GLN B 419 -13.61 -31.56 -6.31
CA GLN B 419 -14.43 -31.17 -5.15
C GLN B 419 -15.69 -31.98 -5.14
N GLN B 420 -16.23 -32.32 -6.32
CA GLN B 420 -17.43 -33.12 -6.36
C GLN B 420 -17.23 -34.58 -5.93
N PHE B 421 -16.13 -35.19 -6.34
CA PHE B 421 -15.95 -36.63 -6.29
C PHE B 421 -14.87 -37.13 -5.33
N ASP B 422 -13.99 -36.26 -4.86
CA ASP B 422 -12.89 -36.82 -4.08
C ASP B 422 -13.15 -37.19 -2.62
N THR B 423 -14.20 -36.65 -2.00
CA THR B 423 -14.42 -37.04 -0.62
C THR B 423 -14.81 -38.53 -0.56
N ALA B 424 -15.69 -38.93 -1.48
CA ALA B 424 -16.21 -40.31 -1.47
C ALA B 424 -15.02 -41.28 -1.69
N ILE B 425 -14.07 -40.90 -2.54
CA ILE B 425 -12.86 -41.73 -2.78
C ILE B 425 -11.89 -41.68 -1.63
N ASN B 426 -11.57 -40.46 -1.17
CA ASN B 426 -10.49 -40.33 -0.21
C ASN B 426 -10.81 -40.91 1.18
N THR B 427 -12.09 -40.96 1.50
CA THR B 427 -12.56 -41.57 2.74
C THR B 427 -12.91 -43.07 2.68
N GLY B 428 -12.81 -43.66 1.49
CA GLY B 428 -13.12 -45.07 1.32
C GLY B 428 -14.61 -45.36 1.27
N THR B 429 -15.42 -44.32 1.11
CA THR B 429 -16.86 -44.48 1.08
C THR B 429 -17.32 -45.27 -0.10
N VAL B 430 -16.77 -45.00 -1.28
CA VAL B 430 -17.08 -45.80 -2.46
C VAL B 430 -15.89 -46.72 -2.84
N ASP B 431 -16.19 -47.76 -3.61
CA ASP B 431 -15.15 -48.65 -4.04
C ASP B 431 -14.25 -47.89 -5.08
N PRO B 432 -12.94 -47.78 -4.80
CA PRO B 432 -12.06 -46.94 -5.65
C PRO B 432 -11.98 -47.53 -7.11
N ASP B 433 -12.27 -48.82 -7.21
CA ASP B 433 -12.25 -49.46 -8.54
C ASP B 433 -13.35 -48.99 -9.44
N LYS B 434 -14.46 -48.56 -8.85
CA LYS B 434 -15.57 -47.93 -9.58
C LYS B 434 -15.31 -46.45 -9.77
N ALA B 435 -14.98 -45.78 -8.68
CA ALA B 435 -15.01 -44.31 -8.63
C ALA B 435 -13.81 -43.63 -9.30
N ILE B 436 -12.60 -44.19 -9.14
CA ILE B 436 -11.43 -43.57 -9.81
C ILE B 436 -11.59 -43.48 -11.34
N PRO B 437 -12.04 -44.59 -11.99
CA PRO B 437 -12.18 -44.42 -13.46
C PRO B 437 -13.29 -43.40 -13.84
N GLU B 438 -14.29 -43.27 -12.99
CA GLU B 438 -15.35 -42.30 -13.25
C GLU B 438 -14.68 -40.90 -13.09
N LEU B 439 -13.88 -40.74 -12.03
CA LEU B 439 -13.17 -39.47 -11.80
C LEU B 439 -12.30 -39.05 -12.99
N MET B 440 -11.42 -39.97 -13.39
CA MET B 440 -10.48 -39.77 -14.53
C MET B 440 -11.13 -39.38 -15.85
N GLU B 441 -12.23 -40.05 -16.17
CA GLU B 441 -13.07 -39.73 -17.31
C GLU B 441 -13.60 -38.26 -17.26
N LYS B 442 -14.07 -37.76 -16.11
CA LYS B 442 -14.57 -36.36 -16.11
C LYS B 442 -13.47 -35.29 -16.07
N LEU B 443 -12.32 -35.64 -15.52
CA LEU B 443 -11.15 -34.77 -15.61
C LEU B 443 -10.58 -34.63 -17.02
N LYS B 444 -10.74 -35.67 -17.83
CA LYS B 444 -10.16 -35.74 -19.15
C LYS B 444 -11.18 -35.34 -20.21
N SER B 445 -12.46 -35.37 -19.83
CA SER B 445 -13.55 -35.12 -20.77
C SER B 445 -13.38 -33.83 -21.60
N GLU B 446 -12.74 -32.80 -21.03
CA GLU B 446 -12.57 -31.56 -21.74
C GLU B 446 -11.08 -31.26 -21.99
N GLY B 447 -10.25 -32.28 -21.83
CA GLY B 447 -8.82 -32.12 -22.00
C GLY B 447 -8.10 -31.26 -20.95
N ALA B 448 -8.80 -30.88 -19.88
CA ALA B 448 -8.21 -30.02 -18.84
C ALA B 448 -7.09 -30.74 -18.11
N TYR B 449 -7.35 -31.99 -17.74
CA TYR B 449 -6.36 -32.83 -17.07
C TYR B 449 -5.02 -32.93 -17.84
N GLU B 450 -5.10 -33.29 -19.12
CA GLU B 450 -3.85 -33.48 -19.88
C GLU B 450 -3.10 -32.17 -20.05
N LYS B 451 -3.82 -31.07 -20.36
CA LYS B 451 -3.18 -29.74 -20.46
C LYS B 451 -2.38 -29.35 -19.21
N VAL B 452 -3.01 -29.42 -18.04
CA VAL B 452 -2.30 -29.16 -16.79
C VAL B 452 -1.14 -30.13 -16.54
N LEU B 453 -1.36 -31.43 -16.77
CA LEU B 453 -0.30 -32.40 -16.49
C LEU B 453 0.94 -32.11 -17.35
N ASN B 454 0.69 -31.79 -18.61
CA ASN B 454 1.80 -31.55 -19.56
C ASN B 454 2.52 -30.27 -19.17
N GLU B 455 1.75 -29.23 -18.88
CA GLU B 455 2.29 -27.97 -18.34
C GLU B 455 3.13 -28.20 -17.11
N MET B 456 2.63 -29.01 -16.18
CA MET B 456 3.37 -29.21 -14.94
C MET B 456 4.64 -30.02 -15.14
N GLN B 457 4.56 -31.01 -16.02
CA GLN B 457 5.75 -31.79 -16.38
C GLN B 457 6.84 -30.90 -17.02
N LYS B 458 6.42 -30.06 -17.95
CA LYS B 458 7.34 -29.10 -18.62
C LYS B 458 8.05 -28.24 -17.55
N GLN B 459 7.26 -27.71 -16.60
CA GLN B 459 7.85 -26.88 -15.53
C GLN B 459 8.76 -27.67 -14.63
N TYR B 460 8.39 -28.90 -14.34
CA TYR B 460 9.21 -29.72 -13.49
C TYR B 460 10.50 -30.08 -14.24
N ASP B 461 10.38 -30.34 -15.56
CA ASP B 461 11.60 -30.56 -16.37
C ASP B 461 12.53 -29.37 -16.16
N GLU B 462 11.99 -28.15 -16.30
CA GLU B 462 12.82 -26.97 -16.12
C GLU B 462 13.40 -26.83 -14.69
N PHE B 463 12.59 -27.05 -13.65
CA PHE B 463 13.07 -27.00 -12.27
C PHE B 463 14.22 -28.04 -12.06
N LEU B 464 14.09 -29.25 -12.64
CA LEU B 464 15.18 -30.23 -12.39
C LEU B 464 16.47 -29.90 -13.19
N LYS B 465 16.29 -29.41 -14.42
CA LYS B 465 17.45 -28.96 -15.27
C LYS B 465 18.20 -27.83 -14.58
N ASN B 466 17.45 -26.87 -14.03
CA ASN B 466 18.03 -25.80 -13.24
C ASN B 466 18.79 -26.23 -12.01
N LYS B 467 18.29 -27.23 -11.30
CA LYS B 467 19.01 -27.79 -10.15
C LYS B 467 20.32 -28.48 -10.58
N LYS B 468 20.25 -29.20 -11.72
CA LYS B 468 21.42 -29.72 -12.50
C LYS B 468 21.79 -31.14 -12.20
N PRO C 18 10.96 9.70 13.53
CA PRO C 18 11.33 9.66 12.10
C PRO C 18 11.46 11.10 11.56
N VAL C 19 12.44 11.34 10.69
CA VAL C 19 12.56 12.61 9.99
C VAL C 19 11.80 12.51 8.68
N ILE C 20 10.85 13.42 8.47
CA ILE C 20 9.98 13.44 7.24
C ILE C 20 10.63 14.39 6.25
N LYS C 21 10.95 13.93 5.04
CA LYS C 21 11.66 14.73 4.07
C LYS C 21 10.66 15.37 3.09
N MET C 22 10.63 16.71 3.09
CA MET C 22 9.77 17.47 2.20
C MET C 22 10.59 18.27 1.18
N TYR C 23 10.25 18.15 -0.10
CA TYR C 23 10.88 19.03 -1.08
C TYR C 23 9.96 20.22 -1.37
N GLN C 24 10.60 21.41 -1.42
CA GLN C 24 9.88 22.64 -1.68
C GLN C 24 10.52 23.40 -2.86
N ILE C 25 9.69 24.12 -3.60
CA ILE C 25 10.17 24.94 -4.73
C ILE C 25 10.72 26.26 -4.18
N GLY C 26 11.74 26.82 -4.84
CA GLY C 26 12.27 28.15 -4.41
C GLY C 26 13.52 28.15 -3.57
N ASP C 27 13.83 29.33 -3.02
CA ASP C 27 15.04 29.52 -2.24
C ASP C 27 14.80 29.35 -0.78
N LYS C 28 15.74 28.72 -0.11
CA LYS C 28 15.70 28.42 1.34
C LYS C 28 15.61 29.80 2.08
N PRO C 29 14.63 30.00 2.99
CA PRO C 29 14.73 31.21 3.90
C PRO C 29 16.08 31.18 4.64
N ASP C 30 16.66 32.36 4.89
CA ASP C 30 17.94 32.41 5.61
C ASP C 30 17.84 31.93 7.06
N ASN C 31 16.61 31.84 7.60
CA ASN C 31 16.39 31.40 8.98
C ASN C 31 15.58 30.11 9.00
N LEU C 32 15.78 29.29 7.96
CA LEU C 32 15.04 28.01 7.92
C LEU C 32 15.17 27.19 9.20
N ASP C 33 16.38 27.09 9.78
CA ASP C 33 16.55 26.27 11.01
C ASP C 33 15.65 26.73 12.13
N GLU C 34 15.60 28.04 12.33
CA GLU C 34 14.69 28.65 13.31
C GLU C 34 13.19 28.41 12.97
N LEU C 35 12.81 28.61 11.71
CA LEU C 35 11.45 28.29 11.25
C LEU C 35 11.05 26.86 11.51
N LEU C 36 11.94 25.91 11.16
CA LEU C 36 11.66 24.52 11.41
C LEU C 36 11.72 24.15 12.90
N ALA C 37 12.62 24.75 13.69
CA ALA C 37 12.64 24.40 15.12
C ALA C 37 11.30 24.78 15.75
N ASN C 38 10.80 25.99 15.44
CA ASN C 38 9.48 26.45 15.87
C ASN C 38 8.38 25.53 15.44
N ALA C 39 8.34 25.23 14.15
CA ALA C 39 7.32 24.33 13.60
C ALA C 39 7.35 22.93 14.22
N ASN C 40 8.54 22.40 14.41
CA ASN C 40 8.69 21.06 14.95
C ASN C 40 8.33 20.93 16.43
N LYS C 41 8.26 22.06 17.15
CA LYS C 41 7.73 22.00 18.55
C LYS C 41 6.29 21.49 18.50
N ILE C 42 5.54 21.99 17.53
CA ILE C 42 4.19 21.58 17.34
C ILE C 42 4.10 20.20 16.66
N ILE C 43 4.83 20.04 15.56
CA ILE C 43 4.76 18.78 14.81
C ILE C 43 5.25 17.56 15.62
N GLU C 44 6.37 17.71 16.31
CA GLU C 44 6.91 16.56 17.06
C GLU C 44 5.89 16.14 18.12
N GLU C 45 5.29 17.13 18.77
CA GLU C 45 4.33 16.84 19.84
C GLU C 45 3.10 16.11 19.29
N LYS C 46 2.57 16.58 18.15
CA LYS C 46 1.30 16.11 17.63
C LYS C 46 1.42 14.90 16.75
N VAL C 47 2.57 14.72 16.08
CA VAL C 47 2.73 13.67 15.11
C VAL C 47 3.77 12.64 15.48
N GLY C 48 4.76 13.03 16.26
CA GLY C 48 5.81 12.09 16.61
C GLY C 48 6.74 11.90 15.43
N ALA C 49 6.92 12.98 14.65
CA ALA C 49 7.86 13.05 13.56
C ALA C 49 8.44 14.46 13.52
N LYS C 50 9.59 14.59 12.88
CA LYS C 50 10.24 15.87 12.72
C LYS C 50 10.24 16.18 11.22
N LEU C 51 9.82 17.40 10.87
CA LEU C 51 9.86 17.80 9.45
C LEU C 51 11.20 18.40 9.02
N ASP C 52 11.70 17.97 7.86
CA ASP C 52 12.82 18.62 7.24
C ASP C 52 12.46 19.06 5.84
N ILE C 53 12.80 20.30 5.48
CA ILE C 53 12.43 20.77 4.16
C ILE C 53 13.70 21.05 3.35
N GLN C 54 13.79 20.50 2.11
CA GLN C 54 14.92 20.83 1.25
C GLN C 54 14.34 21.64 0.11
N TYR C 55 14.92 22.83 -0.14
CA TYR C 55 14.46 23.68 -1.22
C TYR C 55 15.31 23.40 -2.42
N LEU C 56 14.72 23.46 -3.59
CA LEU C 56 15.36 23.08 -4.83
C LEU C 56 15.51 24.21 -5.85
N GLY C 57 15.15 25.43 -5.49
CA GLY C 57 15.36 26.52 -6.42
C GLY C 57 14.13 26.77 -7.25
N TRP C 58 14.13 27.90 -8.01
CA TRP C 58 12.96 28.23 -8.90
C TRP C 58 13.10 27.72 -10.34
N GLY C 59 14.14 28.19 -11.04
CA GLY C 59 14.26 28.04 -12.47
C GLY C 59 14.38 26.63 -13.05
N ASP C 60 14.88 25.68 -12.24
CA ASP C 60 15.05 24.33 -12.72
C ASP C 60 14.35 23.30 -11.86
N TYR C 61 13.33 23.76 -11.11
CA TYR C 61 12.63 22.86 -10.23
C TYR C 61 12.06 21.65 -10.98
N GLY C 62 11.39 21.89 -12.11
CA GLY C 62 10.81 20.78 -12.91
C GLY C 62 11.83 19.69 -13.29
N LYS C 63 12.95 20.14 -13.80
CA LYS C 63 14.05 19.20 -14.17
C LYS C 63 14.57 18.46 -12.95
N LYS C 64 14.66 19.18 -11.80
CA LYS C 64 15.27 18.52 -10.59
C LYS C 64 14.27 17.50 -10.05
N MET C 65 13.00 17.90 -9.96
CA MET C 65 11.98 16.98 -9.43
C MET C 65 11.75 15.82 -10.40
N SER C 66 11.99 16.03 -11.69
CA SER C 66 11.86 14.86 -12.59
C SER C 66 12.95 13.80 -12.30
N VAL C 67 14.16 14.24 -11.97
CA VAL C 67 15.24 13.25 -11.63
C VAL C 67 14.72 12.41 -10.45
N ILE C 68 14.19 13.10 -9.44
CA ILE C 68 13.80 12.48 -8.20
C ILE C 68 12.67 11.51 -8.43
N THR C 69 11.63 11.93 -9.16
CA THR C 69 10.48 11.06 -9.31
C THR C 69 10.76 9.91 -10.29
N SER C 70 11.45 10.20 -11.39
CA SER C 70 11.63 9.17 -12.43
C SER C 70 12.61 8.13 -11.89
N SER C 71 13.45 8.53 -10.95
CA SER C 71 14.30 7.53 -10.30
C SER C 71 13.64 6.77 -9.14
N GLY C 72 12.45 7.17 -8.72
CA GLY C 72 11.79 6.55 -7.55
C GLY C 72 12.56 6.76 -6.26
N GLU C 73 13.21 7.91 -6.11
CA GLU C 73 14.00 8.18 -4.91
C GLU C 73 13.17 8.25 -3.64
N ASN C 74 13.80 7.99 -2.50
CA ASN C 74 13.12 8.07 -1.25
C ASN C 74 12.87 9.57 -0.94
N TYR C 75 11.60 9.95 -0.83
CA TYR C 75 11.28 11.25 -0.21
C TYR C 75 9.88 11.03 0.37
N ASP C 76 9.38 11.98 1.19
CA ASP C 76 8.05 11.82 1.77
C ASP C 76 7.01 12.75 1.13
N ILE C 77 7.29 14.05 1.16
CA ILE C 77 6.34 15.06 0.63
C ILE C 77 7.08 15.88 -0.43
N ALA C 78 6.37 16.35 -1.45
CA ALA C 78 6.93 17.34 -2.38
C ALA C 78 5.87 18.28 -2.92
N PHE C 79 6.36 19.49 -3.25
CA PHE C 79 5.61 20.40 -4.11
C PHE C 79 5.69 19.74 -5.52
N ALA C 80 4.57 19.36 -6.06
CA ALA C 80 4.52 18.60 -7.32
C ALA C 80 4.94 19.42 -8.53
N ASP C 81 5.53 18.72 -9.50
CA ASP C 81 5.75 19.27 -10.83
C ASP C 81 5.10 18.31 -11.80
N ASN C 82 4.48 18.89 -12.86
CA ASN C 82 3.82 18.10 -13.92
C ASN C 82 2.90 17.06 -13.29
N TYR C 83 2.04 17.54 -12.36
CA TYR C 83 1.21 16.69 -11.51
C TYR C 83 0.31 15.67 -12.29
N ILE C 84 -0.45 16.18 -13.27
CA ILE C 84 -1.36 15.33 -14.03
C ILE C 84 -0.63 14.16 -14.75
N VAL C 85 0.50 14.45 -15.44
CA VAL C 85 1.34 13.41 -16.04
C VAL C 85 1.92 12.39 -15.07
N ASN C 86 2.61 12.87 -14.03
CA ASN C 86 3.20 12.01 -12.98
C ASN C 86 2.24 11.21 -12.19
N ALA C 87 1.03 11.70 -11.99
CA ALA C 87 0.09 10.98 -11.16
C ALA C 87 -0.31 9.69 -11.90
N GLN C 88 -0.23 9.77 -13.24
CA GLN C 88 -0.61 8.65 -14.12
C GLN C 88 0.56 7.70 -14.32
N LYS C 89 1.75 8.14 -13.97
CA LYS C 89 2.95 7.29 -13.99
C LYS C 89 3.15 6.57 -12.68
N GLY C 90 2.26 6.76 -11.71
CA GLY C 90 2.38 6.10 -10.41
C GLY C 90 3.39 6.75 -9.46
N ALA C 91 3.76 8.03 -9.68
CA ALA C 91 4.80 8.65 -8.86
C ALA C 91 4.29 8.96 -7.45
N TYR C 92 2.98 9.08 -7.30
CA TYR C 92 2.40 9.65 -6.07
C TYR C 92 1.51 8.63 -5.38
N ALA C 93 1.53 8.63 -4.04
CA ALA C 93 0.61 7.82 -3.26
C ALA C 93 -0.82 8.25 -3.52
N ASP C 94 -1.69 7.26 -3.68
CA ASP C 94 -3.14 7.53 -3.76
C ASP C 94 -3.53 8.03 -2.36
N LEU C 95 -4.27 9.14 -2.29
CA LEU C 95 -4.58 9.74 -0.97
C LEU C 95 -6.03 9.41 -0.57
N THR C 96 -6.70 8.52 -1.31
CA THR C 96 -8.15 8.20 -1.03
C THR C 96 -8.40 7.80 0.41
N GLU C 97 -7.61 6.87 0.94
CA GLU C 97 -7.82 6.40 2.30
C GLU C 97 -7.24 7.37 3.34
N LEU C 98 -6.10 7.97 2.97
CA LEU C 98 -5.42 8.91 3.85
C LEU C 98 -6.35 10.05 4.19
N TYR C 99 -7.12 10.50 3.21
CA TYR C 99 -8.00 11.63 3.40
C TYR C 99 -9.19 11.29 4.32
N LYS C 100 -9.49 10.00 4.51
CA LYS C 100 -10.65 9.64 5.36
C LYS C 100 -10.28 9.72 6.82
N LYS C 101 -8.99 9.75 7.12
CA LYS C 101 -8.60 9.78 8.51
C LYS C 101 -7.53 10.86 8.76
N GLU C 102 -6.30 10.62 8.31
CA GLU C 102 -5.23 11.58 8.66
C GLU C 102 -5.52 12.98 8.07
N GLY C 103 -6.08 13.02 6.88
CA GLY C 103 -6.27 14.28 6.18
C GLY C 103 -7.73 14.74 6.17
N LYS C 104 -8.53 14.19 7.07
CA LYS C 104 -9.98 14.46 7.00
C LYS C 104 -10.32 15.94 7.23
N ASP C 105 -9.61 16.60 8.15
CA ASP C 105 -9.88 17.99 8.41
C ASP C 105 -9.50 18.92 7.26
N LEU C 106 -8.31 18.73 6.71
CA LEU C 106 -7.92 19.66 5.57
C LEU C 106 -8.90 19.48 4.39
N TYR C 107 -9.38 18.25 4.21
CA TYR C 107 -10.22 17.95 3.03
C TYR C 107 -11.51 18.75 3.10
N LYS C 108 -12.08 18.93 4.30
CA LYS C 108 -13.34 19.68 4.46
C LYS C 108 -13.28 21.11 3.98
N ALA C 109 -12.10 21.72 4.06
CA ALA C 109 -11.90 23.08 3.64
C ALA C 109 -11.82 23.28 2.14
N LEU C 110 -11.73 22.21 1.36
CA LEU C 110 -11.45 22.38 -0.07
C LEU C 110 -12.71 22.66 -0.86
N ASP C 111 -12.75 23.81 -1.51
CA ASP C 111 -13.70 24.06 -2.59
C ASP C 111 -13.70 22.83 -3.51
N PRO C 112 -14.88 22.41 -3.99
CA PRO C 112 -14.97 21.22 -4.86
C PRO C 112 -14.25 21.33 -6.19
N ALA C 113 -14.04 22.56 -6.65
CA ALA C 113 -13.13 22.76 -7.81
C ALA C 113 -11.73 22.17 -7.56
N TYR C 114 -11.22 22.16 -6.33
CA TYR C 114 -9.89 21.56 -6.10
C TYR C 114 -9.96 20.04 -6.31
N ILE C 115 -11.12 19.45 -6.02
CA ILE C 115 -11.25 17.98 -6.16
C ILE C 115 -11.31 17.65 -7.63
N LYS C 116 -12.16 18.38 -8.35
CA LYS C 116 -12.34 18.18 -9.78
C LYS C 116 -11.01 18.41 -10.57
N GLY C 117 -10.28 19.44 -10.17
CA GLY C 117 -9.04 19.75 -10.94
C GLY C 117 -7.90 18.80 -10.65
N ASN C 118 -8.00 17.99 -9.60
CA ASN C 118 -6.85 17.22 -9.06
C ASN C 118 -7.11 15.73 -9.04
N THR C 119 -8.29 15.35 -9.56
CA THR C 119 -8.68 13.93 -9.60
C THR C 119 -8.24 13.29 -10.93
N VAL C 120 -7.56 12.13 -10.87
CA VAL C 120 -7.11 11.44 -12.09
C VAL C 120 -7.47 9.91 -11.94
N ASN C 121 -8.09 9.25 -12.94
CA ASN C 121 -8.51 7.80 -12.72
C ASN C 121 -9.33 7.57 -11.49
N GLY C 122 -10.20 8.52 -11.23
CA GLY C 122 -11.06 8.50 -10.07
C GLY C 122 -10.38 8.64 -8.74
N LYS C 123 -9.09 9.00 -8.72
CA LYS C 123 -8.33 9.07 -7.45
C LYS C 123 -7.68 10.46 -7.30
N ILE C 124 -7.60 10.93 -6.06
CA ILE C 124 -6.88 12.19 -5.82
C ILE C 124 -5.46 11.89 -5.29
N TYR C 125 -4.44 12.58 -5.85
CA TYR C 125 -3.09 12.35 -5.44
C TYR C 125 -2.43 13.61 -4.89
N ALA C 126 -3.21 14.66 -4.68
CA ALA C 126 -2.66 15.95 -4.14
C ALA C 126 -3.35 16.40 -2.87
N VAL C 127 -2.60 17.15 -2.05
CA VAL C 127 -3.12 18.07 -1.07
C VAL C 127 -2.90 19.46 -1.71
N PRO C 128 -3.96 20.02 -2.31
CA PRO C 128 -3.83 21.32 -2.92
C PRO C 128 -3.94 22.37 -1.77
N VAL C 129 -3.21 23.49 -1.87
CA VAL C 129 -3.29 24.56 -0.89
C VAL C 129 -4.60 25.36 -1.17
N ALA C 130 -5.44 25.42 -0.15
CA ALA C 130 -6.74 26.13 -0.37
C ALA C 130 -6.39 27.61 -0.35
N ALA C 131 -6.53 28.24 -1.51
CA ALA C 131 -6.15 29.63 -1.65
C ALA C 131 -6.85 30.22 -2.87
N ASN C 132 -6.07 30.61 -3.88
CA ASN C 132 -6.64 31.21 -5.10
C ASN C 132 -7.19 30.19 -6.07
N VAL C 133 -8.27 29.58 -5.61
CA VAL C 133 -8.97 28.59 -6.44
C VAL C 133 -9.41 29.25 -7.75
N ALA C 134 -9.75 30.55 -7.71
CA ALA C 134 -9.77 31.39 -8.93
C ALA C 134 -8.69 32.43 -8.81
N SER C 135 -8.21 32.89 -9.96
CA SER C 135 -7.27 34.00 -9.95
C SER C 135 -7.21 34.58 -11.36
N SER C 136 -6.60 35.75 -11.45
CA SER C 136 -6.24 36.29 -12.75
C SER C 136 -4.74 36.49 -12.84
N GLN C 137 -4.25 36.54 -14.07
CA GLN C 137 -2.89 37.04 -14.32
C GLN C 137 -2.89 38.56 -14.40
N ASN C 138 -1.92 39.21 -13.79
CA ASN C 138 -1.82 40.67 -13.76
C ASN C 138 -0.40 41.14 -13.98
N PHE C 139 -0.26 42.35 -14.50
CA PHE C 139 1.06 43.05 -14.39
C PHE C 139 1.09 43.73 -13.07
N ALA C 140 2.18 43.49 -12.34
CA ALA C 140 2.44 44.15 -11.07
C ALA C 140 3.55 45.16 -11.31
N PHE C 141 3.32 46.41 -10.90
CA PHE C 141 4.28 47.51 -11.16
C PHE C 141 4.94 47.99 -9.92
N ASN C 142 6.21 48.38 -10.07
CA ASN C 142 7.00 48.88 -9.00
C ASN C 142 6.54 50.33 -8.75
N GLY C 143 5.83 50.54 -7.63
CA GLY C 143 5.26 51.86 -7.29
C GLY C 143 6.30 52.96 -7.04
N THR C 144 7.48 52.60 -6.52
CA THR C 144 8.57 53.56 -6.33
C THR C 144 8.89 54.19 -7.67
N LEU C 145 9.09 53.32 -8.68
CA LEU C 145 9.37 53.81 -10.06
C LEU C 145 8.23 54.53 -10.72
N LEU C 146 6.99 54.05 -10.51
CA LEU C 146 5.85 54.76 -11.12
C LEU C 146 5.82 56.23 -10.64
N ALA C 147 6.01 56.41 -9.34
CA ALA C 147 5.97 57.74 -8.72
C ALA C 147 7.16 58.59 -9.14
N LYS C 148 8.36 58.01 -9.09
CA LYS C 148 9.58 58.72 -9.44
C LYS C 148 9.49 59.27 -10.85
N TYR C 149 9.08 58.42 -11.80
CA TYR C 149 9.23 58.76 -13.23
C TYR C 149 7.89 59.15 -13.89
N GLY C 150 6.84 59.22 -13.07
CA GLY C 150 5.51 59.62 -13.55
C GLY C 150 4.93 58.88 -14.76
N ILE C 151 5.00 57.55 -14.72
CA ILE C 151 4.57 56.75 -15.85
C ILE C 151 3.11 56.38 -15.68
N ASP C 152 2.35 56.56 -16.75
CA ASP C 152 0.90 56.45 -16.69
C ASP C 152 0.57 55.06 -17.22
N ILE C 153 0.01 54.21 -16.34
CA ILE C 153 -0.26 52.80 -16.65
C ILE C 153 -1.77 52.55 -16.85
N SER C 154 -2.58 53.62 -16.98
CA SER C 154 -4.03 53.39 -17.13
C SER C 154 -4.41 52.62 -18.40
N GLY C 155 -3.61 52.66 -19.45
CA GLY C 155 -4.00 51.96 -20.67
C GLY C 155 -3.54 50.51 -20.78
N VAL C 156 -2.93 49.99 -19.72
CA VAL C 156 -2.33 48.68 -19.87
C VAL C 156 -3.39 47.63 -19.59
N THR C 157 -3.69 46.83 -20.58
CA THR C 157 -4.66 45.79 -20.41
C THR C 157 -4.17 44.52 -21.03
N SER C 158 -2.93 44.48 -21.57
CA SER C 158 -2.47 43.35 -22.36
C SER C 158 -0.97 43.41 -22.59
N TYR C 159 -0.34 42.32 -23.11
CA TYR C 159 1.13 42.41 -23.37
C TYR C 159 1.31 43.50 -24.42
N GLU C 160 0.39 43.56 -25.37
CA GLU C 160 0.53 44.58 -26.44
C GLU C 160 0.49 46.01 -25.91
N THR C 161 -0.45 46.29 -25.02
CA THR C 161 -0.56 47.61 -24.45
C THR C 161 0.42 47.98 -23.36
N LEU C 162 1.27 47.01 -22.98
CA LEU C 162 2.37 47.28 -22.02
C LEU C 162 3.49 48.08 -22.75
N GLU C 163 3.58 47.90 -24.07
CA GLU C 163 4.66 48.51 -24.85
C GLU C 163 4.97 49.98 -24.59
N PRO C 164 3.98 50.88 -24.67
CA PRO C 164 4.32 52.30 -24.41
C PRO C 164 4.96 52.58 -23.07
N VAL C 165 4.51 51.88 -22.00
CA VAL C 165 5.06 51.99 -20.67
CA VAL C 165 5.11 52.14 -20.71
C VAL C 165 6.55 51.52 -20.62
N LEU C 166 6.81 50.41 -21.31
CA LEU C 166 8.20 49.83 -21.35
C LEU C 166 9.09 50.80 -22.08
N LYS C 167 8.59 51.38 -23.18
CA LYS C 167 9.37 52.40 -23.92
C LYS C 167 9.69 53.58 -23.00
N GLN C 168 8.71 54.07 -22.24
CA GLN C 168 9.02 55.19 -21.34
C GLN C 168 10.06 54.86 -20.24
N ILE C 169 9.96 53.67 -19.62
CA ILE C 169 10.87 53.40 -18.49
C ILE C 169 12.26 53.04 -19.03
N LYS C 170 12.31 52.49 -20.23
CA LYS C 170 13.60 52.20 -20.79
C LYS C 170 14.37 53.53 -21.05
N GLU C 171 13.62 54.54 -21.47
CA GLU C 171 14.24 55.80 -21.81
C GLU C 171 14.58 56.56 -20.55
N LYS C 172 13.72 56.44 -19.56
CA LYS C 172 13.90 57.28 -18.40
C LYS C 172 14.85 56.65 -17.38
N ALA C 173 14.88 55.31 -17.32
CA ALA C 173 15.61 54.59 -16.24
C ALA C 173 16.25 53.34 -16.83
N PRO C 174 17.24 53.52 -17.72
CA PRO C 174 17.79 52.38 -18.45
C PRO C 174 18.58 51.43 -17.51
N ASP C 175 18.86 51.85 -16.27
CA ASP C 175 19.46 51.01 -15.20
C ASP C 175 18.47 49.93 -14.69
N VAL C 176 17.21 49.94 -15.14
CA VAL C 176 16.18 48.98 -14.61
C VAL C 176 15.70 48.12 -15.82
N VAL C 177 15.38 46.86 -15.56
CA VAL C 177 14.83 45.96 -16.57
C VAL C 177 13.33 46.36 -16.69
N PRO C 178 12.88 46.75 -17.88
CA PRO C 178 11.48 47.20 -17.97
C PRO C 178 10.44 46.10 -17.56
N PHE C 179 10.53 44.92 -18.16
CA PHE C 179 9.63 43.76 -17.90
C PHE C 179 10.49 42.57 -17.47
N ALA C 180 10.40 42.25 -16.17
CA ALA C 180 11.21 41.20 -15.60
C ALA C 180 10.47 39.91 -15.81
N ILE C 181 10.97 39.12 -16.74
CA ILE C 181 10.63 37.74 -16.86
C ILE C 181 11.94 36.93 -16.92
N GLY C 182 11.79 35.64 -16.66
CA GLY C 182 12.89 34.72 -16.61
C GLY C 182 12.67 33.54 -17.50
N LYS C 183 13.54 32.56 -17.35
CA LYS C 183 13.56 31.43 -18.28
CA LYS C 183 13.56 31.41 -18.24
C LYS C 183 12.37 30.49 -18.20
N VAL C 184 11.60 30.55 -17.11
CA VAL C 184 10.45 29.66 -17.04
C VAL C 184 9.18 30.35 -17.56
N PHE C 185 9.31 31.60 -17.99
CA PHE C 185 8.12 32.35 -18.45
C PHE C 185 7.36 31.66 -19.61
N ILE C 186 6.02 31.64 -19.49
CA ILE C 186 5.14 31.22 -20.63
C ILE C 186 4.05 32.34 -20.68
N PRO C 187 3.80 32.96 -21.83
CA PRO C 187 2.73 34.00 -21.85
C PRO C 187 1.38 33.42 -21.42
N SER C 188 0.58 34.25 -20.71
CA SER C 188 -0.70 33.78 -20.14
C SER C 188 -1.81 34.23 -21.09
N ASP C 189 -2.94 33.53 -21.01
CA ASP C 189 -4.11 33.92 -21.80
C ASP C 189 -5.28 33.20 -21.23
N ASN C 190 -6.42 33.37 -21.88
CA ASN C 190 -7.63 32.73 -21.41
C ASN C 190 -7.78 31.34 -21.99
N PHE C 191 -6.98 30.42 -21.47
CA PHE C 191 -6.92 29.05 -21.93
C PHE C 191 -7.18 28.14 -20.78
N ASP C 192 -7.67 26.95 -21.06
CA ASP C 192 -7.65 25.92 -20.06
C ASP C 192 -6.71 24.78 -20.52
N TYR C 193 -5.89 24.25 -19.61
CA TYR C 193 -4.95 23.21 -19.96
C TYR C 193 -5.38 21.83 -19.44
N PRO C 194 -5.70 20.90 -20.37
CA PRO C 194 -6.08 19.54 -19.96
C PRO C 194 -4.93 18.73 -19.30
N VAL C 195 -3.68 19.12 -19.56
CA VAL C 195 -2.52 18.44 -18.94
C VAL C 195 -1.84 19.45 -18.00
N ALA C 196 -1.03 20.34 -18.56
CA ALA C 196 -0.39 21.43 -17.83
C ALA C 196 0.25 22.29 -18.90
N ASN C 197 0.77 23.45 -18.50
CA ASN C 197 1.24 24.41 -19.52
C ASN C 197 2.62 24.20 -20.12
N GLY C 198 3.27 23.08 -19.78
CA GLY C 198 4.48 22.65 -20.41
C GLY C 198 4.20 21.99 -21.78
N LEU C 199 2.93 21.73 -22.03
CA LEU C 199 2.46 21.16 -23.33
C LEU C 199 1.58 22.16 -24.02
N PRO C 200 1.48 22.09 -25.37
CA PRO C 200 0.86 23.20 -26.10
C PRO C 200 -0.67 23.08 -26.24
N PHE C 201 -1.24 22.01 -25.70
CA PHE C 201 -2.70 21.74 -25.85
C PHE C 201 -3.56 22.56 -24.92
N VAL C 202 -4.46 23.36 -25.48
CA VAL C 202 -5.40 24.11 -24.66
C VAL C 202 -6.82 24.01 -25.19
N ILE C 203 -7.77 24.38 -24.33
CA ILE C 203 -9.08 24.82 -24.77
C ILE C 203 -9.02 26.33 -24.75
N ASP C 204 -9.23 26.97 -25.92
CA ASP C 204 -9.40 28.42 -26.00
C ASP C 204 -10.75 28.84 -25.45
N LEU C 205 -10.71 29.54 -24.31
CA LEU C 205 -11.93 29.94 -23.62
C LEU C 205 -12.62 31.08 -24.34
N GLU C 206 -11.88 31.73 -25.22
CA GLU C 206 -12.33 32.86 -26.08
C GLU C 206 -12.72 32.41 -27.50
N GLY C 207 -12.42 31.18 -27.85
CA GLY C 207 -12.75 30.67 -29.20
C GLY C 207 -13.78 29.54 -29.13
N ASP C 208 -13.48 28.46 -29.82
CA ASP C 208 -14.42 27.35 -29.81
C ASP C 208 -14.24 26.45 -28.55
N THR C 209 -15.13 26.57 -27.57
CA THR C 209 -14.95 25.83 -26.31
C THR C 209 -15.23 24.35 -26.39
N THR C 210 -15.40 23.82 -27.62
CA THR C 210 -15.56 22.37 -27.75
C THR C 210 -14.35 21.70 -28.41
N LYS C 211 -13.36 22.50 -28.83
CA LYS C 211 -12.21 22.01 -29.57
C LYS C 211 -10.92 22.18 -28.77
N VAL C 212 -10.09 21.13 -28.75
CA VAL C 212 -8.68 21.23 -28.32
C VAL C 212 -7.84 21.85 -29.45
N VAL C 213 -7.01 22.85 -29.15
CA VAL C 213 -6.22 23.55 -30.12
C VAL C 213 -4.77 23.67 -29.59
N ASN C 214 -3.89 24.02 -30.49
CA ASN C 214 -2.50 24.29 -30.22
C ASN C 214 -2.40 25.77 -29.93
N ARG C 215 -1.91 26.10 -28.71
CA ARG C 215 -1.78 27.50 -28.36
C ARG C 215 -0.95 28.27 -29.35
N TYR C 216 0.05 27.62 -29.95
CA TYR C 216 0.96 28.34 -30.83
C TYR C 216 0.24 28.75 -32.13
N GLU C 217 -0.89 28.10 -32.38
CA GLU C 217 -1.72 28.41 -33.58
C GLU C 217 -2.91 29.31 -33.31
N VAL C 218 -3.07 29.78 -32.07
CA VAL C 218 -4.14 30.70 -31.73
C VAL C 218 -3.60 32.07 -32.07
N PRO C 219 -4.29 32.86 -32.93
CA PRO C 219 -3.68 34.08 -33.47
C PRO C 219 -3.28 35.08 -32.40
N ARG C 220 -4.17 35.31 -31.43
CA ARG C 220 -4.00 36.22 -30.32
C ARG C 220 -2.63 35.84 -29.62
N PHE C 221 -2.38 34.56 -29.50
CA PHE C 221 -1.25 34.03 -28.66
C PHE C 221 0.03 34.15 -29.47
N LYS C 222 -0.12 33.88 -30.77
CA LYS C 222 1.00 34.03 -31.66
C LYS C 222 1.43 35.47 -31.69
N GLU C 223 0.45 36.38 -31.69
CA GLU C 223 0.75 37.78 -31.68
C GLU C 223 1.45 38.17 -30.35
N HIS C 224 1.00 37.63 -29.22
CA HIS C 224 1.80 37.84 -27.99
C HIS C 224 3.27 37.45 -28.12
N LEU C 225 3.55 36.34 -28.79
CA LEU C 225 4.93 35.92 -29.00
C LEU C 225 5.69 36.93 -29.91
N LYS C 226 4.96 37.53 -30.87
CA LYS C 226 5.60 38.52 -31.73
C LYS C 226 5.90 39.77 -30.95
N THR C 227 4.94 40.16 -30.08
CA THR C 227 5.16 41.24 -29.13
C THR C 227 6.38 40.97 -28.25
N LEU C 228 6.47 39.77 -27.69
CA LEU C 228 7.57 39.49 -26.71
C LEU C 228 8.91 39.54 -27.44
N HIS C 229 8.95 39.05 -28.69
CA HIS C 229 10.15 39.21 -29.50
C HIS C 229 10.55 40.64 -29.81
N LYS C 230 9.58 41.53 -30.07
CA LYS C 230 9.85 42.92 -30.16
C LYS C 230 10.45 43.48 -28.86
N PHE C 231 9.87 43.10 -27.71
CA PHE C 231 10.40 43.52 -26.42
C PHE C 231 11.83 43.05 -26.33
N TYR C 232 12.07 41.86 -26.78
CA TYR C 232 13.40 41.29 -26.64
C TYR C 232 14.39 42.14 -27.48
N GLU C 233 13.97 42.49 -28.69
CA GLU C 233 14.80 43.35 -29.57
C GLU C 233 15.05 44.75 -29.05
N ALA C 234 14.09 45.28 -28.30
CA ALA C 234 14.18 46.63 -27.85
C ALA C 234 14.88 46.71 -26.48
N GLY C 235 15.24 45.55 -25.92
CA GLY C 235 15.84 45.51 -24.59
C GLY C 235 14.85 45.76 -23.46
N TYR C 236 13.55 45.47 -23.68
CA TYR C 236 12.55 45.62 -22.61
C TYR C 236 12.52 44.38 -21.72
N ILE C 237 12.97 43.27 -22.28
CA ILE C 237 13.18 42.03 -21.54
C ILE C 237 14.66 41.74 -21.55
N PRO C 238 15.15 41.00 -20.54
CA PRO C 238 16.64 40.75 -20.58
C PRO C 238 17.13 39.94 -21.77
N LYS C 239 18.25 40.35 -22.39
CA LYS C 239 18.84 39.61 -23.54
C LYS C 239 19.15 38.15 -23.24
N ASP C 240 19.42 37.84 -21.96
CA ASP C 240 19.76 36.49 -21.54
C ASP C 240 18.60 35.83 -20.84
N VAL C 241 17.36 36.35 -21.06
CA VAL C 241 16.16 35.77 -20.48
C VAL C 241 16.05 34.26 -20.58
N ALA C 242 16.46 33.63 -21.71
CA ALA C 242 16.28 32.21 -21.86
C ALA C 242 17.22 31.39 -21.02
N THR C 243 18.29 32.01 -20.49
CA THR C 243 19.27 31.24 -19.71
C THR C 243 19.58 31.76 -18.32
N SER C 244 19.33 33.03 -18.10
CA SER C 244 19.77 33.68 -16.88
C SER C 244 19.07 33.14 -15.66
N ASP C 245 19.80 33.15 -14.55
CA ASP C 245 19.10 33.11 -13.25
C ASP C 245 18.92 34.43 -12.52
N THR C 246 19.21 35.57 -13.15
CA THR C 246 19.02 36.84 -12.48
C THR C 246 17.63 36.83 -11.84
N SER C 247 17.54 36.88 -10.52
CA SER C 247 16.24 37.04 -9.88
C SER C 247 15.92 38.52 -9.77
N PHE C 248 14.64 38.87 -9.77
CA PHE C 248 14.24 40.25 -9.67
C PHE C 248 13.48 40.39 -8.37
N ASP C 249 14.18 40.78 -7.32
CA ASP C 249 13.63 40.83 -5.98
C ASP C 249 12.48 41.84 -5.91
N LEU C 250 11.32 41.38 -5.39
CA LEU C 250 10.12 42.23 -5.27
C LEU C 250 10.41 43.53 -4.50
N GLN C 251 11.37 43.47 -3.60
CA GLN C 251 11.68 44.66 -2.80
C GLN C 251 12.60 45.69 -3.49
N GLN C 252 13.24 45.26 -4.55
CA GLN C 252 14.33 46.07 -5.12
C GLN C 252 13.93 46.76 -6.42
N ASP C 253 14.62 47.87 -6.74
CA ASP C 253 14.32 48.69 -7.92
C ASP C 253 15.11 48.24 -9.10
N THR C 254 15.12 46.94 -9.31
CA THR C 254 15.76 46.39 -10.48
C THR C 254 14.87 46.10 -11.66
N TRP C 255 13.56 46.24 -11.47
CA TRP C 255 12.56 45.85 -12.46
C TRP C 255 11.46 46.88 -12.33
N PHE C 256 10.72 47.10 -13.43
CA PHE C 256 9.61 48.03 -13.39
C PHE C 256 8.24 47.33 -13.36
N VAL C 257 8.08 46.35 -14.24
CA VAL C 257 6.88 45.52 -14.26
C VAL C 257 7.19 44.02 -14.29
N ARG C 258 6.30 43.23 -13.75
CA ARG C 258 6.44 41.78 -13.75
C ARG C 258 5.08 41.19 -13.83
N GLU C 259 4.99 39.88 -14.07
CA GLU C 259 3.64 39.22 -14.17
C GLU C 259 3.35 38.38 -12.93
N GLU C 260 2.20 38.67 -12.31
CA GLU C 260 1.84 37.99 -11.03
C GLU C 260 0.45 37.39 -11.11
N THR C 261 0.30 36.21 -10.53
CA THR C 261 -1.02 35.57 -10.27
C THR C 261 -1.59 36.21 -9.01
N VAL C 262 -2.85 36.68 -9.10
CA VAL C 262 -3.49 37.33 -7.92
C VAL C 262 -4.91 36.79 -7.75
N GLY C 263 -5.30 36.46 -6.54
CA GLY C 263 -6.69 36.06 -6.32
C GLY C 263 -7.16 36.45 -4.93
N PRO C 264 -8.28 35.84 -4.49
CA PRO C 264 -8.90 36.36 -3.22
C PRO C 264 -8.05 36.21 -1.98
N ALA C 265 -7.17 35.21 -1.94
CA ALA C 265 -6.30 35.06 -0.77
C ALA C 265 -5.30 36.16 -0.56
N ASP C 266 -5.06 36.97 -1.58
CA ASP C 266 -4.05 38.03 -1.59
C ASP C 266 -4.62 39.38 -1.13
N TYR C 267 -5.93 39.45 -1.00
CA TYR C 267 -6.59 40.72 -0.62
C TYR C 267 -6.13 41.84 -1.53
N GLY C 268 -6.40 41.71 -2.83
CA GLY C 268 -6.04 42.75 -3.83
C GLY C 268 -4.54 42.89 -3.93
N ASN C 269 -4.06 44.13 -4.03
CA ASN C 269 -2.62 44.40 -4.06
C ASN C 269 -1.95 44.48 -2.70
N SER C 270 -2.68 44.13 -1.62
CA SER C 270 -2.15 44.28 -0.32
C SER C 270 -0.96 43.28 -0.08
N LEU C 271 -1.10 42.05 -0.54
CA LEU C 271 -0.02 41.07 -0.26
C LEU C 271 1.26 41.46 -0.99
N LEU C 272 1.15 41.76 -2.26
CA LEU C 272 2.35 42.11 -3.02
C LEU C 272 2.99 43.37 -2.46
N SER C 273 2.16 44.31 -1.98
CA SER C 273 2.73 45.49 -1.37
C SER C 273 3.47 45.19 -0.04
N ARG C 274 2.92 44.26 0.76
CA ARG C 274 3.57 43.80 1.97
C ARG C 274 4.91 43.14 1.65
N VAL C 275 4.90 42.24 0.66
CA VAL C 275 6.10 41.44 0.39
C VAL C 275 7.16 42.30 -0.30
N ALA C 276 6.70 43.22 -1.12
CA ALA C 276 7.62 44.15 -1.81
C ALA C 276 8.01 45.29 -0.87
N ASN C 277 7.32 45.42 0.27
CA ASN C 277 7.50 46.58 1.13
C ASN C 277 7.39 47.93 0.41
N LYS C 278 6.38 48.08 -0.43
CA LYS C 278 6.18 49.35 -1.16
C LYS C 278 4.90 49.21 -1.93
N ASP C 279 4.44 50.30 -2.53
CA ASP C 279 3.21 50.26 -3.26
C ASP C 279 3.43 49.41 -4.55
N ILE C 280 2.71 48.31 -4.67
CA ILE C 280 2.65 47.58 -5.95
C ILE C 280 1.29 47.72 -6.56
N GLN C 281 1.20 48.17 -7.81
CA GLN C 281 -0.09 48.41 -8.43
C GLN C 281 -0.28 47.28 -9.41
N ILE C 282 -1.51 46.78 -9.56
CA ILE C 282 -1.79 45.64 -10.45
C ILE C 282 -2.81 45.95 -11.53
N LYS C 283 -2.61 45.37 -12.71
CA LYS C 283 -3.46 45.53 -13.84
C LYS C 283 -3.71 44.15 -14.39
N PRO C 284 -5.00 43.71 -14.45
CA PRO C 284 -5.30 42.35 -14.91
C PRO C 284 -5.16 42.18 -16.38
N ILE C 285 -4.72 40.99 -16.84
CA ILE C 285 -4.62 40.64 -18.29
C ILE C 285 -5.37 39.39 -18.68
N THR C 286 -5.83 38.61 -17.70
CA THR C 286 -6.67 37.46 -18.04
C THR C 286 -7.90 37.49 -17.21
N ASN C 287 -8.88 36.66 -17.57
CA ASN C 287 -10.10 36.57 -16.78
C ASN C 287 -9.91 35.90 -15.42
N PHE C 288 -10.61 36.42 -14.41
CA PHE C 288 -10.61 35.83 -13.07
C PHE C 288 -11.54 34.63 -12.99
N ILE C 289 -11.00 33.41 -12.92
CA ILE C 289 -11.83 32.23 -13.15
C ILE C 289 -11.21 31.04 -12.40
N LYS C 290 -12.02 30.02 -12.09
CA LYS C 290 -11.51 28.70 -11.64
C LYS C 290 -11.22 27.83 -12.87
N LYS C 291 -9.96 27.40 -13.04
CA LYS C 291 -9.59 26.56 -14.15
C LYS C 291 -8.55 25.51 -13.70
N ASN C 292 -8.18 24.60 -14.59
CA ASN C 292 -7.30 23.54 -14.13
C ASN C 292 -6.08 24.16 -13.41
N GLN C 293 -5.46 25.16 -14.06
CA GLN C 293 -4.19 25.68 -13.56
C GLN C 293 -4.33 26.26 -12.16
N THR C 294 -5.44 26.96 -11.90
CA THR C 294 -5.62 27.62 -10.59
C THR C 294 -5.86 26.58 -9.50
N THR C 295 -6.52 25.46 -9.84
CA THR C 295 -6.75 24.41 -8.84
C THR C 295 -5.47 23.58 -8.60
N GLN C 296 -4.49 23.73 -9.52
CA GLN C 296 -3.27 22.88 -9.43
C GLN C 296 -1.98 23.65 -9.12
N VAL C 297 -2.09 24.94 -8.81
CA VAL C 297 -0.92 25.83 -8.78
C VAL C 297 0.03 25.43 -7.59
N ALA C 298 -0.49 24.79 -6.53
CA ALA C 298 0.36 24.36 -5.42
C ALA C 298 -0.23 23.06 -4.91
N ASN C 299 0.28 21.96 -5.49
CA ASN C 299 -0.08 20.65 -5.00
C ASN C 299 1.04 19.95 -4.25
N PHE C 300 0.68 19.50 -3.06
CA PHE C 300 1.60 18.61 -2.35
C PHE C 300 1.28 17.14 -2.58
N VAL C 301 2.31 16.38 -2.89
CA VAL C 301 2.16 14.93 -3.02
C VAL C 301 2.99 14.20 -2.01
N ILE C 302 2.58 12.96 -1.77
CA ILE C 302 3.34 12.01 -0.98
C ILE C 302 3.95 10.99 -1.94
N SER C 303 5.27 10.77 -1.83
CA SER C 303 5.96 9.80 -2.72
C SER C 303 5.26 8.44 -2.64
N ASN C 304 5.07 7.78 -3.77
CA ASN C 304 4.48 6.43 -3.76
CA ASN C 304 4.46 6.44 -3.71
C ASN C 304 5.40 5.46 -2.98
N ASN C 305 6.66 5.80 -2.88
CA ASN C 305 7.68 4.96 -2.15
C ASN C 305 7.97 5.47 -0.74
N SER C 306 7.20 6.46 -0.24
CA SER C 306 7.40 6.96 1.12
C SER C 306 7.15 5.81 2.13
N LYS C 307 7.99 5.71 3.18
CA LYS C 307 7.81 4.71 4.23
C LYS C 307 7.16 5.38 5.41
N ASN C 308 6.61 6.58 5.19
CA ASN C 308 5.94 7.34 6.25
C ASN C 308 4.71 8.08 5.77
N LYS C 309 3.83 7.34 5.11
CA LYS C 309 2.72 8.03 4.38
C LYS C 309 1.74 8.63 5.38
N GLU C 310 1.37 7.87 6.44
CA GLU C 310 0.45 8.38 7.45
C GLU C 310 1.00 9.62 8.08
N LYS C 311 2.24 9.57 8.56
CA LYS C 311 2.72 10.74 9.26
C LYS C 311 2.89 11.95 8.29
N SER C 312 3.22 11.66 7.02
CA SER C 312 3.30 12.70 6.01
C SER C 312 1.95 13.40 5.87
N MET C 313 0.89 12.63 5.73
CA MET C 313 -0.42 13.25 5.66
C MET C 313 -0.80 14.02 6.93
N GLU C 314 -0.46 13.50 8.10
CA GLU C 314 -0.71 14.21 9.37
C GLU C 314 -0.03 15.57 9.35
N ILE C 315 1.19 15.63 8.82
CA ILE C 315 1.87 16.94 8.72
C ILE C 315 1.16 17.88 7.75
N LEU C 316 0.77 17.36 6.58
CA LEU C 316 0.09 18.22 5.62
C LEU C 316 -1.22 18.67 6.24
N ASN C 317 -1.90 17.75 6.92
CA ASN C 317 -3.14 18.18 7.62
C ASN C 317 -2.90 19.36 8.60
N LEU C 318 -1.86 19.27 9.45
CA LEU C 318 -1.50 20.37 10.36
C LEU C 318 -1.13 21.64 9.62
N LEU C 319 -0.34 21.54 8.53
CA LEU C 319 0.04 22.74 7.76
C LEU C 319 -1.20 23.46 7.23
N ASN C 320 -2.29 22.71 7.05
CA ASN C 320 -3.46 23.26 6.42
C ASN C 320 -4.61 23.57 7.42
N THR C 321 -4.37 23.26 8.69
CA THR C 321 -5.44 23.43 9.72
C THR C 321 -5.04 24.09 11.04
N ASN C 322 -3.76 24.13 11.39
CA ASN C 322 -3.24 24.68 12.62
C ASN C 322 -2.67 26.10 12.42
N PRO C 323 -3.39 27.16 12.89
CA PRO C 323 -2.96 28.52 12.53
C PRO C 323 -1.68 28.87 13.23
N GLU C 324 -1.43 28.33 14.40
CA GLU C 324 -0.18 28.66 15.05
C GLU C 324 1.00 28.15 14.17
N LEU C 325 0.87 26.91 13.69
CA LEU C 325 2.00 26.29 12.92
C LEU C 325 2.14 27.08 11.57
N LEU C 326 1.01 27.31 10.88
CA LEU C 326 1.07 27.88 9.52
C LEU C 326 1.53 29.35 9.58
N ASN C 327 0.99 30.14 10.51
CA ASN C 327 1.46 31.51 10.61
C ASN C 327 2.88 31.67 11.04
N GLY C 328 3.36 30.72 11.83
CA GLY C 328 4.74 30.77 12.31
C GLY C 328 5.65 30.63 11.09
N LEU C 329 5.21 29.80 10.13
CA LEU C 329 6.00 29.54 8.91
C LEU C 329 5.89 30.67 7.92
N VAL C 330 4.66 31.16 7.71
CA VAL C 330 4.41 32.10 6.62
C VAL C 330 4.72 33.56 7.01
N TYR C 331 4.44 33.90 8.28
CA TYR C 331 4.87 35.25 8.76
C TYR C 331 6.27 35.23 9.42
N GLY C 332 6.71 34.09 9.94
CA GLY C 332 8.01 34.00 10.53
C GLY C 332 7.87 34.07 12.04
N PRO C 333 8.99 34.29 12.73
CA PRO C 333 9.01 34.18 14.20
C PRO C 333 8.16 35.28 14.85
N GLU C 334 7.17 34.88 15.67
CA GLU C 334 6.26 35.89 16.30
C GLU C 334 7.15 36.77 17.20
N GLY C 335 6.89 38.05 17.27
CA GLY C 335 7.78 38.95 18.09
C GLY C 335 8.97 39.53 17.33
N LYS C 336 9.51 38.83 16.32
CA LYS C 336 10.59 39.37 15.52
C LYS C 336 10.06 39.83 14.19
N ASN C 337 9.18 39.00 13.61
CA ASN C 337 8.61 39.26 12.26
C ASN C 337 7.21 39.84 12.26
N TRP C 338 6.49 39.60 13.35
CA TRP C 338 5.07 40.03 13.36
C TRP C 338 4.58 40.00 14.78
N GLU C 339 3.44 40.67 15.03
CA GLU C 339 2.78 40.59 16.36
C GLU C 339 1.26 40.70 16.17
N LYS C 340 0.51 40.14 17.11
CA LYS C 340 -0.93 40.17 17.08
C LYS C 340 -1.36 41.54 17.55
N ILE C 341 -2.53 41.96 17.09
CA ILE C 341 -3.01 43.34 17.33
C ILE C 341 -4.17 43.25 18.33
N GLU C 342 -3.97 43.88 19.50
CA GLU C 342 -4.93 43.82 20.61
C GLU C 342 -6.28 44.36 20.11
N GLY C 343 -7.36 43.64 20.38
CA GLY C 343 -8.70 44.13 20.04
C GLY C 343 -9.15 43.92 18.59
N LYS C 344 -8.28 43.36 17.73
CA LYS C 344 -8.61 43.24 16.33
C LYS C 344 -8.50 41.78 15.99
N GLU C 345 -9.62 41.12 15.79
CA GLU C 345 -9.61 39.69 15.74
C GLU C 345 -8.90 39.18 14.44
N ASN C 346 -7.96 38.27 14.66
CA ASN C 346 -7.15 37.64 13.60
C ASN C 346 -6.36 38.64 12.74
N ARG C 347 -6.05 39.78 13.35
CA ARG C 347 -5.20 40.84 12.72
C ARG C 347 -3.80 40.89 13.29
N VAL C 348 -2.80 41.08 12.42
CA VAL C 348 -1.42 41.10 12.88
C VAL C 348 -0.74 42.26 12.16
N ARG C 349 0.42 42.68 12.64
CA ARG C 349 1.18 43.68 11.89
C ARG C 349 2.56 43.07 11.74
N VAL C 350 3.16 43.24 10.55
CA VAL C 350 4.53 42.73 10.37
C VAL C 350 5.51 43.72 10.97
N LEU C 351 6.66 43.22 11.36
CA LEU C 351 7.65 44.01 12.02
C LEU C 351 8.91 44.03 11.14
N ASP C 352 10.01 44.59 11.65
CA ASP C 352 11.21 44.85 10.83
C ASP C 352 11.87 43.57 10.37
N GLY C 353 11.79 42.55 11.21
CA GLY C 353 12.25 41.19 10.90
C GLY C 353 11.69 40.54 9.63
N TYR C 354 10.49 40.95 9.23
CA TYR C 354 9.77 40.33 8.15
C TYR C 354 10.41 40.76 6.79
N LYS C 355 10.92 41.99 6.67
CA LYS C 355 11.52 42.50 5.41
C LYS C 355 12.55 41.52 4.77
N GLY C 356 13.28 40.78 5.61
CA GLY C 356 14.14 39.74 5.10
C GLY C 356 13.50 38.50 4.46
N ASN C 357 14.40 37.66 3.90
CA ASN C 357 14.12 36.28 3.49
C ASN C 357 14.02 35.43 4.75
N THR C 358 12.99 35.68 5.51
CA THR C 358 12.90 35.19 6.84
C THR C 358 11.52 34.57 7.08
N HIS C 359 10.83 34.24 5.98
CA HIS C 359 9.56 33.52 6.10
C HIS C 359 9.26 32.77 4.80
N MET C 360 8.25 31.93 4.85
CA MET C 360 7.74 31.18 3.68
C MET C 360 6.57 31.87 3.06
N GLY C 361 6.15 31.34 1.91
CA GLY C 361 5.08 31.95 1.15
C GLY C 361 3.77 31.24 1.46
N GLY C 362 2.69 32.00 1.64
CA GLY C 362 1.37 31.43 1.89
C GLY C 362 0.90 30.44 0.81
N TRP C 363 0.97 30.88 -0.43
CA TRP C 363 0.37 30.16 -1.57
C TRP C 363 0.90 28.74 -1.67
N ASN C 364 2.15 28.53 -1.30
CA ASN C 364 2.69 27.14 -1.37
C ASN C 364 3.07 26.55 -0.04
N THR C 365 2.41 26.99 1.06
CA THR C 365 2.63 26.35 2.35
C THR C 365 1.39 25.72 2.99
N GLY C 366 0.27 26.45 3.05
CA GLY C 366 -0.93 25.86 3.72
C GLY C 366 -2.10 26.81 3.53
N ASN C 367 -3.28 26.26 3.75
CA ASN C 367 -4.62 26.91 3.49
C ASN C 367 -4.60 28.39 3.91
N ASN C 368 -4.80 29.26 2.95
CA ASN C 368 -4.59 30.68 3.17
C ASN C 368 -5.73 31.25 4.01
N TRP C 369 -6.85 30.51 4.18
CA TRP C 369 -7.95 31.03 5.02
C TRP C 369 -7.61 30.96 6.46
N ILE C 370 -6.55 30.26 6.89
CA ILE C 370 -6.17 30.34 8.29
C ILE C 370 -4.96 31.27 8.58
N LEU C 371 -4.46 31.96 7.55
CA LEU C 371 -3.44 32.99 7.74
C LEU C 371 -4.05 34.21 8.40
N TYR C 372 -3.42 34.72 9.44
CA TYR C 372 -3.85 36.06 9.93
C TYR C 372 -3.81 37.13 8.82
N ILE C 373 -4.61 38.20 8.98
CA ILE C 373 -4.70 39.25 7.98
C ILE C 373 -3.91 40.44 8.46
N ASN C 374 -2.94 40.84 7.64
CA ASN C 374 -2.00 41.90 8.05
C ASN C 374 -2.71 43.24 8.11
N GLU C 375 -2.09 44.14 8.85
CA GLU C 375 -2.61 45.48 9.13
C GLU C 375 -2.83 46.31 7.86
N ASN C 376 -2.05 46.10 6.80
CA ASN C 376 -2.27 46.92 5.57
C ASN C 376 -3.46 46.54 4.72
N VAL C 377 -4.14 45.45 5.07
CA VAL C 377 -5.32 45.11 4.36
C VAL C 377 -6.51 45.96 4.76
N THR C 378 -7.13 46.58 3.78
CA THR C 378 -8.24 47.46 4.08
C THR C 378 -9.56 46.71 4.22
N ASP C 379 -10.55 47.34 4.87
CA ASP C 379 -11.86 46.70 4.95
C ASP C 379 -12.46 46.46 3.54
N GLN C 380 -12.19 47.37 2.61
CA GLN C 380 -12.67 47.23 1.23
C GLN C 380 -12.09 45.98 0.57
N GLN C 381 -10.78 45.77 0.77
CA GLN C 381 -10.11 44.59 0.19
C GLN C 381 -10.68 43.29 0.74
N ILE C 382 -10.99 43.27 2.03
CA ILE C 382 -11.65 42.11 2.66
C ILE C 382 -12.99 41.83 2.00
N GLU C 383 -13.77 42.88 1.76
CA GLU C 383 -15.12 42.74 1.20
C GLU C 383 -14.98 42.28 -0.22
N ASN C 384 -14.03 42.88 -0.97
CA ASN C 384 -13.79 42.47 -2.38
C ASN C 384 -13.40 40.99 -2.51
N SER C 385 -12.53 40.50 -1.60
CA SER C 385 -12.09 39.10 -1.57
C SER C 385 -13.32 38.18 -1.37
N LYS C 386 -14.19 38.58 -0.43
CA LYS C 386 -15.40 37.77 -0.14
C LYS C 386 -16.27 37.66 -1.35
N LYS C 387 -16.55 38.81 -1.97
CA LYS C 387 -17.36 38.88 -3.18
C LYS C 387 -16.72 38.08 -4.35
N GLU C 388 -15.44 38.34 -4.67
CA GLU C 388 -14.75 37.52 -5.70
C GLU C 388 -14.85 36.02 -5.48
N LEU C 389 -14.62 35.55 -4.26
CA LEU C 389 -14.68 34.15 -3.94
C LEU C 389 -16.10 33.66 -4.17
N ALA C 390 -17.09 34.40 -3.62
CA ALA C 390 -18.50 34.00 -3.80
C ALA C 390 -18.89 33.96 -5.25
N GLU C 391 -18.42 34.89 -6.05
CA GLU C 391 -18.92 35.03 -7.40
C GLU C 391 -18.12 34.33 -8.52
N ALA C 392 -16.96 33.73 -8.17
CA ALA C 392 -16.02 33.21 -9.15
C ALA C 392 -16.70 32.18 -10.01
N LYS C 393 -16.56 32.32 -11.32
CA LYS C 393 -17.08 31.37 -12.28
C LYS C 393 -16.08 30.25 -12.65
N GLU C 394 -16.57 29.23 -13.36
CA GLU C 394 -15.76 28.08 -13.76
C GLU C 394 -15.54 28.06 -15.26
N SER C 395 -14.31 27.69 -15.66
CA SER C 395 -14.06 27.39 -17.08
C SER C 395 -14.92 26.23 -17.43
N PRO C 396 -15.49 26.20 -18.67
CA PRO C 396 -16.29 25.06 -19.13
C PRO C 396 -15.50 23.78 -19.14
N ALA C 397 -14.18 23.93 -19.05
CA ALA C 397 -13.28 22.81 -19.19
C ALA C 397 -12.58 22.45 -17.86
N LEU C 398 -12.94 23.15 -16.78
CA LEU C 398 -12.49 22.79 -15.43
C LEU C 398 -12.80 21.34 -15.13
N GLY C 399 -11.76 20.57 -14.81
CA GLY C 399 -11.94 19.17 -14.46
C GLY C 399 -11.90 18.30 -15.72
N PHE C 400 -11.64 18.90 -16.88
CA PHE C 400 -11.31 18.02 -18.00
C PHE C 400 -9.83 17.68 -17.86
N ILE C 401 -9.60 16.42 -17.46
CA ILE C 401 -8.26 15.97 -17.10
C ILE C 401 -7.82 14.87 -18.05
N PHE C 402 -6.79 15.17 -18.86
CA PHE C 402 -6.40 14.27 -19.97
C PHE C 402 -5.81 12.97 -19.48
N ASN C 403 -6.38 11.85 -19.94
CA ASN C 403 -5.87 10.54 -19.54
C ASN C 403 -4.83 10.10 -20.55
N THR C 404 -3.65 9.72 -20.09
CA THR C 404 -2.50 9.47 -20.98
C THR C 404 -2.27 7.99 -21.36
N ASP C 405 -3.16 7.09 -20.93
CA ASP C 405 -2.98 5.61 -21.14
C ASP C 405 -2.64 5.22 -22.58
N ASN C 406 -3.43 5.72 -23.52
CA ASN C 406 -3.27 5.32 -24.90
C ASN C 406 -2.12 6.02 -25.60
N VAL C 407 -1.55 7.06 -24.98
CA VAL C 407 -0.48 7.86 -25.62
C VAL C 407 0.77 8.12 -24.76
N LYS C 408 1.16 7.13 -23.95
CA LYS C 408 2.31 7.28 -23.05
C LYS C 408 3.60 7.65 -23.78
N SER C 409 3.94 6.95 -24.86
CA SER C 409 5.22 7.20 -25.51
C SER C 409 5.19 8.51 -26.28
N GLU C 410 4.07 8.79 -26.92
CA GLU C 410 3.90 10.02 -27.68
C GLU C 410 3.97 11.27 -26.80
N ILE C 411 3.28 11.22 -25.66
CA ILE C 411 3.27 12.36 -24.74
C ILE C 411 4.68 12.65 -24.16
N SER C 412 5.48 11.61 -23.90
CA SER C 412 6.93 11.76 -23.62
C SER C 412 7.74 12.36 -24.72
N ALA C 413 7.55 11.84 -25.94
CA ALA C 413 8.24 12.39 -27.10
C ALA C 413 7.87 13.88 -27.27
N ILE C 414 6.60 14.22 -27.10
CA ILE C 414 6.18 15.62 -27.29
C ILE C 414 6.81 16.48 -26.15
N ALA C 415 6.81 15.94 -24.94
CA ALA C 415 7.40 16.68 -23.80
C ALA C 415 8.86 16.95 -24.08
N ASN C 416 9.55 15.92 -24.57
CA ASN C 416 10.96 16.00 -24.91
C ASN C 416 11.27 17.10 -25.95
N THR C 417 10.50 17.13 -27.04
CA THR C 417 10.55 18.21 -28.05
C THR C 417 10.24 19.60 -27.45
N MET C 418 9.16 19.71 -26.67
CA MET C 418 8.80 21.00 -26.08
C MET C 418 9.98 21.50 -25.21
N GLN C 419 10.59 20.61 -24.42
CA GLN C 419 11.73 20.98 -23.54
C GLN C 419 12.89 21.57 -24.34
N GLN C 420 13.14 21.05 -25.54
CA GLN C 420 14.25 21.51 -26.39
C GLN C 420 14.03 22.86 -27.13
N PHE C 421 12.77 23.24 -27.34
CA PHE C 421 12.40 24.41 -28.14
C PHE C 421 11.70 25.50 -27.39
N ASP C 422 11.05 25.18 -26.29
CA ASP C 422 10.02 26.13 -25.94
C ASP C 422 10.53 27.36 -25.21
N THR C 423 11.68 27.28 -24.56
CA THR C 423 12.23 28.42 -23.90
C THR C 423 12.54 29.53 -24.88
N ALA C 424 13.19 29.17 -25.97
CA ALA C 424 13.54 30.19 -26.95
C ALA C 424 12.26 30.87 -27.47
N ILE C 425 11.18 30.12 -27.60
CA ILE C 425 9.90 30.72 -28.14
C ILE C 425 9.17 31.55 -27.09
N ASN C 426 8.99 30.93 -25.93
CA ASN C 426 8.14 31.49 -24.88
C ASN C 426 8.70 32.74 -24.34
N THR C 427 10.04 32.92 -24.36
CA THR C 427 10.58 34.16 -23.80
C THR C 427 10.68 35.25 -24.83
N GLY C 428 10.38 34.89 -26.09
CA GLY C 428 10.51 35.83 -27.23
C GLY C 428 11.95 36.03 -27.67
N THR C 429 12.88 35.14 -27.22
CA THR C 429 14.30 35.22 -27.59
C THR C 429 14.45 35.01 -29.12
N VAL C 430 13.81 33.98 -29.62
CA VAL C 430 13.86 33.73 -31.09
C VAL C 430 12.62 34.29 -31.81
N ASP C 431 12.75 34.68 -33.09
CA ASP C 431 11.57 35.23 -33.80
C ASP C 431 10.54 34.06 -33.92
N PRO C 432 9.28 34.26 -33.41
CA PRO C 432 8.32 33.13 -33.47
C PRO C 432 8.02 32.66 -34.89
N ASP C 433 8.22 33.54 -35.89
CA ASP C 433 7.92 33.12 -37.30
C ASP C 433 8.93 32.10 -37.77
N LYS C 434 10.11 32.12 -37.18
CA LYS C 434 11.15 31.11 -37.47
C LYS C 434 10.90 29.85 -36.63
N ALA C 435 10.80 30.05 -35.32
CA ALA C 435 10.84 28.94 -34.36
C ALA C 435 9.59 28.08 -34.26
N ILE C 436 8.40 28.70 -34.42
CA ILE C 436 7.15 27.92 -34.27
C ILE C 436 7.01 26.90 -35.38
N PRO C 437 7.18 27.30 -36.68
CA PRO C 437 7.18 26.21 -37.68
C PRO C 437 8.26 25.10 -37.46
N GLU C 438 9.45 25.44 -36.94
CA GLU C 438 10.47 24.40 -36.67
C GLU C 438 9.98 23.46 -35.56
N LEU C 439 9.34 24.05 -34.54
CA LEU C 439 8.74 23.24 -33.49
C LEU C 439 7.63 22.33 -34.04
N MET C 440 6.73 22.89 -34.86
CA MET C 440 5.61 22.09 -35.36
C MET C 440 6.10 20.91 -36.23
N GLU C 441 7.14 21.13 -37.03
CA GLU C 441 7.72 20.00 -37.81
C GLU C 441 8.26 18.88 -36.91
N LYS C 442 8.96 19.26 -35.85
CA LYS C 442 9.55 18.28 -34.92
C LYS C 442 8.43 17.52 -34.18
N LEU C 443 7.35 18.22 -33.83
CA LEU C 443 6.22 17.59 -33.12
C LEU C 443 5.42 16.63 -34.00
N LYS C 444 5.29 16.98 -35.27
CA LYS C 444 4.54 16.19 -36.24
C LYS C 444 5.42 15.15 -36.95
N SER C 445 6.68 15.10 -36.55
CA SER C 445 7.74 14.37 -37.23
C SER C 445 7.54 12.86 -37.22
N GLU C 446 7.04 12.31 -36.11
CA GLU C 446 6.78 10.88 -36.06
C GLU C 446 5.32 10.60 -35.76
N GLY C 447 4.45 11.53 -36.11
CA GLY C 447 3.02 11.37 -35.85
C GLY C 447 2.64 11.45 -34.37
N ALA C 448 3.57 11.84 -33.49
CA ALA C 448 3.25 11.95 -32.04
C ALA C 448 2.20 13.01 -31.78
N TYR C 449 2.41 14.23 -32.29
CA TYR C 449 1.48 15.37 -32.11
C TYR C 449 0.02 15.04 -32.49
N GLU C 450 -0.10 14.37 -33.64
CA GLU C 450 -1.42 14.04 -34.17
C GLU C 450 -2.11 13.00 -33.28
N LYS C 451 -1.38 11.95 -32.82
CA LYS C 451 -2.02 10.88 -32.00
C LYS C 451 -2.55 11.47 -30.68
N VAL C 452 -1.74 12.36 -30.09
CA VAL C 452 -2.14 12.98 -28.82
C VAL C 452 -3.31 13.94 -29.00
N LEU C 453 -3.22 14.86 -29.96
CA LEU C 453 -4.30 15.76 -30.25
C LEU C 453 -5.63 15.04 -30.46
N ASN C 454 -5.59 13.96 -31.24
CA ASN C 454 -6.79 13.24 -31.62
C ASN C 454 -7.41 12.52 -30.41
N GLU C 455 -6.55 11.93 -29.58
CA GLU C 455 -6.98 11.25 -28.33
C GLU C 455 -7.54 12.30 -27.33
N MET C 456 -6.93 13.47 -27.28
CA MET C 456 -7.40 14.51 -26.37
C MET C 456 -8.76 15.02 -26.85
N GLN C 457 -8.88 15.19 -28.17
CA GLN C 457 -10.17 15.65 -28.74
C GLN C 457 -11.28 14.63 -28.41
N LYS C 458 -10.95 13.36 -28.54
CA LYS C 458 -11.92 12.29 -28.31
C LYS C 458 -12.37 12.29 -26.87
N GLN C 459 -11.41 12.41 -25.95
CA GLN C 459 -11.79 12.47 -24.53
C GLN C 459 -12.58 13.74 -24.23
N TYR C 460 -12.22 14.86 -24.85
CA TYR C 460 -12.94 16.13 -24.57
C TYR C 460 -14.42 16.07 -25.08
N ASP C 461 -14.63 15.48 -26.27
CA ASP C 461 -15.99 15.16 -26.76
C ASP C 461 -16.81 14.43 -25.69
N GLU C 462 -16.23 13.36 -25.14
CA GLU C 462 -16.87 12.55 -24.11
C GLU C 462 -17.15 13.35 -22.83
N PHE C 463 -16.16 14.18 -22.46
CA PHE C 463 -16.33 15.09 -21.33
C PHE C 463 -17.54 16.02 -21.51
N LEU C 464 -17.59 16.72 -22.64
CA LEU C 464 -18.67 17.71 -22.84
C LEU C 464 -20.05 17.01 -22.95
N LYS C 465 -20.05 15.84 -23.60
CA LYS C 465 -21.22 15.00 -23.74
C LYS C 465 -21.81 14.77 -22.35
N ASN C 466 -20.99 14.25 -21.44
CA ASN C 466 -21.44 13.95 -20.12
C ASN C 466 -21.89 15.17 -19.28
N LYS C 467 -21.53 16.38 -19.72
CA LYS C 467 -21.82 17.61 -18.95
C LYS C 467 -23.28 18.07 -19.09
N LYS D 17 -24.30 -24.39 31.06
CA LYS D 17 -23.30 -25.37 30.49
C LYS D 17 -23.32 -25.56 28.96
N PRO D 18 -24.46 -25.97 28.33
CA PRO D 18 -24.19 -26.09 26.89
C PRO D 18 -24.05 -24.66 26.28
N VAL D 19 -23.18 -24.50 25.28
CA VAL D 19 -23.06 -23.18 24.61
C VAL D 19 -23.96 -23.28 23.38
N ILE D 20 -24.92 -22.36 23.26
CA ILE D 20 -25.83 -22.38 22.11
C ILE D 20 -25.23 -21.47 21.02
N LYS D 21 -25.02 -22.02 19.83
CA LYS D 21 -24.35 -21.28 18.75
C LYS D 21 -25.40 -20.68 17.83
N MET D 22 -25.40 -19.33 17.78
CA MET D 22 -26.32 -18.57 16.95
C MET D 22 -25.55 -17.80 15.86
N TYR D 23 -26.01 -17.90 14.63
CA TYR D 23 -25.45 -17.12 13.55
C TYR D 23 -26.36 -15.91 13.27
N GLN D 24 -25.74 -14.79 13.00
CA GLN D 24 -26.44 -13.54 12.81
C GLN D 24 -25.93 -12.91 11.54
N ILE D 25 -26.80 -12.14 10.87
CA ILE D 25 -26.45 -11.47 9.64
C ILE D 25 -25.71 -10.16 10.00
N GLY D 26 -24.87 -9.71 9.06
CA GLY D 26 -24.23 -8.41 9.17
C GLY D 26 -22.96 -8.40 9.99
N ASP D 27 -22.62 -7.21 10.45
CA ASP D 27 -21.30 -6.96 11.03
C ASP D 27 -21.38 -6.88 12.53
N LYS D 28 -20.46 -7.56 13.19
CA LYS D 28 -20.52 -7.63 14.63
C LYS D 28 -20.28 -6.29 15.35
N PRO D 29 -20.94 -6.07 16.51
CA PRO D 29 -20.57 -4.92 17.35
C PRO D 29 -19.14 -5.10 17.84
N ASP D 30 -18.45 -3.97 17.97
CA ASP D 30 -17.04 -4.00 18.35
C ASP D 30 -16.92 -4.47 19.81
N ASN D 31 -17.97 -4.27 20.60
CA ASN D 31 -18.06 -4.83 21.96
C ASN D 31 -18.93 -6.12 22.11
N LEU D 32 -18.97 -6.99 21.10
CA LEU D 32 -19.84 -8.21 21.19
C LEU D 32 -19.47 -9.03 22.43
N ASP D 33 -18.15 -9.26 22.61
CA ASP D 33 -17.66 -10.09 23.74
C ASP D 33 -18.32 -9.56 25.06
N GLU D 34 -18.36 -8.24 25.26
CA GLU D 34 -19.00 -7.62 26.43
C GLU D 34 -20.55 -7.69 26.47
N LEU D 35 -21.19 -7.39 25.36
CA LEU D 35 -22.64 -7.51 25.30
C LEU D 35 -23.07 -8.95 25.67
N LEU D 36 -22.35 -9.95 25.15
CA LEU D 36 -22.73 -11.39 25.34
C LEU D 36 -22.39 -11.75 26.78
N ALA D 37 -21.26 -11.25 27.27
CA ALA D 37 -20.98 -11.53 28.73
C ALA D 37 -22.12 -11.00 29.59
N ASN D 38 -22.63 -9.81 29.29
CA ASN D 38 -23.81 -9.25 30.05
C ASN D 38 -25.13 -10.00 29.91
N ALA D 39 -25.41 -10.36 28.67
CA ALA D 39 -26.61 -11.07 28.38
C ALA D 39 -26.50 -12.46 29.08
N ASN D 40 -25.31 -13.03 29.07
CA ASN D 40 -25.15 -14.44 29.54
C ASN D 40 -25.31 -14.57 31.05
N LYS D 41 -25.14 -13.46 31.75
CA LYS D 41 -25.62 -13.37 33.14
C LYS D 41 -27.09 -13.77 33.36
N ILE D 42 -28.02 -13.17 32.59
CA ILE D 42 -29.42 -13.52 32.63
C ILE D 42 -29.69 -14.87 31.98
N ILE D 43 -29.10 -15.16 30.80
CA ILE D 43 -29.43 -16.40 30.09
C ILE D 43 -29.01 -17.63 30.92
N GLU D 44 -27.76 -17.62 31.40
CA GLU D 44 -27.22 -18.75 32.17
C GLU D 44 -28.11 -19.01 33.40
N GLU D 45 -28.54 -17.96 34.07
CA GLU D 45 -29.46 -18.11 35.20
C GLU D 45 -30.83 -18.67 34.84
N LYS D 46 -31.46 -18.15 33.79
CA LYS D 46 -32.82 -18.56 33.48
C LYS D 46 -32.84 -19.91 32.75
N VAL D 47 -31.82 -20.23 31.97
CA VAL D 47 -31.94 -21.30 30.97
C VAL D 47 -30.96 -22.39 31.23
N GLY D 48 -29.89 -22.07 31.91
CA GLY D 48 -28.82 -23.07 32.03
C GLY D 48 -27.97 -23.28 30.81
N ALA D 49 -27.93 -22.28 29.92
CA ALA D 49 -27.09 -22.37 28.72
C ALA D 49 -26.44 -21.01 28.56
N LYS D 50 -25.43 -20.96 27.72
CA LYS D 50 -24.69 -19.74 27.43
C LYS D 50 -24.88 -19.46 25.91
N LEU D 51 -25.13 -18.22 25.53
CA LEU D 51 -25.29 -17.87 24.10
C LEU D 51 -23.98 -17.44 23.44
N ASP D 52 -23.66 -17.97 22.24
CA ASP D 52 -22.56 -17.37 21.49
C ASP D 52 -23.12 -16.98 20.14
N ILE D 53 -22.68 -15.81 19.68
CA ILE D 53 -23.12 -15.32 18.35
C ILE D 53 -21.94 -15.14 17.40
N GLN D 54 -22.07 -15.69 16.20
CA GLN D 54 -21.11 -15.41 15.14
C GLN D 54 -21.84 -14.67 13.98
N TYR D 55 -21.31 -13.48 13.65
CA TYR D 55 -21.78 -12.70 12.57
C TYR D 55 -21.18 -13.07 11.24
N LEU D 56 -22.00 -13.12 10.20
CA LEU D 56 -21.51 -13.68 8.91
C LEU D 56 -21.40 -12.62 7.77
N GLY D 57 -21.69 -11.37 8.11
CA GLY D 57 -21.70 -10.24 7.09
C GLY D 57 -22.96 -10.15 6.20
N TRP D 58 -22.90 -9.27 5.14
CA TRP D 58 -24.06 -8.89 4.25
C TRP D 58 -23.99 -9.47 2.87
N GLY D 59 -22.92 -9.09 2.18
CA GLY D 59 -22.72 -9.47 0.79
C GLY D 59 -22.91 -10.94 0.42
N ASP D 60 -22.50 -11.86 1.32
CA ASP D 60 -22.49 -13.24 1.00
C ASP D 60 -23.22 -14.05 2.06
N TYR D 61 -24.10 -13.42 2.84
CA TYR D 61 -24.80 -14.17 3.92
C TYR D 61 -25.55 -15.37 3.37
N GLY D 62 -26.30 -15.18 2.26
CA GLY D 62 -26.99 -16.24 1.58
C GLY D 62 -26.09 -17.41 1.19
N LYS D 63 -24.94 -17.08 0.61
CA LYS D 63 -23.95 -18.13 0.20
C LYS D 63 -23.42 -18.88 1.41
N LYS D 64 -23.05 -18.14 2.45
CA LYS D 64 -22.49 -18.72 3.68
C LYS D 64 -23.51 -19.59 4.41
N MET D 65 -24.73 -19.09 4.63
CA MET D 65 -25.72 -19.93 5.33
C MET D 65 -26.11 -21.15 4.47
N SER D 66 -26.10 -21.01 3.16
CA SER D 66 -26.40 -22.14 2.26
C SER D 66 -25.41 -23.29 2.44
N VAL D 67 -24.14 -22.95 2.62
CA VAL D 67 -23.07 -23.94 2.83
C VAL D 67 -23.30 -24.57 4.21
N ILE D 68 -23.56 -23.72 5.21
CA ILE D 68 -23.85 -24.22 6.57
C ILE D 68 -25.02 -25.20 6.66
N THR D 69 -26.14 -24.86 6.03
CA THR D 69 -27.35 -25.67 6.06
C THR D 69 -27.26 -26.90 5.17
N SER D 70 -26.77 -26.77 3.93
CA SER D 70 -26.58 -27.93 3.04
C SER D 70 -25.48 -28.91 3.51
N SER D 71 -24.50 -28.44 4.25
CA SER D 71 -23.50 -29.32 4.76
C SER D 71 -23.91 -30.02 6.07
N GLY D 72 -24.98 -29.55 6.70
CA GLY D 72 -25.40 -30.15 7.98
C GLY D 72 -24.39 -29.81 9.06
N GLU D 73 -23.66 -28.70 8.91
CA GLU D 73 -22.79 -28.25 10.01
C GLU D 73 -23.54 -28.05 11.30
N ASN D 74 -22.84 -28.20 12.41
CA ASN D 74 -23.49 -28.01 13.70
C ASN D 74 -23.76 -26.54 13.96
N TYR D 75 -25.00 -26.19 14.32
CA TYR D 75 -25.32 -24.87 14.83
C TYR D 75 -26.65 -25.03 15.52
N ASP D 76 -27.08 -24.01 16.29
CA ASP D 76 -28.35 -24.13 17.02
C ASP D 76 -29.40 -23.18 16.48
N ILE D 77 -29.00 -21.92 16.34
CA ILE D 77 -29.95 -20.83 15.94
C ILE D 77 -29.32 -20.07 14.79
N ALA D 78 -30.13 -19.62 13.82
CA ALA D 78 -29.58 -18.68 12.82
C ALA D 78 -30.65 -17.68 12.39
N PHE D 79 -30.17 -16.50 11.94
CA PHE D 79 -31.06 -15.61 11.18
C PHE D 79 -31.28 -16.32 9.83
N ALA D 80 -32.52 -16.59 9.45
CA ALA D 80 -32.75 -17.50 8.29
C ALA D 80 -32.37 -16.78 6.96
N ASP D 81 -31.89 -17.56 6.03
CA ASP D 81 -31.76 -17.09 4.62
C ASP D 81 -32.67 -17.97 3.76
N ASN D 82 -33.52 -17.39 2.90
CA ASN D 82 -34.35 -18.21 2.01
C ASN D 82 -35.28 -19.16 2.80
N TYR D 83 -35.96 -18.56 3.79
CA TYR D 83 -36.74 -19.35 4.77
C TYR D 83 -37.78 -20.30 4.10
N ILE D 84 -38.62 -19.78 3.20
CA ILE D 84 -39.75 -20.62 2.59
C ILE D 84 -39.17 -21.86 1.90
N VAL D 85 -38.14 -21.63 1.13
CA VAL D 85 -37.50 -22.74 0.37
C VAL D 85 -36.86 -23.73 1.33
N ASN D 86 -36.05 -23.21 2.25
CA ASN D 86 -35.33 -24.10 3.20
C ASN D 86 -36.19 -24.82 4.19
N ALA D 87 -37.31 -24.19 4.61
CA ALA D 87 -38.24 -24.85 5.55
C ALA D 87 -38.75 -26.17 4.92
N GLN D 88 -38.90 -26.15 3.58
CA GLN D 88 -39.42 -27.32 2.83
C GLN D 88 -38.34 -28.31 2.47
N LYS D 89 -37.07 -28.03 2.84
CA LYS D 89 -35.98 -29.02 2.63
C LYS D 89 -35.51 -29.62 3.94
N GLY D 90 -36.31 -29.49 5.00
CA GLY D 90 -35.90 -29.99 6.32
C GLY D 90 -34.69 -29.37 6.99
N ALA D 91 -34.32 -28.16 6.58
CA ALA D 91 -33.21 -27.42 7.20
C ALA D 91 -33.55 -27.05 8.66
N TYR D 92 -34.83 -26.88 8.96
CA TYR D 92 -35.23 -26.20 10.21
C TYR D 92 -36.11 -27.10 11.05
N ALA D 93 -35.90 -27.00 12.37
CA ALA D 93 -36.70 -27.74 13.35
C ALA D 93 -38.13 -27.23 13.29
N ASP D 94 -39.05 -28.17 13.13
CA ASP D 94 -40.47 -27.88 13.33
C ASP D 94 -40.67 -27.27 14.71
N LEU D 95 -41.33 -26.09 14.80
CA LEU D 95 -41.48 -25.39 16.10
C LEU D 95 -42.85 -25.63 16.75
N THR D 96 -43.68 -26.46 16.11
CA THR D 96 -45.07 -26.68 16.59
C THR D 96 -45.14 -26.98 18.09
N GLU D 97 -44.43 -28.02 18.51
CA GLU D 97 -44.39 -28.43 19.90
C GLU D 97 -43.67 -27.44 20.77
N LEU D 98 -42.53 -26.92 20.29
CA LEU D 98 -41.75 -26.03 21.10
C LEU D 98 -42.56 -24.75 21.42
N TYR D 99 -43.40 -24.32 20.47
CA TYR D 99 -44.23 -23.13 20.76
C TYR D 99 -45.26 -23.38 21.85
N LYS D 100 -45.59 -24.65 22.13
CA LYS D 100 -46.58 -24.97 23.23
C LYS D 100 -46.02 -24.79 24.60
N LYS D 101 -44.69 -24.82 24.69
CA LYS D 101 -44.08 -24.81 25.96
C LYS D 101 -42.96 -23.77 26.02
N GLU D 102 -41.80 -24.13 25.48
CA GLU D 102 -40.64 -23.27 25.64
C GLU D 102 -40.88 -21.88 25.06
N GLY D 103 -41.67 -21.81 23.99
CA GLY D 103 -41.89 -20.59 23.16
C GLY D 103 -43.29 -20.00 23.32
N LYS D 104 -44.02 -20.42 24.36
CA LYS D 104 -45.43 -20.07 24.50
C LYS D 104 -45.65 -18.55 24.64
N ASP D 105 -44.81 -17.96 25.48
CA ASP D 105 -44.88 -16.49 25.78
C ASP D 105 -44.68 -15.65 24.48
N LEU D 106 -43.69 -15.99 23.68
CA LEU D 106 -43.40 -15.18 22.50
C LEU D 106 -44.48 -15.38 21.43
N TYR D 107 -44.94 -16.63 21.27
CA TYR D 107 -45.88 -16.97 20.27
C TYR D 107 -47.17 -16.18 20.52
N LYS D 108 -47.59 -16.08 21.78
CA LYS D 108 -48.85 -15.43 22.18
C LYS D 108 -48.81 -13.91 21.91
N ALA D 109 -47.62 -13.34 21.91
CA ALA D 109 -47.39 -11.92 21.63
C ALA D 109 -47.25 -11.56 20.12
N LEU D 110 -47.21 -12.55 19.22
CA LEU D 110 -47.12 -12.21 17.81
C LEU D 110 -48.40 -11.64 17.21
N ASP D 111 -48.27 -10.59 16.41
CA ASP D 111 -49.37 -10.20 15.51
C ASP D 111 -49.78 -11.40 14.66
N PRO D 112 -51.09 -11.59 14.45
CA PRO D 112 -51.57 -12.70 13.60
C PRO D 112 -50.84 -12.87 12.26
N ALA D 113 -50.46 -11.78 11.60
CA ALA D 113 -49.83 -11.86 10.28
C ALA D 113 -48.46 -12.59 10.36
N TYR D 114 -47.82 -12.54 11.52
CA TYR D 114 -46.57 -13.32 11.64
C TYR D 114 -46.75 -14.81 11.59
N ILE D 115 -47.86 -15.31 12.12
CA ILE D 115 -48.10 -16.75 11.99
C ILE D 115 -48.51 -17.06 10.58
N LYS D 116 -49.40 -16.24 10.04
CA LYS D 116 -49.89 -16.44 8.63
C LYS D 116 -48.76 -16.45 7.61
N GLY D 117 -47.85 -15.49 7.73
CA GLY D 117 -46.77 -15.30 6.78
C GLY D 117 -45.64 -16.31 6.94
N ASN D 118 -45.63 -17.05 8.05
CA ASN D 118 -44.49 -17.96 8.28
C ASN D 118 -44.87 -19.44 8.43
N THR D 119 -46.14 -19.70 8.20
CA THR D 119 -46.65 -21.08 8.14
C THR D 119 -46.36 -21.63 6.75
N VAL D 120 -45.73 -22.79 6.77
CA VAL D 120 -45.24 -23.40 5.52
CA VAL D 120 -45.22 -23.38 5.54
C VAL D 120 -45.87 -24.76 5.48
N ASN D 121 -46.72 -24.97 4.45
CA ASN D 121 -47.48 -26.22 4.38
C ASN D 121 -47.94 -26.70 5.73
N GLY D 122 -48.59 -25.81 6.50
CA GLY D 122 -49.24 -26.18 7.78
C GLY D 122 -48.42 -26.12 9.06
N LYS D 123 -47.10 -25.86 8.93
CA LYS D 123 -46.25 -25.85 10.16
C LYS D 123 -45.43 -24.54 10.23
N ILE D 124 -45.10 -24.11 11.44
CA ILE D 124 -44.26 -22.87 11.53
C ILE D 124 -42.82 -23.29 11.94
N TYR D 125 -41.82 -22.71 11.26
CA TYR D 125 -40.38 -23.08 11.42
C TYR D 125 -39.55 -21.87 11.89
N ALA D 126 -40.24 -20.75 12.17
CA ALA D 126 -39.50 -19.58 12.58
C ALA D 126 -40.01 -18.94 13.87
N VAL D 127 -39.03 -18.32 14.54
CA VAL D 127 -39.36 -17.27 15.56
C VAL D 127 -39.16 -15.93 14.86
N PRO D 128 -40.29 -15.29 14.41
CA PRO D 128 -40.16 -13.96 13.78
C PRO D 128 -40.06 -12.89 14.86
N VAL D 129 -39.30 -11.82 14.58
CA VAL D 129 -39.16 -10.75 15.50
C VAL D 129 -40.41 -9.84 15.38
N ALA D 130 -41.19 -9.72 16.47
CA ALA D 130 -42.40 -8.86 16.50
C ALA D 130 -41.98 -7.42 16.37
N ALA D 131 -42.25 -6.83 15.23
CA ALA D 131 -41.76 -5.45 14.94
C ALA D 131 -42.56 -4.84 13.82
N ASN D 132 -41.93 -4.56 12.67
CA ASN D 132 -42.67 -3.89 11.58
C ASN D 132 -43.47 -4.89 10.78
N VAL D 133 -44.57 -5.35 11.38
CA VAL D 133 -45.39 -6.37 10.70
C VAL D 133 -45.94 -5.75 9.41
N ALA D 134 -46.14 -4.41 9.40
CA ALA D 134 -46.33 -3.70 8.12
C ALA D 134 -45.17 -2.75 8.06
N SER D 135 -44.76 -2.41 6.85
CA SER D 135 -43.73 -1.35 6.66
C SER D 135 -43.83 -0.82 5.24
N SER D 136 -43.15 0.29 4.98
CA SER D 136 -42.88 0.82 3.62
C SER D 136 -41.41 0.96 3.36
N GLN D 137 -41.02 0.93 2.09
CA GLN D 137 -39.68 1.27 1.67
C GLN D 137 -39.58 2.78 1.48
N ASN D 138 -38.49 3.38 1.95
CA ASN D 138 -38.33 4.81 1.99
C ASN D 138 -36.92 5.16 1.53
N PHE D 139 -36.77 6.37 1.03
CA PHE D 139 -35.47 6.95 0.91
C PHE D 139 -35.23 7.66 2.20
N ALA D 140 -34.00 7.47 2.71
CA ALA D 140 -33.57 8.12 3.94
C ALA D 140 -32.45 9.01 3.50
N PHE D 141 -32.59 10.31 3.82
CA PHE D 141 -31.62 11.36 3.46
C PHE D 141 -30.76 11.82 4.62
N ASN D 142 -29.49 12.08 4.32
CA ASN D 142 -28.51 12.56 5.24
C ASN D 142 -28.83 14.06 5.46
N GLY D 143 -29.47 14.35 6.60
CA GLY D 143 -29.88 15.73 6.99
C GLY D 143 -28.78 16.78 7.10
N THR D 144 -27.60 16.34 7.47
CA THR D 144 -26.45 17.24 7.52
C THR D 144 -26.18 17.78 6.14
N LEU D 145 -26.21 16.89 5.17
CA LEU D 145 -25.94 17.30 3.76
C LEU D 145 -27.11 18.08 3.18
N LEU D 146 -28.31 17.72 3.57
CA LEU D 146 -29.49 18.43 3.04
C LEU D 146 -29.42 19.87 3.52
N ALA D 147 -28.88 20.04 4.70
CA ALA D 147 -28.80 21.39 5.29
C ALA D 147 -27.62 22.13 4.73
N LYS D 148 -26.50 21.45 4.59
CA LYS D 148 -25.31 22.13 4.10
C LYS D 148 -25.52 22.64 2.67
N TYR D 149 -26.24 21.91 1.83
CA TYR D 149 -26.32 22.27 0.41
C TYR D 149 -27.70 22.78 -0.02
N GLY D 150 -28.62 22.87 0.93
CA GLY D 150 -29.97 23.33 0.67
C GLY D 150 -30.66 22.56 -0.43
N ILE D 151 -30.54 21.25 -0.40
CA ILE D 151 -31.14 20.43 -1.48
C ILE D 151 -32.59 20.16 -1.17
N ASP D 152 -33.48 20.40 -2.13
CA ASP D 152 -34.92 20.27 -1.94
C ASP D 152 -35.40 18.85 -2.28
N ILE D 153 -35.95 18.14 -1.30
CA ILE D 153 -36.39 16.74 -1.54
C ILE D 153 -37.90 16.53 -1.61
N SER D 154 -38.69 17.62 -1.62
CA SER D 154 -40.15 17.52 -1.54
C SER D 154 -40.76 16.89 -2.81
N GLY D 155 -39.99 16.83 -3.88
CA GLY D 155 -40.44 16.13 -5.10
C GLY D 155 -40.12 14.64 -5.19
N VAL D 156 -39.47 14.10 -4.15
CA VAL D 156 -39.02 12.70 -4.25
C VAL D 156 -40.08 11.73 -3.79
N THR D 157 -40.53 10.90 -4.74
CA THR D 157 -41.60 9.94 -4.47
C THR D 157 -41.29 8.58 -5.12
N SER D 158 -40.14 8.46 -5.75
CA SER D 158 -39.88 7.28 -6.58
C SER D 158 -38.40 7.23 -6.97
N TYR D 159 -37.92 6.10 -7.51
CA TYR D 159 -36.51 6.03 -7.94
C TYR D 159 -36.25 7.09 -9.03
N GLU D 160 -37.20 7.21 -9.93
CA GLU D 160 -37.10 8.18 -11.06
C GLU D 160 -37.02 9.61 -10.56
N THR D 161 -37.81 9.97 -9.54
CA THR D 161 -37.83 11.36 -9.00
C THR D 161 -36.67 11.68 -8.08
N LEU D 162 -35.85 10.66 -7.80
CA LEU D 162 -34.60 10.89 -7.10
C LEU D 162 -33.51 11.62 -7.96
N GLU D 163 -33.54 11.48 -9.28
CA GLU D 163 -32.48 11.98 -10.16
C GLU D 163 -32.05 13.43 -9.93
N PRO D 164 -33.02 14.36 -9.84
CA PRO D 164 -32.65 15.77 -9.65
C PRO D 164 -31.81 16.06 -8.36
N VAL D 165 -32.09 15.37 -7.24
CA VAL D 165 -31.31 15.60 -6.03
C VAL D 165 -29.97 14.87 -6.12
N LEU D 166 -29.92 13.75 -6.79
CA LEU D 166 -28.63 13.06 -6.97
C LEU D 166 -27.68 13.91 -7.83
N LYS D 167 -28.22 14.49 -8.92
CA LYS D 167 -27.40 15.40 -9.76
C LYS D 167 -26.79 16.57 -8.93
N GLN D 168 -27.57 17.12 -8.01
CA GLN D 168 -27.15 18.25 -7.22
C GLN D 168 -26.05 17.84 -6.27
N ILE D 169 -26.22 16.74 -5.55
CA ILE D 169 -25.15 16.38 -4.65
C ILE D 169 -23.86 15.98 -5.36
N LYS D 170 -23.97 15.30 -6.50
CA LYS D 170 -22.75 14.91 -7.25
C LYS D 170 -21.96 16.17 -7.61
N GLU D 171 -22.68 17.22 -7.94
CA GLU D 171 -22.12 18.52 -8.36
C GLU D 171 -21.49 19.23 -7.16
N LYS D 172 -22.22 19.31 -6.05
CA LYS D 172 -21.77 20.13 -4.88
C LYS D 172 -20.83 19.41 -3.95
N ALA D 173 -20.92 18.09 -3.91
CA ALA D 173 -20.06 17.31 -2.99
C ALA D 173 -19.56 16.05 -3.68
N PRO D 174 -18.58 16.17 -4.60
CA PRO D 174 -18.17 15.02 -5.39
C PRO D 174 -17.61 13.80 -4.64
N ASP D 175 -17.20 13.94 -3.37
CA ASP D 175 -16.68 12.83 -2.64
C ASP D 175 -17.81 12.00 -2.02
N VAL D 176 -19.03 12.52 -1.99
CA VAL D 176 -20.08 11.78 -1.29
C VAL D 176 -20.69 10.81 -2.30
N VAL D 177 -21.01 9.61 -1.87
CA VAL D 177 -21.77 8.71 -2.81
C VAL D 177 -23.22 9.18 -2.79
N PRO D 178 -23.77 9.55 -3.97
CA PRO D 178 -25.14 10.09 -3.96
C PRO D 178 -26.21 9.12 -3.48
N PHE D 179 -26.26 7.94 -4.09
CA PHE D 179 -27.22 6.87 -3.69
C PHE D 179 -26.43 5.66 -3.22
N ALA D 180 -26.35 5.49 -1.89
CA ALA D 180 -25.53 4.40 -1.31
C ALA D 180 -26.32 3.10 -1.36
N ILE D 181 -25.93 2.20 -2.28
CA ILE D 181 -26.52 0.84 -2.36
C ILE D 181 -25.36 -0.11 -2.51
N GLY D 182 -25.57 -1.39 -2.16
CA GLY D 182 -24.45 -2.36 -2.11
C GLY D 182 -24.86 -3.60 -2.93
N LYS D 183 -24.10 -4.69 -2.78
CA LYS D 183 -24.28 -5.72 -3.77
C LYS D 183 -25.51 -6.54 -3.54
N VAL D 184 -26.10 -6.49 -2.33
CA VAL D 184 -27.29 -7.27 -2.06
C VAL D 184 -28.59 -6.50 -2.46
N PHE D 185 -28.45 -5.29 -3.00
CA PHE D 185 -29.61 -4.40 -3.26
C PHE D 185 -30.59 -5.00 -4.29
N ILE D 186 -31.87 -4.94 -4.01
CA ILE D 186 -32.91 -5.41 -4.95
C ILE D 186 -33.88 -4.24 -4.97
N PRO D 187 -34.18 -3.67 -6.14
CA PRO D 187 -35.16 -2.57 -6.14
C PRO D 187 -36.55 -2.95 -5.64
N SER D 188 -37.23 -2.01 -4.98
CA SER D 188 -38.50 -2.28 -4.33
C SER D 188 -39.72 -1.84 -5.18
N ASP D 189 -40.82 -2.52 -4.97
CA ASP D 189 -42.11 -2.03 -5.54
C ASP D 189 -43.24 -2.63 -4.71
N ASN D 190 -44.48 -2.40 -5.18
CA ASN D 190 -45.65 -2.95 -4.55
C ASN D 190 -45.95 -4.35 -5.04
N PHE D 191 -45.11 -5.28 -4.59
CA PHE D 191 -45.17 -6.71 -4.95
C PHE D 191 -45.37 -7.53 -3.71
N ASP D 192 -46.06 -8.67 -3.84
CA ASP D 192 -45.92 -9.75 -2.84
C ASP D 192 -45.07 -10.87 -3.46
N TYR D 193 -44.22 -11.52 -2.65
CA TYR D 193 -43.40 -12.60 -3.16
C TYR D 193 -43.82 -13.92 -2.49
N PRO D 194 -44.26 -14.92 -3.28
CA PRO D 194 -44.71 -16.16 -2.63
C PRO D 194 -43.53 -17.07 -2.23
N VAL D 195 -42.34 -16.80 -2.76
CA VAL D 195 -41.08 -17.57 -2.44
C VAL D 195 -39.84 -16.68 -2.16
N ALA D 196 -40.05 -15.46 -1.68
CA ALA D 196 -38.92 -14.55 -1.33
C ALA D 196 -38.35 -13.83 -2.53
N ASN D 197 -37.63 -12.77 -2.25
CA ASN D 197 -37.21 -11.89 -3.33
C ASN D 197 -35.92 -12.24 -4.06
N GLY D 198 -35.37 -13.42 -3.80
CA GLY D 198 -34.24 -13.85 -4.57
C GLY D 198 -34.76 -14.58 -5.83
N LEU D 199 -36.08 -14.77 -5.94
CA LEU D 199 -36.74 -15.29 -7.17
C LEU D 199 -37.59 -14.22 -7.81
N PRO D 200 -37.84 -14.34 -9.13
CA PRO D 200 -38.54 -13.26 -9.86
C PRO D 200 -40.06 -13.25 -9.74
N PHE D 201 -40.63 -14.26 -9.09
CA PHE D 201 -42.07 -14.39 -9.05
C PHE D 201 -42.77 -13.48 -8.06
N VAL D 202 -43.74 -12.72 -8.54
CA VAL D 202 -44.49 -11.82 -7.70
C VAL D 202 -45.98 -11.81 -7.97
N ILE D 203 -46.75 -11.39 -6.95
CA ILE D 203 -48.10 -10.88 -7.18
C ILE D 203 -47.92 -9.37 -7.33
N ASP D 204 -48.33 -8.79 -8.46
CA ASP D 204 -48.30 -7.36 -8.62
C ASP D 204 -49.45 -6.74 -7.91
N LEU D 205 -49.18 -6.04 -6.80
CA LEU D 205 -50.28 -5.50 -6.02
C LEU D 205 -51.01 -4.34 -6.72
N GLU D 206 -50.34 -3.75 -7.71
CA GLU D 206 -50.97 -2.68 -8.54
C GLU D 206 -51.57 -3.23 -9.82
N GLY D 207 -51.39 -4.53 -10.06
CA GLY D 207 -51.85 -5.16 -11.32
C GLY D 207 -53.06 -6.04 -11.07
N ASP D 208 -53.06 -7.19 -11.73
CA ASP D 208 -54.12 -8.15 -11.52
C ASP D 208 -53.70 -9.01 -10.32
N THR D 209 -54.33 -8.83 -9.16
CA THR D 209 -53.82 -9.49 -7.93
C THR D 209 -54.17 -10.95 -7.90
N THR D 210 -54.78 -11.45 -8.98
CA THR D 210 -55.14 -12.84 -9.09
C THR D 210 -54.04 -13.63 -9.79
N LYS D 211 -53.05 -12.93 -10.33
CA LYS D 211 -52.00 -13.53 -11.14
C LYS D 211 -50.55 -13.50 -10.58
N VAL D 212 -49.82 -14.58 -10.79
CA VAL D 212 -48.38 -14.65 -10.55
C VAL D 212 -47.72 -14.16 -11.83
N VAL D 213 -46.85 -13.14 -11.71
CA VAL D 213 -46.07 -12.63 -12.84
C VAL D 213 -44.58 -12.56 -12.53
N ASN D 214 -43.82 -12.27 -13.55
CA ASN D 214 -42.38 -12.13 -13.38
C ASN D 214 -42.01 -10.64 -13.20
N ARG D 215 -41.35 -10.28 -12.05
CA ARG D 215 -41.06 -8.87 -11.84
C ARG D 215 -40.30 -8.18 -12.99
N TYR D 216 -39.38 -8.88 -13.62
CA TYR D 216 -38.55 -8.30 -14.65
C TYR D 216 -39.32 -8.00 -15.91
N GLU D 217 -40.54 -8.52 -16.00
CA GLU D 217 -41.49 -8.14 -17.09
C GLU D 217 -42.57 -7.16 -16.71
N VAL D 218 -42.61 -6.69 -15.47
CA VAL D 218 -43.61 -5.68 -15.09
C VAL D 218 -43.09 -4.32 -15.58
N PRO D 219 -43.91 -3.58 -16.38
CA PRO D 219 -43.25 -2.47 -17.08
C PRO D 219 -42.56 -1.41 -16.16
N ARG D 220 -43.22 -1.04 -15.06
CA ARG D 220 -42.70 0.00 -14.18
C ARG D 220 -41.43 -0.52 -13.45
N PHE D 221 -41.29 -1.85 -13.34
CA PHE D 221 -40.12 -2.41 -12.67
C PHE D 221 -38.92 -2.44 -13.59
N LYS D 222 -39.20 -2.79 -14.86
CA LYS D 222 -38.11 -2.64 -15.78
C LYS D 222 -37.68 -1.16 -15.83
N GLU D 223 -38.64 -0.24 -15.76
CA GLU D 223 -38.29 1.17 -15.84
C GLU D 223 -37.38 1.54 -14.65
N HIS D 224 -37.72 1.08 -13.45
CA HIS D 224 -36.78 1.23 -12.30
C HIS D 224 -35.39 0.72 -12.57
N LEU D 225 -35.25 -0.44 -13.25
CA LEU D 225 -33.92 -0.94 -13.52
C LEU D 225 -33.21 -0.01 -14.50
N LYS D 226 -33.96 0.51 -15.46
CA LYS D 226 -33.36 1.46 -16.37
C LYS D 226 -32.83 2.70 -15.67
N THR D 227 -33.67 3.24 -14.78
CA THR D 227 -33.32 4.38 -13.87
C THR D 227 -32.05 4.06 -13.10
N LEU D 228 -31.99 2.90 -12.43
CA LEU D 228 -30.77 2.49 -11.69
C LEU D 228 -29.55 2.39 -12.54
N HIS D 229 -29.72 1.85 -13.77
CA HIS D 229 -28.60 1.70 -14.66
C HIS D 229 -28.14 3.10 -15.09
N LYS D 230 -29.07 4.01 -15.36
CA LYS D 230 -28.70 5.39 -15.71
C LYS D 230 -27.99 6.05 -14.50
N PHE D 231 -28.49 5.80 -13.28
CA PHE D 231 -27.80 6.27 -12.07
C PHE D 231 -26.37 5.73 -11.99
N TYR D 232 -26.17 4.43 -12.25
CA TYR D 232 -24.85 3.84 -12.21
C TYR D 232 -23.92 4.53 -13.21
N GLU D 233 -24.40 4.66 -14.46
CA GLU D 233 -23.62 5.36 -15.48
C GLU D 233 -23.33 6.83 -15.20
N ALA D 234 -24.18 7.53 -14.47
CA ALA D 234 -23.91 8.89 -14.08
C ALA D 234 -22.96 8.98 -12.83
N GLY D 235 -22.59 7.84 -12.28
CA GLY D 235 -21.76 7.83 -11.08
C GLY D 235 -22.54 8.22 -9.84
N TYR D 236 -23.84 7.95 -9.79
CA TYR D 236 -24.60 8.21 -8.58
C TYR D 236 -24.60 6.99 -7.65
N ILE D 237 -24.18 5.85 -8.18
CA ILE D 237 -24.09 4.57 -7.45
C ILE D 237 -22.66 4.22 -7.61
N PRO D 238 -22.02 3.63 -6.59
CA PRO D 238 -20.62 3.26 -6.69
C PRO D 238 -20.31 2.38 -7.90
N LYS D 239 -19.19 2.67 -8.56
CA LYS D 239 -18.74 1.89 -9.75
C LYS D 239 -18.57 0.40 -9.44
N ASP D 240 -18.09 0.07 -8.21
CA ASP D 240 -17.92 -1.34 -7.84
C ASP D 240 -19.09 -1.92 -7.02
N VAL D 241 -20.28 -1.36 -7.18
CA VAL D 241 -21.46 -1.79 -6.42
C VAL D 241 -21.65 -3.31 -6.45
N ALA D 242 -21.37 -3.95 -7.58
CA ALA D 242 -21.78 -5.36 -7.69
C ALA D 242 -20.79 -6.29 -6.94
N THR D 243 -19.62 -5.78 -6.56
CA THR D 243 -18.56 -6.50 -5.85
C THR D 243 -18.02 -5.95 -4.52
N SER D 244 -18.37 -4.71 -4.21
CA SER D 244 -17.81 -4.03 -3.06
C SER D 244 -18.24 -4.61 -1.71
N ASP D 245 -17.33 -4.63 -0.74
CA ASP D 245 -17.73 -4.92 0.67
C ASP D 245 -17.65 -3.61 1.49
N THR D 246 -17.99 -2.47 0.88
CA THR D 246 -17.85 -1.14 1.54
C THR D 246 -19.09 -0.86 2.34
N SER D 247 -18.97 -0.49 3.62
CA SER D 247 -20.18 -0.07 4.38
C SER D 247 -20.38 1.43 4.19
N PHE D 248 -21.63 1.88 4.27
CA PHE D 248 -21.94 3.32 4.32
C PHE D 248 -22.59 3.55 5.65
N ASP D 249 -21.74 3.95 6.60
CA ASP D 249 -22.10 4.13 8.02
C ASP D 249 -23.17 5.21 8.12
N LEU D 250 -24.26 4.84 8.76
CA LEU D 250 -25.37 5.74 8.97
C LEU D 250 -24.91 7.08 9.63
N GLN D 251 -23.89 7.05 10.47
CA GLN D 251 -23.48 8.29 11.19
C GLN D 251 -22.53 9.16 10.36
N GLN D 252 -22.02 8.61 9.24
CA GLN D 252 -20.95 9.29 8.46
C GLN D 252 -21.51 10.01 7.22
N ASP D 253 -20.79 11.03 6.74
CA ASP D 253 -21.18 11.81 5.58
C ASP D 253 -20.64 11.25 4.26
N THR D 254 -20.56 9.96 4.19
CA THR D 254 -20.05 9.29 3.02
C THR D 254 -21.16 9.05 1.97
N TRP D 255 -22.41 9.30 2.36
CA TRP D 255 -23.60 9.01 1.52
C TRP D 255 -24.62 10.10 1.66
N PHE D 256 -25.40 10.32 0.60
CA PHE D 256 -26.44 11.31 0.65
C PHE D 256 -27.83 10.70 0.87
N VAL D 257 -28.15 9.64 0.09
CA VAL D 257 -29.40 8.97 0.26
C VAL D 257 -29.19 7.43 0.25
N ARG D 258 -30.03 6.73 0.96
CA ARG D 258 -29.98 5.23 1.02
C ARG D 258 -31.41 4.75 1.10
N GLU D 259 -31.66 3.44 0.87
CA GLU D 259 -33.03 2.96 0.96
C GLU D 259 -33.26 2.18 2.27
N GLU D 260 -34.29 2.58 2.97
CA GLU D 260 -34.62 2.03 4.29
C GLU D 260 -36.04 1.52 4.43
N THR D 261 -36.19 0.39 5.16
CA THR D 261 -37.46 -0.13 5.57
C THR D 261 -37.89 0.59 6.86
N VAL D 262 -39.12 1.13 6.89
CA VAL D 262 -39.58 1.84 8.08
C VAL D 262 -41.03 1.41 8.39
N GLY D 263 -41.30 1.09 9.64
CA GLY D 263 -42.65 0.75 10.08
C GLY D 263 -42.86 1.31 11.51
N PRO D 264 -43.95 0.86 12.15
CA PRO D 264 -44.38 1.47 13.40
C PRO D 264 -43.46 1.30 14.54
N ALA D 265 -42.66 0.21 14.55
CA ALA D 265 -41.68 -0.01 15.63
C ALA D 265 -40.58 1.04 15.66
N ASP D 266 -40.42 1.80 14.58
CA ASP D 266 -39.31 2.76 14.46
C ASP D 266 -39.76 4.16 14.83
N TYR D 267 -41.05 4.32 15.03
CA TYR D 267 -41.63 5.66 15.45
C TYR D 267 -41.22 6.76 14.48
N GLY D 268 -41.63 6.60 13.23
CA GLY D 268 -41.32 7.60 12.19
C GLY D 268 -39.84 7.66 11.88
N ASN D 269 -39.26 8.88 11.73
CA ASN D 269 -37.81 9.01 11.49
C ASN D 269 -36.96 9.07 12.79
N SER D 270 -37.58 8.84 13.93
CA SER D 270 -36.84 8.93 15.17
C SER D 270 -35.74 7.89 15.27
N LEU D 271 -36.03 6.63 14.89
CA LEU D 271 -35.02 5.59 15.08
C LEU D 271 -33.82 5.85 14.16
N LEU D 272 -34.07 6.10 12.86
CA LEU D 272 -32.95 6.43 11.99
C LEU D 272 -32.16 7.65 12.42
N SER D 273 -32.88 8.66 12.96
CA SER D 273 -32.18 9.84 13.50
C SER D 273 -31.29 9.51 14.65
N ARG D 274 -31.77 8.62 15.52
CA ARG D 274 -30.98 8.21 16.67
C ARG D 274 -29.72 7.45 16.25
N VAL D 275 -29.91 6.44 15.41
CA VAL D 275 -28.81 5.56 15.01
C VAL D 275 -27.79 6.34 14.13
N ALA D 276 -28.24 7.30 13.32
CA ALA D 276 -27.33 8.17 12.52
C ALA D 276 -26.71 9.31 13.34
N ASN D 277 -27.32 9.55 14.52
CA ASN D 277 -26.94 10.69 15.37
C ASN D 277 -27.04 12.00 14.62
N LYS D 278 -28.10 12.17 13.82
CA LYS D 278 -28.38 13.38 13.06
C LYS D 278 -29.77 13.31 12.52
N ASP D 279 -30.20 14.38 11.89
CA ASP D 279 -31.53 14.39 11.32
C ASP D 279 -31.55 13.54 10.04
N ILE D 280 -32.37 12.50 10.06
CA ILE D 280 -32.62 11.68 8.83
C ILE D 280 -34.07 11.93 8.39
N GLN D 281 -34.24 12.41 7.16
CA GLN D 281 -35.56 12.63 6.63
C GLN D 281 -35.93 11.49 5.70
N ILE D 282 -37.18 11.04 5.75
CA ILE D 282 -37.60 9.89 4.93
C ILE D 282 -38.72 10.23 4.00
N LYS D 283 -38.72 9.60 2.81
CA LYS D 283 -39.73 9.78 1.79
C LYS D 283 -40.11 8.37 1.30
N PRO D 284 -41.38 8.00 1.41
CA PRO D 284 -41.79 6.65 1.05
C PRO D 284 -41.87 6.44 -0.44
N ILE D 285 -41.54 5.21 -0.83
CA ILE D 285 -41.67 4.82 -2.26
C ILE D 285 -42.58 3.64 -2.53
N THR D 286 -42.97 2.91 -1.49
CA THR D 286 -43.90 1.78 -1.62
C THR D 286 -45.00 1.91 -0.57
N ASN D 287 -46.12 1.19 -0.78
CA ASN D 287 -47.23 1.25 0.13
C ASN D 287 -46.95 0.56 1.46
N PHE D 288 -47.48 1.12 2.53
CA PHE D 288 -47.30 0.63 3.88
C PHE D 288 -48.32 -0.51 3.97
N ILE D 289 -47.87 -1.75 4.09
CA ILE D 289 -48.80 -2.90 4.06
C ILE D 289 -48.18 -4.10 4.81
N LYS D 290 -49.01 -5.04 5.25
CA LYS D 290 -48.53 -6.38 5.67
C LYS D 290 -48.53 -7.27 4.49
N LYS D 291 -47.37 -7.83 4.21
CA LYS D 291 -47.19 -8.72 3.07
C LYS D 291 -46.14 -9.76 3.45
N ASN D 292 -45.88 -10.76 2.60
CA ASN D 292 -45.03 -11.87 3.05
C ASN D 292 -43.66 -11.32 3.56
N GLN D 293 -43.00 -10.46 2.76
CA GLN D 293 -41.67 -9.95 3.15
C GLN D 293 -41.68 -9.29 4.51
N THR D 294 -42.74 -8.54 4.82
CA THR D 294 -42.73 -7.75 6.08
C THR D 294 -42.83 -8.73 7.31
N THR D 295 -43.52 -9.86 7.10
CA THR D 295 -43.67 -10.85 8.17
C THR D 295 -42.45 -11.73 8.27
N GLN D 296 -41.63 -11.74 7.21
CA GLN D 296 -40.47 -12.66 7.12
C GLN D 296 -39.12 -11.98 7.26
N VAL D 297 -39.08 -10.69 7.54
CA VAL D 297 -37.86 -9.94 7.41
C VAL D 297 -36.81 -10.34 8.45
N ALA D 298 -37.23 -10.84 9.63
CA ALA D 298 -36.23 -11.26 10.61
C ALA D 298 -36.74 -12.53 11.27
N ASN D 299 -36.43 -13.67 10.63
CA ASN D 299 -36.80 -14.97 11.16
C ASN D 299 -35.66 -15.74 11.75
N PHE D 300 -35.79 -16.12 13.01
CA PHE D 300 -34.85 -17.04 13.58
C PHE D 300 -35.29 -18.46 13.46
N VAL D 301 -34.37 -19.30 13.09
CA VAL D 301 -34.72 -20.76 12.93
C VAL D 301 -33.79 -21.53 13.86
N ILE D 302 -34.23 -22.75 14.19
CA ILE D 302 -33.40 -23.69 14.98
C ILE D 302 -32.97 -24.78 14.03
N SER D 303 -31.67 -25.08 13.98
CA SER D 303 -31.20 -26.10 13.02
C SER D 303 -31.98 -27.44 13.29
N ASN D 304 -32.41 -28.13 12.24
CA ASN D 304 -33.01 -29.44 12.36
CA ASN D 304 -33.05 -29.41 12.46
C ASN D 304 -32.08 -30.41 13.09
N ASN D 305 -30.78 -30.12 13.08
CA ASN D 305 -29.78 -31.05 13.63
C ASN D 305 -29.33 -30.62 15.01
N SER D 306 -29.81 -29.47 15.51
CA SER D 306 -29.38 -29.02 16.91
C SER D 306 -29.63 -30.09 17.98
N LYS D 307 -28.64 -30.30 18.83
CA LYS D 307 -28.78 -31.18 19.97
C LYS D 307 -29.38 -30.45 21.15
N ASN D 308 -29.73 -29.17 21.00
CA ASN D 308 -30.29 -28.38 22.09
C ASN D 308 -31.48 -27.56 21.58
N LYS D 309 -32.46 -28.25 20.98
CA LYS D 309 -33.63 -27.55 20.45
C LYS D 309 -34.42 -26.82 21.52
N GLU D 310 -34.63 -27.49 22.66
CA GLU D 310 -35.43 -26.90 23.72
C GLU D 310 -34.78 -25.64 24.32
N LYS D 311 -33.50 -25.75 24.63
CA LYS D 311 -32.80 -24.62 25.21
C LYS D 311 -32.69 -23.45 24.23
N SER D 312 -32.54 -23.80 22.95
CA SER D 312 -32.47 -22.76 21.90
C SER D 312 -33.78 -22.00 21.88
N MET D 313 -34.92 -22.70 21.92
CA MET D 313 -36.22 -22.04 21.95
C MET D 313 -36.34 -21.23 23.26
N GLU D 314 -35.76 -21.75 24.32
CA GLU D 314 -35.87 -20.95 25.58
C GLU D 314 -35.11 -19.63 25.49
N ILE D 315 -33.90 -19.63 24.91
CA ILE D 315 -33.15 -18.40 24.67
C ILE D 315 -33.95 -17.49 23.70
N LEU D 316 -34.49 -18.00 22.60
CA LEU D 316 -35.32 -17.14 21.73
C LEU D 316 -36.53 -16.55 22.47
N ASN D 317 -37.17 -17.35 23.33
CA ASN D 317 -38.26 -16.81 24.12
C ASN D 317 -37.78 -15.65 25.03
N LEU D 318 -36.65 -15.80 25.68
CA LEU D 318 -36.10 -14.72 26.57
C LEU D 318 -35.77 -13.47 25.79
N LEU D 319 -35.11 -13.64 24.62
CA LEU D 319 -34.76 -12.48 23.75
C LEU D 319 -36.00 -11.69 23.42
N ASN D 320 -37.16 -12.38 23.40
CA ASN D 320 -38.37 -11.72 22.88
C ASN D 320 -39.37 -11.33 24.01
N THR D 321 -38.97 -11.60 25.24
CA THR D 321 -39.86 -11.37 26.40
C THR D 321 -39.24 -10.63 27.58
N ASN D 322 -37.92 -10.65 27.75
CA ASN D 322 -37.23 -10.16 28.97
C ASN D 322 -36.61 -8.79 28.63
N PRO D 323 -37.21 -7.70 29.10
CA PRO D 323 -36.72 -6.39 28.62
C PRO D 323 -35.32 -6.04 29.05
N GLU D 324 -34.87 -6.54 30.22
CA GLU D 324 -33.53 -6.27 30.62
C GLU D 324 -32.52 -6.87 29.65
N LEU D 325 -32.80 -8.10 29.24
CA LEU D 325 -31.90 -8.81 28.34
C LEU D 325 -31.90 -8.10 26.99
N LEU D 326 -33.10 -7.86 26.48
CA LEU D 326 -33.18 -7.33 25.11
C LEU D 326 -32.63 -5.90 25.05
N ASN D 327 -32.99 -5.05 26.01
CA ASN D 327 -32.50 -3.69 25.92
C ASN D 327 -31.00 -3.59 26.19
N GLY D 328 -30.44 -4.53 26.96
CA GLY D 328 -28.99 -4.61 27.17
C GLY D 328 -28.25 -4.88 25.87
N LEU D 329 -28.91 -5.64 24.98
CA LEU D 329 -28.30 -5.94 23.70
C LEU D 329 -28.49 -4.83 22.71
N VAL D 330 -29.70 -4.31 22.66
CA VAL D 330 -30.10 -3.37 21.60
C VAL D 330 -29.67 -1.91 21.91
N TYR D 331 -29.70 -1.53 23.19
CA TYR D 331 -29.12 -0.22 23.55
C TYR D 331 -27.67 -0.28 24.00
N GLY D 332 -27.23 -1.43 24.53
CA GLY D 332 -25.85 -1.68 24.96
C GLY D 332 -25.85 -1.55 26.49
N PRO D 333 -24.64 -1.41 27.07
CA PRO D 333 -24.50 -1.41 28.53
C PRO D 333 -25.13 -0.18 29.19
N GLU D 334 -26.07 -0.41 30.13
CA GLU D 334 -26.72 0.65 30.86
C GLU D 334 -25.65 1.48 31.60
N GLY D 335 -25.91 2.78 31.68
CA GLY D 335 -24.95 3.71 32.29
C GLY D 335 -23.88 4.23 31.34
N LYS D 336 -23.38 3.42 30.41
CA LYS D 336 -22.44 3.89 29.39
C LYS D 336 -23.14 4.31 28.08
N ASN D 337 -24.09 3.48 27.67
CA ASN D 337 -24.75 3.71 26.38
C ASN D 337 -26.07 4.34 26.51
N TRP D 338 -26.68 4.20 27.68
CA TRP D 338 -28.02 4.74 27.83
C TRP D 338 -28.38 4.82 29.30
N GLU D 339 -29.43 5.57 29.56
CA GLU D 339 -29.92 5.67 30.95
C GLU D 339 -31.41 5.73 30.99
N LYS D 340 -32.01 5.18 32.03
CA LYS D 340 -33.45 5.43 32.30
C LYS D 340 -33.76 6.90 32.74
N ILE D 341 -34.85 7.43 32.22
CA ILE D 341 -35.37 8.79 32.52
C ILE D 341 -36.34 8.72 33.74
N GLU D 342 -35.85 9.22 34.88
CA GLU D 342 -36.65 9.10 36.12
C GLU D 342 -38.06 9.61 35.95
N GLY D 343 -39.01 8.81 36.43
CA GLY D 343 -40.43 9.15 36.36
C GLY D 343 -41.13 9.10 35.01
N LYS D 344 -40.46 8.55 34.00
CA LYS D 344 -41.08 8.54 32.68
C LYS D 344 -41.08 7.08 32.27
N GLU D 345 -42.26 6.44 32.39
CA GLU D 345 -42.33 4.99 32.29
C GLU D 345 -41.71 4.56 30.93
N ASN D 346 -40.77 3.64 30.99
CA ASN D 346 -40.21 2.98 29.76
C ASN D 346 -39.50 3.94 28.78
N ARG D 347 -39.14 5.13 29.30
CA ARG D 347 -38.31 6.09 28.52
C ARG D 347 -36.88 6.07 28.90
N VAL D 348 -36.01 6.26 27.89
CA VAL D 348 -34.57 6.23 28.08
C VAL D 348 -33.92 7.35 27.24
N ARG D 349 -32.66 7.68 27.54
CA ARG D 349 -31.92 8.51 26.56
C ARG D 349 -30.62 7.84 26.27
N VAL D 350 -30.20 7.84 25.00
CA VAL D 350 -28.86 7.36 24.74
C VAL D 350 -27.76 8.33 25.16
N LEU D 351 -26.62 7.76 25.52
CA LEU D 351 -25.43 8.50 26.00
C LEU D 351 -24.28 8.35 25.03
N ASP D 352 -23.11 8.93 25.35
CA ASP D 352 -22.02 9.01 24.37
C ASP D 352 -21.54 7.64 23.93
N GLY D 353 -21.63 6.64 24.79
CA GLY D 353 -21.14 5.32 24.42
C GLY D 353 -21.95 4.67 23.29
N TYR D 354 -23.22 5.05 23.17
CA TYR D 354 -24.10 4.51 22.12
C TYR D 354 -23.62 4.90 20.69
N LYS D 355 -23.08 6.09 20.52
CA LYS D 355 -22.55 6.60 19.24
C LYS D 355 -21.78 5.56 18.44
N GLY D 356 -21.06 4.67 19.10
CA GLY D 356 -20.46 3.56 18.36
C GLY D 356 -21.29 2.40 17.80
N ASN D 357 -20.51 1.56 17.09
CA ASN D 357 -20.75 0.14 16.86
C ASN D 357 -20.69 -0.62 18.19
N THR D 358 -21.61 -0.28 19.08
CA THR D 358 -21.54 -0.75 20.49
C THR D 358 -22.84 -1.36 20.95
N HIS D 359 -23.67 -1.75 19.98
CA HIS D 359 -24.97 -2.31 20.33
C HIS D 359 -25.57 -3.05 19.11
N MET D 360 -26.66 -3.76 19.34
CA MET D 360 -27.25 -4.55 18.29
C MET D 360 -28.44 -3.79 17.76
N GLY D 361 -29.06 -4.33 16.72
CA GLY D 361 -30.25 -3.64 16.17
C GLY D 361 -31.53 -4.33 16.62
N GLY D 362 -32.57 -3.53 16.90
CA GLY D 362 -33.87 -4.08 17.39
C GLY D 362 -34.51 -5.06 16.38
N TRP D 363 -34.49 -4.65 15.12
CA TRP D 363 -35.28 -5.41 14.09
C TRP D 363 -34.86 -6.87 13.97
N ASN D 364 -33.57 -7.15 14.18
CA ASN D 364 -33.16 -8.56 14.11
C ASN D 364 -32.68 -9.16 15.40
N THR D 365 -33.15 -8.63 16.54
CA THR D 365 -32.75 -9.21 17.85
C THR D 365 -33.95 -9.74 18.65
N GLY D 366 -35.05 -8.97 18.75
CA GLY D 366 -36.19 -9.42 19.53
C GLY D 366 -37.31 -8.38 19.60
N ASN D 367 -38.47 -8.86 20.00
CA ASN D 367 -39.75 -8.14 20.01
C ASN D 367 -39.56 -6.67 20.33
N ASN D 368 -39.83 -5.83 19.37
CA ASN D 368 -39.50 -4.39 19.53
C ASN D 368 -40.47 -3.72 20.51
N TRP D 369 -41.59 -4.38 20.83
CA TRP D 369 -42.64 -3.90 21.77
CA TRP D 369 -42.58 -3.74 21.74
C TRP D 369 -42.11 -3.76 23.19
N ILE D 370 -41.06 -4.53 23.50
CA ILE D 370 -40.40 -4.49 24.83
C ILE D 370 -39.14 -3.63 24.94
N LEU D 371 -38.75 -3.02 23.81
CA LEU D 371 -37.65 -2.05 23.82
C LEU D 371 -38.08 -0.74 24.47
N TYR D 372 -37.20 -0.17 25.30
CA TYR D 372 -37.53 1.16 25.86
C TYR D 372 -37.59 2.19 24.72
N ILE D 373 -38.37 3.27 24.92
CA ILE D 373 -38.55 4.27 23.90
C ILE D 373 -37.58 5.46 24.14
N ASN D 374 -36.75 5.76 23.15
CA ASN D 374 -35.74 6.79 23.38
C ASN D 374 -36.34 8.17 23.46
N GLU D 375 -35.58 9.08 24.11
CA GLU D 375 -36.04 10.47 24.31
C GLU D 375 -36.42 11.29 23.04
N ASN D 376 -35.79 11.00 21.90
CA ASN D 376 -36.14 11.75 20.67
C ASN D 376 -37.43 11.39 20.01
N VAL D 377 -38.14 10.38 20.53
CA VAL D 377 -39.41 9.97 19.98
C VAL D 377 -40.48 10.93 20.57
N THR D 378 -41.25 11.57 19.69
CA THR D 378 -42.22 12.57 20.17
C THR D 378 -43.53 11.88 20.51
N ASP D 379 -44.44 12.60 21.20
CA ASP D 379 -45.79 12.05 21.43
C ASP D 379 -46.52 11.94 20.13
N GLN D 380 -46.24 12.84 19.17
CA GLN D 380 -46.90 12.71 17.89
C GLN D 380 -46.46 11.41 17.16
N GLN D 381 -45.18 11.05 17.27
CA GLN D 381 -44.70 9.83 16.60
C GLN D 381 -45.32 8.59 17.27
N ILE D 382 -45.45 8.61 18.60
CA ILE D 382 -46.10 7.49 19.32
C ILE D 382 -47.56 7.34 18.85
N GLU D 383 -48.27 8.47 18.77
CA GLU D 383 -49.67 8.44 18.27
C GLU D 383 -49.74 7.91 16.83
N ASN D 384 -48.84 8.40 15.99
CA ASN D 384 -48.81 7.98 14.59
C ASN D 384 -48.57 6.48 14.43
N SER D 385 -47.61 5.94 15.20
CA SER D 385 -47.26 4.54 15.19
C SER D 385 -48.48 3.69 15.54
N LYS D 386 -49.10 4.04 16.66
CA LYS D 386 -50.41 3.48 17.11
C LYS D 386 -51.46 3.47 15.99
N LYS D 387 -51.68 4.60 15.35
CA LYS D 387 -52.68 4.73 14.32
C LYS D 387 -52.28 3.94 13.08
N GLU D 388 -50.99 3.98 12.74
CA GLU D 388 -50.50 3.17 11.61
C GLU D 388 -50.65 1.66 11.82
N LEU D 389 -50.35 1.14 13.00
CA LEU D 389 -50.55 -0.29 13.21
C LEU D 389 -52.05 -0.63 13.16
N ALA D 390 -52.88 0.26 13.72
CA ALA D 390 -54.35 -0.02 13.73
C ALA D 390 -54.95 -0.15 12.33
N GLU D 391 -54.60 0.79 11.46
CA GLU D 391 -55.15 0.87 10.12
C GLU D 391 -54.43 -0.01 9.09
N ALA D 392 -53.30 -0.64 9.45
CA ALA D 392 -52.50 -1.41 8.46
C ALA D 392 -53.32 -2.48 7.79
N LYS D 393 -53.23 -2.54 6.48
CA LYS D 393 -53.99 -3.57 5.72
C LYS D 393 -53.08 -4.73 5.36
N GLU D 394 -53.68 -5.78 4.84
CA GLU D 394 -52.93 -6.95 4.37
C GLU D 394 -52.90 -7.01 2.85
N SER D 395 -51.81 -7.51 2.30
CA SER D 395 -51.75 -7.82 0.86
C SER D 395 -52.79 -8.93 0.62
N PRO D 396 -53.48 -8.95 -0.56
CA PRO D 396 -54.36 -10.12 -0.87
C PRO D 396 -53.56 -11.42 -0.96
N ALA D 397 -52.25 -11.31 -1.16
CA ALA D 397 -51.45 -12.48 -1.25
C ALA D 397 -50.69 -12.81 0.08
N LEU D 398 -50.97 -12.07 1.17
CA LEU D 398 -50.28 -12.40 2.47
C LEU D 398 -50.63 -13.80 2.93
N GLY D 399 -49.62 -14.61 3.21
CA GLY D 399 -49.88 -15.97 3.67
C GLY D 399 -50.00 -16.95 2.49
N PHE D 400 -49.80 -16.45 1.26
CA PHE D 400 -49.68 -17.44 0.18
C PHE D 400 -48.24 -17.79 0.04
N ILE D 401 -47.93 -19.02 0.39
CA ILE D 401 -46.56 -19.50 0.50
C ILE D 401 -46.48 -20.68 -0.41
N PHE D 402 -45.62 -20.54 -1.39
CA PHE D 402 -45.49 -21.55 -2.43
C PHE D 402 -44.96 -22.90 -1.91
N ASN D 403 -45.73 -23.97 -2.19
CA ASN D 403 -45.32 -25.35 -1.91
C ASN D 403 -44.41 -25.88 -3.01
N THR D 404 -43.17 -26.23 -2.65
CA THR D 404 -42.17 -26.61 -3.63
C THR D 404 -42.07 -28.14 -3.78
N ASP D 405 -42.96 -28.89 -3.12
CA ASP D 405 -42.96 -30.38 -3.06
C ASP D 405 -42.66 -31.03 -4.40
N ASN D 406 -43.35 -30.60 -5.43
CA ASN D 406 -43.23 -31.26 -6.75
C ASN D 406 -42.27 -30.55 -7.71
N VAL D 407 -41.59 -29.48 -7.25
CA VAL D 407 -40.69 -28.72 -8.14
C VAL D 407 -39.34 -28.44 -7.48
N LYS D 408 -38.83 -29.40 -6.70
CA LYS D 408 -37.59 -29.22 -5.92
C LYS D 408 -36.39 -28.93 -6.81
N SER D 409 -36.13 -29.78 -7.80
CA SER D 409 -34.98 -29.51 -8.65
C SER D 409 -35.16 -28.26 -9.51
N GLU D 410 -36.39 -27.94 -9.93
CA GLU D 410 -36.62 -26.79 -10.82
C GLU D 410 -36.39 -25.44 -10.09
N ILE D 411 -36.83 -25.38 -8.82
CA ILE D 411 -36.52 -24.25 -7.91
C ILE D 411 -35.03 -24.01 -7.80
N SER D 412 -34.26 -25.08 -7.54
CA SER D 412 -32.81 -24.99 -7.50
C SER D 412 -32.25 -24.52 -8.83
N ALA D 413 -32.81 -25.03 -9.93
CA ALA D 413 -32.35 -24.59 -11.26
C ALA D 413 -32.57 -23.10 -11.41
N ILE D 414 -33.78 -22.63 -11.16
CA ILE D 414 -34.14 -21.21 -11.34
C ILE D 414 -33.23 -20.35 -10.43
N ALA D 415 -33.04 -20.77 -9.17
CA ALA D 415 -32.15 -20.04 -8.26
C ALA D 415 -30.72 -19.95 -8.78
N ASN D 416 -30.21 -21.07 -9.30
CA ASN D 416 -28.85 -21.04 -9.83
C ASN D 416 -28.70 -20.03 -10.98
N THR D 417 -29.70 -19.94 -11.84
CA THR D 417 -29.65 -19.02 -12.97
C THR D 417 -29.81 -17.60 -12.45
N MET D 418 -30.74 -17.42 -11.49
CA MET D 418 -30.91 -16.08 -10.90
C MET D 418 -29.59 -15.54 -10.35
N GLN D 419 -28.82 -16.42 -9.69
CA GLN D 419 -27.58 -16.03 -9.01
C GLN D 419 -26.49 -15.67 -10.01
N GLN D 420 -26.66 -16.08 -11.27
CA GLN D 420 -25.71 -15.72 -12.35
C GLN D 420 -25.88 -14.27 -12.82
N PHE D 421 -27.09 -13.77 -12.70
CA PHE D 421 -27.46 -12.54 -13.33
C PHE D 421 -27.97 -11.49 -12.36
N ASP D 422 -28.38 -11.91 -11.14
CA ASP D 422 -29.28 -11.11 -10.27
C ASP D 422 -28.53 -9.83 -9.89
N THR D 423 -27.28 -9.98 -9.47
CA THR D 423 -26.55 -8.82 -9.02
C THR D 423 -26.30 -7.71 -10.05
N ALA D 424 -25.86 -8.08 -11.26
CA ALA D 424 -25.56 -7.05 -12.27
C ALA D 424 -26.81 -6.27 -12.64
N ILE D 425 -27.96 -6.96 -12.67
CA ILE D 425 -29.21 -6.31 -13.02
C ILE D 425 -29.73 -5.44 -11.91
N ASN D 426 -29.78 -6.00 -10.69
CA ASN D 426 -30.49 -5.34 -9.61
C ASN D 426 -29.75 -4.11 -9.12
N THR D 427 -28.44 -4.08 -9.35
CA THR D 427 -27.63 -2.92 -8.99
C THR D 427 -27.54 -1.83 -10.11
N GLY D 428 -28.06 -2.16 -11.31
CA GLY D 428 -27.91 -1.21 -12.42
C GLY D 428 -26.55 -1.26 -13.10
N THR D 429 -25.70 -2.23 -12.74
CA THR D 429 -24.38 -2.34 -13.29
C THR D 429 -24.49 -2.62 -14.79
N VAL D 430 -25.40 -3.51 -15.16
CA VAL D 430 -25.59 -3.88 -16.60
C VAL D 430 -26.87 -3.28 -17.14
N ASP D 431 -26.89 -2.85 -18.44
CA ASP D 431 -28.14 -2.23 -19.01
C ASP D 431 -29.22 -3.33 -18.95
N PRO D 432 -30.37 -3.03 -18.32
CA PRO D 432 -31.43 -4.05 -18.25
C PRO D 432 -31.94 -4.42 -19.69
N ASP D 433 -31.85 -3.50 -20.62
CA ASP D 433 -32.25 -3.80 -22.03
C ASP D 433 -31.49 -4.96 -22.63
N LYS D 434 -30.25 -5.15 -22.23
CA LYS D 434 -29.45 -6.31 -22.66
C LYS D 434 -29.62 -7.51 -21.71
N ALA D 435 -29.47 -7.24 -20.42
CA ALA D 435 -29.43 -8.31 -19.39
C ALA D 435 -30.73 -9.06 -19.14
N ILE D 436 -31.86 -8.40 -19.17
CA ILE D 436 -33.16 -9.07 -18.89
C ILE D 436 -33.45 -10.07 -20.01
N PRO D 437 -33.45 -9.62 -21.30
CA PRO D 437 -33.68 -10.66 -22.31
C PRO D 437 -32.73 -11.85 -22.17
N GLU D 438 -31.43 -11.64 -21.90
CA GLU D 438 -30.54 -12.75 -21.68
C GLU D 438 -30.96 -13.64 -20.48
N LEU D 439 -31.36 -13.02 -19.37
CA LEU D 439 -31.81 -13.85 -18.24
C LEU D 439 -33.08 -14.66 -18.61
N MET D 440 -34.04 -14.02 -19.25
CA MET D 440 -35.29 -14.68 -19.65
C MET D 440 -35.09 -15.78 -20.65
N GLU D 441 -34.17 -15.53 -21.61
CA GLU D 441 -33.64 -16.54 -22.53
C GLU D 441 -33.08 -17.75 -21.77
N LYS D 442 -32.24 -17.52 -20.77
CA LYS D 442 -31.65 -18.63 -20.00
C LYS D 442 -32.69 -19.34 -19.14
N LEU D 443 -33.60 -18.61 -18.50
CA LEU D 443 -34.68 -19.26 -17.76
C LEU D 443 -35.60 -20.10 -18.68
N LYS D 444 -36.05 -19.52 -19.80
CA LYS D 444 -37.04 -20.21 -20.67
C LYS D 444 -36.48 -21.44 -21.40
N SER D 445 -35.18 -21.50 -21.58
CA SER D 445 -34.59 -22.58 -22.34
C SER D 445 -34.63 -23.94 -21.61
N GLU D 446 -34.80 -23.97 -20.28
CA GLU D 446 -34.68 -25.26 -19.56
C GLU D 446 -36.00 -25.83 -19.04
N GLY D 447 -37.12 -25.16 -19.30
CA GLY D 447 -38.42 -25.71 -18.87
C GLY D 447 -38.72 -25.57 -17.38
N ALA D 448 -37.66 -25.46 -16.57
CA ALA D 448 -37.81 -25.30 -15.10
C ALA D 448 -38.62 -24.06 -14.77
N TYR D 449 -38.21 -22.93 -15.33
CA TYR D 449 -39.02 -21.72 -15.17
C TYR D 449 -40.53 -21.85 -15.43
N GLU D 450 -40.90 -22.33 -16.61
CA GLU D 450 -42.33 -22.38 -16.93
C GLU D 450 -43.08 -23.35 -16.01
N LYS D 451 -42.37 -24.38 -15.56
CA LYS D 451 -43.01 -25.40 -14.75
C LYS D 451 -43.37 -24.84 -13.37
N VAL D 452 -42.48 -23.98 -12.87
CA VAL D 452 -42.65 -23.40 -11.55
C VAL D 452 -43.68 -22.29 -11.65
N LEU D 453 -43.57 -21.46 -12.71
CA LEU D 453 -44.54 -20.38 -12.91
C LEU D 453 -45.95 -21.03 -12.90
N ASN D 454 -46.18 -22.07 -13.73
CA ASN D 454 -47.53 -22.66 -13.83
C ASN D 454 -48.07 -23.24 -12.55
N GLU D 455 -47.20 -23.93 -11.86
CA GLU D 455 -47.52 -24.54 -10.61
C GLU D 455 -47.90 -23.46 -9.56
N MET D 456 -47.15 -22.35 -9.57
CA MET D 456 -47.42 -21.28 -8.62
C MET D 456 -48.75 -20.62 -8.88
N GLN D 457 -49.13 -20.50 -10.15
CA GLN D 457 -50.43 -19.86 -10.48
C GLN D 457 -51.56 -20.80 -10.04
N LYS D 458 -51.35 -22.10 -10.25
CA LYS D 458 -52.32 -23.13 -9.90
C LYS D 458 -52.56 -23.15 -8.38
N GLN D 459 -51.47 -23.09 -7.59
CA GLN D 459 -51.59 -22.97 -6.14
C GLN D 459 -52.22 -21.71 -5.69
N TYR D 460 -51.90 -20.62 -6.38
CA TYR D 460 -52.43 -19.32 -6.00
C TYR D 460 -53.95 -19.28 -6.24
N ASP D 461 -54.39 -19.85 -7.37
CA ASP D 461 -55.82 -20.02 -7.60
C ASP D 461 -56.51 -20.74 -6.43
N GLU D 462 -55.86 -21.79 -5.96
CA GLU D 462 -56.39 -22.64 -4.94
C GLU D 462 -56.46 -21.89 -3.58
N PHE D 463 -55.37 -21.19 -3.30
CA PHE D 463 -55.27 -20.33 -2.12
C PHE D 463 -56.43 -19.36 -2.02
N LEU D 464 -56.71 -18.63 -3.10
CA LEU D 464 -57.78 -17.69 -3.10
C LEU D 464 -59.16 -18.38 -3.05
N LYS D 465 -59.25 -19.54 -3.67
CA LYS D 465 -60.54 -20.24 -3.74
C LYS D 465 -60.94 -20.68 -2.33
N ASN D 466 -59.95 -21.17 -1.59
CA ASN D 466 -60.14 -21.70 -0.24
C ASN D 466 -60.47 -20.65 0.79
N LYS D 467 -60.12 -19.40 0.49
CA LYS D 467 -60.47 -18.29 1.34
C LYS D 467 -61.85 -17.71 1.05
N LYS D 468 -62.40 -18.05 -0.11
CA LYS D 468 -63.72 -17.60 -0.49
C LYS D 468 -64.85 -18.50 0.06
N LEU D 469 -65.74 -17.93 0.85
CA LEU D 469 -66.82 -18.69 1.51
C LEU D 469 -67.75 -19.34 0.49
N GLU D 470 -68.00 -20.64 0.66
CA GLU D 470 -69.02 -21.46 -0.06
C GLU D 470 -68.43 -22.41 -1.14
#